data_7JPW
#
_entry.id   7JPW
#
_cell.length_a   1.00
_cell.length_b   1.00
_cell.length_c   1.00
_cell.angle_alpha   90.00
_cell.angle_beta   90.00
_cell.angle_gamma   90.00
#
_symmetry.space_group_name_H-M   'P 1'
#
loop_
_entity.id
_entity.type
_entity.pdbx_description
1 polymer 'Voltage-dependent L-type calcium channel subunit alpha-1S'
2 polymer 'Voltage-dependent calcium channel gamma-1 subunit'
3 polymer 'Voltage-dependent calcium channel subunit alpha-2/delta-1'
4 non-polymer 'CALCIUM ION'
5 non-polymer 1,2-Distearoyl-sn-glycerophosphoethanolamine
6 non-polymer 1,2-DIACYL-SN-GLYCERO-3-PHOSPHOCHOLINE
7 non-polymer 'methyl (4~{R})-2,6-dimethyl-5-nitro-4-[2-(trifluoromethyl)phenyl]-1,4-dihydropyridine-3-carboxylate'
#
loop_
_entity_poly.entity_id
_entity_poly.type
_entity_poly.pdbx_seq_one_letter_code
_entity_poly.pdbx_strand_id
1 'polypeptide(L)'
;MEPSSPQDEGLRKKQPKKPLPEVLPRPPRALFCLTLQNPLRKACISIVEWKPFETIILLTIFANCVALAVYLPMPEDDNN
SLNLGLEKLEYFFLTVFSIEAAMKIIAYGFLFHQDAYLRSGWNVLDFIIVFLGVFTAILEQVNVIQSNTAPMSSKGAGLD
VKALRAFRVLRPLRLVSGVPSLQVVLNSIFKAMLPLFHIALLVLFMVIIYAIIGLELFKGKMHKTCYYIGTDIVATVENE
KPSPCARTGSGRPCTINGSECRGGWPGPNHGITHFDNFGFSMLTVYQCITMEGWTDVLYWVNDAIGNEWPWIYFVTLILL
GSFFILNLVLGVLSGEFTKEREKAKSRGTFQKLREKQQLEEDLRGYMSWITQGEVMDVEDLREGKLSLEEGGSDTESLYE
IEGLNKIIQFIRHWRQWNRVFRWKCHDLVKSRVFYWLVILIVALNTLSIASEHHNQPLWLTHLQDIANRVLLSLFTIEML
LKMYGLGLRQYFMSIFNRFDCFVVCSGILELLLVESGAMTPLGISVLRCIRLLRLFKITKYWTSLSNLVASLLNSIRSIA
SLLLLLFLFIIIFALLGMQLFGGRYDFEDTEVRRSNFDNFPQALISVFQVLTGEDWNSVMYNGIMAYGGPSYPGVLVCIY
FIILFVCGNYILLNVFLAIAVDNLAEAESLTSAQKAKAEERKRRKMSRGLPDKTEEEKSVMAKKLEQKPKGEGIPTTAKL
KVDEFESNVNEVKDPYPSADFPGDDEEDEPEIPVSPRPRPLAELQLKEKAVPIPEASSFFIFSPTNKVRVLCHRIVNATW
FTNFILLFILLSSAALAAEDPIRAESVRNQILGYFDIAFTSVFTVEIVLKMTTYGAFLHKGSFCRNYFNILDLLVVAVSL
ISMGLESSTISVVKILRVLRVLRPLRAINRAKGLKHVVQCVFVAIRTIGNIVLVTTLLQFMFACIGVQLFKGKFFSCNDL
SKMTEEECRGYYYVYKDGDPTQMELRPRQWIHNDFHFDNVLSAMMSLFTVSTFEGWPQLLYRAIDSNEEDMGPVYNNRVE
MAIFFIIYIILIAFFMMNIFVGFVIVTFQEQGETEYKNCELDKNQRQCVQYALKARPLRCYIPKNPYQYQVWYVVTSSYF
EYLMFALIMLNTICLGMQHYHQSEEMNHISDILNVAFTIIFTLEMILKLLAFKARGYFGDPWNVFDFLIVIGSIIDVILS
EIDTFLASSGGLYCLGGGCGNVDPDESARISSAFFRLFRVMRLIKLLSRAEGVRTLLWTFIKSFQALPYVALLIVMLFFI
YAVIGMQMFGKIALVDGTQINRNNNFQTFPQAVLLLFRCATGEAWQEILLACSYGKLCDPESDYAPGEEYTCGTNFAYYY
FISFYMLCAFLIINLFVAVIMDNFDYLTRDWSILGPHHLDEFKAIWAEYDPEAKGRIKHLDVVTLLRRIQPPLGFGKFCP
HRVACKRLVGMNMPLNSDGTVTFNATLFALVRTALKIKTEGNFEQANEELRAIIKKIWKRTSMKLLDQVIPPIGDDEVTV
GKFYATFLIQEHFRKFMKRQEEYYGYRPKKDTVQIQAGLRTIEEEAAPEIRRTISGDLTAEEELERAMVEAAMEERIFRR
TGGLFGQVDTFLERTNSLPPVMANQRPLQFAEIEMEELESPVFLEDFPQDARTNPLARANTNNANANVAYGNSNHSNNQM
FSSVHCEREFPGEAETPAAGRGALSHSHRALGPHSKPCAGKLNGQLVQPGMPINQAPPAPCQQPSTDPPERGQRRTSLTG
SLQDEAPQRRSSEGSTPRRPAPATALLIQEALVRGGLDTLAADAGFVTATSQALADACQMEPEEVEVAATELLKARESVQ
GMASVPGSLSRRSSLGSLDQVQGSQETLIPPRP
;
A
2 'polypeptide(L)'
;MSPTEAPKVRVTLFCILVGIVLAMTAVVSDHWAVLSPHMENHNTTCEAAHFGLWRICTKRIALGEDRSCGPITLPGEKNC
SYFRHFNPGESSEIFEFTTQKEYSISAAAISVFSLGFLIMGTICALMAFRKKRDYLLRPASMFYVFAGLCLFVSLEVMRQ
SVKRMIDSEDTVWIEYYYSWSFACACAAFVLLFLGGISLLLFSLPRMPQNPWESCMDAEPEH
;
E
3 'polypeptide(L)'
;MAAGRPLAWTLTLWQAWLILIGPSSEEPFPSAVTIKSWVDKMQEDLVTLAKTASGVHQLVDIYEKYQDLYTVEPNNARQL
VEIAARDIEKLLSNRSKALVRLALEAEKVQAAHQWREDFASNEVVYYNAKDDLDPEKNDSEPGSQRIKPVFIDDANFRRQ
VSYQHAAVHIPTDIYEGSTIVLNELNWTSALDDVFKKNREEDPSLLWQVFGSATGLARYYPASPWVDNSRTPNKIDLYDV
RRRPWYIQGAASPKDMLILVDVSGSVSGLTLKLIRTSVSEMLETLSDDDFVNVASFNSNAQDVSCFQHLVQANVRNKKVL
KDAVNNITAKGITDYKKGFSFAFEQLLNYNVSRANCNKIIMLFTDGGEERAQEIFAKYNKDKKVRVFTFSVGQHNYDRGP
IQWMACENKGYYYEIPSIGAIRINTQEYLDVLGRPMVLAGDKAKQVQWTNVYLDALELGLVITGTLPVFNITGQFENKTN
LKNQLILGVMGVDVSLEDIKRLTPRFTLCPNGYYFAIDPNGYVLLHPNLQPKPIGVGIPTINLRKRRPNVQNPKSQEPVT
LDFLDAELENDIKVEIRNKMIDGESGEKTFRTLVKSQDERYIDKGNRTYTWTPVNGTDYSLALVLPTYSFYYIKAKIEET
ITQARYSETLKPDNFEESGYTFLAPRDYCSDLKPSDNNTEFLLNFNEFIDRKTPNNPSCNTDLINRVLLDAGFTNELVQN
YWSKQKNIKGVKARFVVTDGGITRVYPKEAGENWQENPETYEDSFYKRSLDNDNYVFTAPYFNKSGPGAYESGIMVSKAV
EIYIQGKLLKPAVVGIKIDVNSWIENFTKTSIRDPCAGPVCDCKRNSDVMDCVILDDGGFLLMANHDDYTNQIGRFFGEI
DPSLMRHLVNISVYAFNKSYDYQSVCEPGAAPKQGAGHRSAYVPSIADILQIGWWATAAAWSILQQFLLSLTFPRLLEAA
DMEDDDFTASMSKQSCITEQTQYFFDNDSKSFSGVLDCGNCSRIFHVEKLMNTNLIFIMVESKGTCPCDTRLLIQAEQTS
DGPDPCDMVKQPRYRKGPDVCFDNNVLEDYTDCGGVSGLNPSLWSIIGIQFVLLWLVSGSRHCLL
;
F
#
# COMPACT_ATOMS: atom_id res chain seq x y z
N GLN A 37 17.41 15.05 -65.74
CA GLN A 37 18.65 14.30 -65.95
C GLN A 37 18.61 13.53 -67.26
N ASN A 38 18.10 12.31 -67.20
CA ASN A 38 18.07 11.42 -68.34
C ASN A 38 16.93 11.81 -69.27
N PRO A 39 16.84 11.17 -70.46
CA PRO A 39 15.69 11.43 -71.34
C PRO A 39 14.41 10.77 -70.87
N LEU A 40 13.39 10.84 -71.72
CA LEU A 40 12.06 10.29 -71.42
C LEU A 40 12.03 8.78 -71.74
N ARG A 41 13.00 8.06 -71.18
CA ARG A 41 13.11 6.62 -71.38
C ARG A 41 12.29 5.82 -70.38
N LYS A 42 12.39 6.15 -69.10
CA LYS A 42 11.59 5.56 -68.04
C LYS A 42 10.51 6.50 -67.54
N ALA A 43 10.70 7.81 -67.68
CA ALA A 43 9.83 8.81 -67.06
C ALA A 43 8.52 8.88 -67.85
N CYS A 44 7.84 7.74 -67.87
CA CYS A 44 6.48 7.65 -68.38
C CYS A 44 5.47 7.54 -67.24
N ILE A 45 5.86 7.98 -66.04
CA ILE A 45 4.97 8.00 -64.88
C ILE A 45 4.76 9.40 -64.33
N SER A 46 5.67 10.34 -64.57
CA SER A 46 5.44 11.74 -64.25
C SER A 46 4.22 12.31 -64.95
N ILE A 47 3.58 11.53 -65.82
CA ILE A 47 2.39 12.00 -66.52
C ILE A 47 1.24 12.20 -65.54
N VAL A 48 1.12 11.31 -64.56
CA VAL A 48 0.01 11.31 -63.63
C VAL A 48 0.32 12.11 -62.37
N GLU A 49 1.60 12.42 -62.15
CA GLU A 49 2.03 13.02 -60.89
C GLU A 49 1.24 14.28 -60.55
N TRP A 50 0.64 14.91 -61.54
CA TRP A 50 -0.08 16.15 -61.30
C TRP A 50 -1.59 15.97 -61.41
N LYS A 51 -2.05 14.74 -61.51
CA LYS A 51 -3.48 14.44 -61.47
C LYS A 51 -4.00 14.74 -60.08
N PRO A 52 -5.31 14.54 -59.81
CA PRO A 52 -5.75 14.59 -58.42
C PRO A 52 -5.20 13.43 -57.60
N PHE A 53 -3.88 13.37 -57.50
CA PHE A 53 -3.20 12.54 -56.51
C PHE A 53 -3.12 13.20 -55.15
N GLU A 54 -3.51 14.47 -55.03
CA GLU A 54 -3.65 15.05 -53.70
C GLU A 54 -4.58 14.22 -52.85
N THR A 55 -5.81 14.02 -53.33
CA THR A 55 -6.79 13.28 -52.55
C THR A 55 -6.39 11.82 -52.37
N ILE A 56 -5.79 11.20 -53.38
CA ILE A 56 -5.50 9.77 -53.27
C ILE A 56 -4.44 9.48 -52.22
N ILE A 57 -3.54 10.42 -51.94
CA ILE A 57 -2.52 10.18 -50.93
C ILE A 57 -2.93 10.77 -49.59
N LEU A 58 -3.67 11.88 -49.61
CA LEU A 58 -4.20 12.40 -48.36
C LEU A 58 -5.14 11.40 -47.72
N LEU A 59 -6.06 10.81 -48.48
CA LEU A 59 -6.97 9.84 -47.89
C LEU A 59 -6.26 8.56 -47.51
N THR A 60 -5.21 8.21 -48.22
CA THR A 60 -4.48 7.01 -47.85
C THR A 60 -3.76 7.21 -46.53
N ILE A 61 -3.12 8.35 -46.33
CA ILE A 61 -2.53 8.64 -45.03
C ILE A 61 -3.59 8.76 -43.94
N PHE A 62 -4.72 9.35 -44.23
CA PHE A 62 -5.77 9.45 -43.23
C PHE A 62 -6.27 8.07 -42.80
N ALA A 63 -6.48 7.17 -43.75
CA ALA A 63 -6.85 5.81 -43.39
C ALA A 63 -5.73 5.09 -42.66
N ASN A 64 -4.47 5.40 -42.98
CA ASN A 64 -3.40 4.81 -42.19
C ASN A 64 -3.46 5.26 -40.75
N CYS A 65 -3.72 6.54 -40.51
CA CYS A 65 -3.88 7.04 -39.14
C CYS A 65 -5.01 6.35 -38.43
N VAL A 66 -6.19 6.27 -39.06
CA VAL A 66 -7.32 5.59 -38.45
C VAL A 66 -7.02 4.13 -38.16
N ALA A 67 -6.28 3.45 -39.03
CA ALA A 67 -5.90 2.07 -38.76
C ALA A 67 -4.86 1.97 -37.68
N LEU A 68 -4.09 3.01 -37.45
CA LEU A 68 -3.17 3.07 -36.33
C LEU A 68 -3.87 3.30 -35.01
N ALA A 69 -5.01 3.99 -35.04
CA ALA A 69 -5.73 4.33 -33.82
C ALA A 69 -6.67 3.24 -33.35
N VAL A 70 -7.16 2.39 -34.24
CA VAL A 70 -8.04 1.30 -33.82
C VAL A 70 -7.25 0.11 -33.31
N TYR A 71 -5.95 0.09 -33.52
CA TYR A 71 -5.12 -0.94 -32.93
C TYR A 71 -5.27 -0.89 -31.42
N LEU A 72 -5.21 -2.05 -30.78
CA LEU A 72 -5.45 -2.10 -29.36
C LEU A 72 -4.30 -2.83 -28.69
N PRO A 73 -3.48 -2.16 -27.88
CA PRO A 73 -2.25 -2.78 -27.41
C PRO A 73 -2.51 -3.68 -26.21
N MET A 74 -2.14 -4.92 -26.34
CA MET A 74 -2.40 -5.92 -25.35
C MET A 74 -1.13 -6.26 -24.60
N PRO A 75 -1.23 -6.60 -23.32
CA PRO A 75 -0.02 -6.84 -22.52
C PRO A 75 0.62 -8.17 -22.84
N GLU A 76 1.86 -8.30 -22.37
CA GLU A 76 2.57 -9.55 -22.26
C GLU A 76 2.45 -10.42 -23.50
N ASP A 77 2.25 -9.76 -24.63
CA ASP A 77 2.14 -10.41 -25.93
C ASP A 77 0.93 -11.32 -26.01
N ASP A 78 -0.24 -10.74 -25.81
CA ASP A 78 -1.48 -11.34 -26.22
C ASP A 78 -1.83 -10.76 -27.57
N ASN A 79 -3.01 -11.08 -28.08
CA ASN A 79 -3.49 -10.47 -29.30
C ASN A 79 -4.97 -10.75 -29.43
N ASN A 80 -5.59 -10.14 -30.42
CA ASN A 80 -6.95 -10.49 -30.77
C ASN A 80 -7.05 -10.50 -32.28
N SER A 81 -8.20 -10.92 -32.79
CA SER A 81 -8.34 -11.12 -34.22
C SER A 81 -8.13 -9.81 -34.97
N LEU A 82 -8.65 -8.72 -34.42
CA LEU A 82 -8.62 -7.44 -35.12
C LEU A 82 -7.20 -6.97 -35.34
N ASN A 83 -6.39 -6.97 -34.29
CA ASN A 83 -4.99 -6.58 -34.44
C ASN A 83 -4.29 -7.41 -35.49
N LEU A 84 -4.57 -8.71 -35.54
CA LEU A 84 -3.94 -9.55 -36.56
C LEU A 84 -4.42 -9.21 -37.95
N GLY A 85 -5.53 -8.48 -38.06
CA GLY A 85 -5.96 -8.02 -39.36
C GLY A 85 -5.32 -6.73 -39.77
N LEU A 86 -5.17 -5.80 -38.84
CA LEU A 86 -4.56 -4.51 -39.15
C LEU A 86 -3.07 -4.63 -39.45
N GLU A 87 -2.49 -5.81 -39.27
CA GLU A 87 -1.14 -6.02 -39.79
C GLU A 87 -1.18 -6.53 -41.22
N LYS A 88 -2.12 -7.41 -41.54
CA LYS A 88 -2.37 -7.79 -42.93
C LYS A 88 -2.91 -6.62 -43.73
N LEU A 89 -3.05 -5.45 -43.12
CA LEU A 89 -3.38 -4.22 -43.80
C LEU A 89 -2.19 -3.28 -43.86
N GLU A 90 -1.07 -3.63 -43.24
CA GLU A 90 0.08 -2.76 -43.28
C GLU A 90 0.89 -2.95 -44.55
N TYR A 91 0.84 -4.14 -45.15
CA TYR A 91 1.49 -4.31 -46.43
C TYR A 91 0.72 -3.64 -47.54
N PHE A 92 -0.53 -3.25 -47.29
CA PHE A 92 -1.28 -2.47 -48.27
C PHE A 92 -1.01 -0.98 -48.15
N PHE A 93 -0.67 -0.50 -46.95
CA PHE A 93 -0.30 0.89 -46.76
C PHE A 93 1.19 1.12 -46.89
N LEU A 94 1.99 0.06 -46.84
CA LEU A 94 3.42 0.17 -47.05
C LEU A 94 3.80 -0.16 -48.48
N THR A 95 2.84 -0.56 -49.29
CA THR A 95 3.03 -0.66 -50.72
C THR A 95 2.68 0.62 -51.44
N VAL A 96 1.51 1.19 -51.16
CA VAL A 96 1.13 2.44 -51.81
C VAL A 96 2.16 3.52 -51.53
N PHE A 97 2.64 3.61 -50.31
CA PHE A 97 3.63 4.63 -49.98
C PHE A 97 5.02 4.28 -50.48
N SER A 98 5.23 3.10 -51.02
CA SER A 98 6.49 2.77 -51.67
C SER A 98 6.43 2.93 -53.17
N ILE A 99 5.31 2.60 -53.80
CA ILE A 99 5.21 2.86 -55.24
C ILE A 99 4.94 4.32 -55.53
N GLU A 100 4.30 5.06 -54.62
CA GLU A 100 4.22 6.50 -54.80
C GLU A 100 5.52 7.19 -54.45
N ALA A 101 6.53 6.44 -54.06
CA ALA A 101 7.87 6.96 -53.95
C ALA A 101 8.75 6.54 -55.10
N ALA A 102 8.61 5.30 -55.59
CA ALA A 102 9.32 4.88 -56.79
C ALA A 102 8.70 5.44 -58.05
N MET A 103 7.56 6.11 -57.93
CA MET A 103 7.00 6.88 -59.02
C MET A 103 7.55 8.30 -59.09
N LYS A 104 8.04 8.83 -57.97
CA LYS A 104 8.67 10.15 -57.97
C LYS A 104 10.18 10.10 -58.00
N ILE A 105 10.80 8.97 -57.63
CA ILE A 105 12.25 8.92 -57.66
C ILE A 105 12.76 8.63 -59.06
N ILE A 106 11.90 8.13 -59.95
CA ILE A 106 12.23 7.96 -61.36
C ILE A 106 11.62 9.06 -62.22
N ALA A 107 10.88 9.99 -61.64
CA ALA A 107 10.37 11.15 -62.36
C ALA A 107 11.09 12.43 -62.01
N TYR A 108 12.19 12.36 -61.27
CA TYR A 108 13.05 13.50 -61.03
C TYR A 108 14.49 12.99 -60.91
N GLY A 109 15.24 13.12 -61.98
CA GLY A 109 16.66 12.85 -61.99
C GLY A 109 16.99 11.38 -61.74
N PHE A 110 18.30 11.12 -61.66
CA PHE A 110 18.74 9.78 -61.28
C PHE A 110 18.23 9.43 -59.89
N LEU A 111 18.53 10.29 -58.90
CA LEU A 111 17.77 10.31 -57.66
C LEU A 111 17.14 11.69 -57.52
N PHE A 112 17.99 12.71 -57.58
CA PHE A 112 17.61 14.12 -57.54
C PHE A 112 18.27 14.92 -58.65
N HIS A 113 19.51 14.57 -59.02
CA HIS A 113 20.27 15.09 -60.15
C HIS A 113 20.73 16.53 -59.94
N GLN A 114 20.17 17.19 -58.92
CA GLN A 114 20.61 18.53 -58.55
C GLN A 114 20.57 18.71 -57.03
N ASP A 115 20.51 17.62 -56.27
CA ASP A 115 20.02 17.65 -54.90
C ASP A 115 18.64 18.32 -54.85
N ALA A 116 17.70 17.76 -55.60
CA ALA A 116 16.32 18.24 -55.63
C ALA A 116 15.41 17.46 -54.69
N TYR A 117 15.26 16.16 -54.94
CA TYR A 117 14.23 15.40 -54.23
C TYR A 117 14.60 15.24 -52.77
N LEU A 118 15.68 14.52 -52.49
CA LEU A 118 16.03 14.30 -51.10
C LEU A 118 16.45 15.60 -50.42
N ARG A 119 16.88 16.60 -51.19
CA ARG A 119 17.02 17.95 -50.67
C ARG A 119 15.84 18.78 -51.16
N SER A 120 14.66 18.50 -50.59
CA SER A 120 13.45 19.26 -50.90
C SER A 120 12.67 19.66 -49.67
N GLY A 121 13.25 19.51 -48.49
CA GLY A 121 12.57 19.86 -47.27
C GLY A 121 11.70 18.73 -46.75
N TRP A 122 10.54 18.52 -47.34
CA TRP A 122 9.61 17.56 -46.78
C TRP A 122 9.65 16.22 -47.48
N ASN A 123 9.93 16.19 -48.78
CA ASN A 123 9.92 14.94 -49.52
C ASN A 123 10.97 13.97 -48.99
N VAL A 124 11.96 14.45 -48.25
CA VAL A 124 12.92 13.55 -47.64
C VAL A 124 12.35 12.94 -46.37
N LEU A 125 11.48 13.66 -45.67
CA LEU A 125 10.80 13.10 -44.50
C LEU A 125 9.89 11.94 -44.89
N ASP A 126 9.08 12.12 -45.94
CA ASP A 126 8.30 11.01 -46.46
C ASP A 126 9.18 9.84 -46.83
N PHE A 127 10.32 10.11 -47.46
CA PHE A 127 11.21 9.03 -47.85
C PHE A 127 11.75 8.30 -46.64
N ILE A 128 12.05 9.02 -45.57
CA ILE A 128 12.56 8.35 -44.37
C ILE A 128 11.47 7.50 -43.75
N ILE A 129 10.22 7.98 -43.82
CA ILE A 129 9.11 7.18 -43.32
C ILE A 129 8.99 5.87 -44.10
N VAL A 130 9.00 5.96 -45.44
CA VAL A 130 8.93 4.74 -46.25
C VAL A 130 10.20 3.92 -46.17
N PHE A 131 11.30 4.50 -45.72
CA PHE A 131 12.51 3.74 -45.52
C PHE A 131 12.42 2.88 -44.26
N LEU A 132 12.15 3.50 -43.12
CA LEU A 132 11.95 2.74 -41.89
C LEU A 132 10.78 1.78 -41.98
N GLY A 133 9.73 2.12 -42.72
CA GLY A 133 8.61 1.22 -42.85
C GLY A 133 9.02 -0.13 -43.39
N VAL A 134 9.53 -0.13 -44.62
CA VAL A 134 9.90 -1.39 -45.24
C VAL A 134 11.10 -2.03 -44.55
N PHE A 135 12.04 -1.21 -44.06
CA PHE A 135 13.16 -1.76 -43.30
C PHE A 135 12.68 -2.58 -42.12
N THR A 136 11.74 -2.04 -41.35
CA THR A 136 11.32 -2.70 -40.13
C THR A 136 10.36 -3.86 -40.43
N ALA A 137 9.49 -3.69 -41.41
CA ALA A 137 8.59 -4.78 -41.79
C ALA A 137 9.32 -5.93 -42.47
N ILE A 138 10.55 -5.68 -42.95
CA ILE A 138 11.38 -6.78 -43.43
C ILE A 138 12.24 -7.38 -42.34
N LEU A 139 12.86 -6.55 -41.50
CA LEU A 139 13.62 -7.07 -40.38
C LEU A 139 12.76 -7.91 -39.45
N GLU A 140 11.46 -7.66 -39.41
CA GLU A 140 10.61 -8.50 -38.56
C GLU A 140 10.40 -9.88 -39.17
N GLN A 141 10.41 -9.99 -40.50
CA GLN A 141 10.20 -11.27 -41.16
C GLN A 141 11.49 -12.07 -41.32
N VAL A 142 12.54 -11.68 -40.59
CA VAL A 142 13.83 -12.34 -40.66
C VAL A 142 14.03 -13.29 -39.48
N ASN A 143 13.76 -12.81 -38.28
CA ASN A 143 13.81 -13.63 -37.07
C ASN A 143 12.45 -14.17 -36.69
N VAL A 144 11.62 -14.49 -37.68
CA VAL A 144 10.40 -15.24 -37.43
C VAL A 144 10.75 -16.66 -37.03
N VAL A 161 12.65 -5.84 -33.46
CA VAL A 161 11.59 -6.35 -32.60
C VAL A 161 10.40 -5.41 -32.62
N LYS A 162 9.59 -5.49 -31.56
CA LYS A 162 8.37 -4.70 -31.47
C LYS A 162 8.65 -3.22 -31.23
N ALA A 163 9.78 -2.88 -30.62
CA ALA A 163 10.14 -1.49 -30.47
C ALA A 163 10.33 -0.80 -31.81
N LEU A 164 10.57 -1.55 -32.87
CA LEU A 164 10.76 -0.97 -34.19
C LEU A 164 9.47 -0.49 -34.80
N ARG A 165 8.35 -0.93 -34.26
CA ARG A 165 7.01 -0.53 -34.65
C ARG A 165 6.66 0.87 -34.17
N ALA A 166 7.54 1.48 -33.39
CA ALA A 166 7.26 2.79 -32.81
C ALA A 166 7.62 3.93 -33.73
N PHE A 167 8.37 3.69 -34.79
CA PHE A 167 8.59 4.70 -35.81
C PHE A 167 7.44 4.75 -36.79
N ARG A 168 6.44 3.91 -36.58
CA ARG A 168 5.23 3.88 -37.38
C ARG A 168 4.31 5.04 -37.06
N VAL A 169 4.59 5.76 -35.97
CA VAL A 169 3.71 6.84 -35.53
C VAL A 169 4.08 8.17 -36.14
N LEU A 170 5.03 8.19 -37.06
CA LEU A 170 5.36 9.39 -37.81
C LEU A 170 4.49 9.57 -39.05
N ARG A 171 3.88 8.50 -39.52
CA ARG A 171 3.07 8.54 -40.72
C ARG A 171 1.99 9.62 -40.67
N PRO A 172 1.45 10.00 -39.51
CA PRO A 172 0.59 11.18 -39.46
C PRO A 172 1.27 12.48 -39.85
N LEU A 173 2.60 12.56 -39.82
CA LEU A 173 3.28 13.78 -40.19
C LEU A 173 3.18 14.07 -41.67
N ARG A 174 3.07 13.04 -42.51
CA ARG A 174 2.89 13.24 -43.93
C ARG A 174 1.60 13.98 -44.26
N LEU A 175 0.76 14.23 -43.28
CA LEU A 175 -0.36 15.14 -43.48
C LEU A 175 0.10 16.57 -43.51
N VAL A 176 1.08 16.92 -42.69
CA VAL A 176 1.59 18.28 -42.71
C VAL A 176 2.34 18.56 -44.00
N SER A 177 2.97 17.54 -44.59
CA SER A 177 3.51 17.73 -45.92
C SER A 177 2.41 17.72 -46.96
N GLY A 178 1.27 17.11 -46.63
CA GLY A 178 0.17 17.01 -47.56
C GLY A 178 -0.35 18.37 -47.97
N VAL A 179 -0.88 19.13 -47.03
CA VAL A 179 -1.44 20.44 -47.36
C VAL A 179 -0.30 21.44 -47.34
N PRO A 180 -0.40 22.57 -48.03
CA PRO A 180 0.67 23.57 -47.95
C PRO A 180 0.50 24.54 -46.82
N SER A 181 -0.75 24.80 -46.43
CA SER A 181 -1.02 25.77 -45.38
C SER A 181 -0.35 25.34 -44.08
N LEU A 182 -0.45 24.07 -43.75
CA LEU A 182 0.23 23.59 -42.55
C LEU A 182 1.73 23.61 -42.73
N GLN A 183 2.23 23.53 -43.97
CA GLN A 183 3.65 23.72 -44.18
C GLN A 183 4.08 25.13 -43.78
N VAL A 184 3.31 26.14 -44.18
CA VAL A 184 3.71 27.49 -43.83
C VAL A 184 3.48 27.79 -42.37
N VAL A 185 2.52 27.12 -41.73
CA VAL A 185 2.31 27.34 -40.30
C VAL A 185 3.41 26.67 -39.49
N LEU A 186 3.70 25.39 -39.74
CA LEU A 186 4.81 24.73 -39.09
C LEU A 186 6.13 25.40 -39.36
N ASN A 187 6.22 26.22 -40.40
CA ASN A 187 7.42 26.99 -40.61
C ASN A 187 7.40 28.32 -39.89
N SER A 188 6.26 28.70 -39.32
CA SER A 188 6.24 29.89 -38.49
C SER A 188 6.65 29.60 -37.06
N ILE A 189 6.06 28.57 -36.45
CA ILE A 189 6.40 28.24 -35.08
C ILE A 189 7.82 27.71 -34.94
N PHE A 190 8.48 27.38 -36.04
CA PHE A 190 9.90 27.09 -36.00
C PHE A 190 10.74 28.33 -36.13
N LYS A 191 10.18 29.41 -36.65
CA LYS A 191 10.87 30.67 -36.78
C LYS A 191 10.61 31.60 -35.61
N ALA A 192 9.58 31.32 -34.82
CA ALA A 192 9.31 32.10 -33.62
C ALA A 192 10.20 31.72 -32.45
N MET A 193 11.07 30.73 -32.61
CA MET A 193 11.95 30.30 -31.52
C MET A 193 13.41 30.60 -31.82
N LEU A 194 13.69 31.25 -32.91
CA LEU A 194 15.03 31.82 -33.05
C LEU A 194 15.30 32.82 -31.92
N PRO A 195 14.33 33.66 -31.52
CA PRO A 195 14.57 34.55 -30.38
C PRO A 195 14.57 33.92 -29.01
N LEU A 196 13.90 32.77 -28.83
CA LEU A 196 13.84 32.13 -27.53
C LEU A 196 15.09 31.35 -27.20
N PHE A 197 16.20 31.64 -27.88
CA PHE A 197 17.42 30.89 -27.63
C PHE A 197 18.03 31.26 -26.29
N HIS A 198 18.29 32.54 -26.06
CA HIS A 198 19.00 32.95 -24.85
C HIS A 198 18.21 32.62 -23.59
N ILE A 199 16.89 32.68 -23.64
CA ILE A 199 16.12 32.28 -22.47
C ILE A 199 16.26 30.80 -22.16
N ALA A 200 16.23 29.94 -23.18
CA ALA A 200 16.48 28.53 -22.94
C ALA A 200 17.88 28.27 -22.45
N LEU A 201 18.85 29.04 -22.93
CA LEU A 201 20.21 28.86 -22.45
C LEU A 201 20.39 29.39 -21.04
N LEU A 202 19.51 30.27 -20.59
CA LEU A 202 19.50 30.71 -19.22
C LEU A 202 18.74 29.76 -18.29
N VAL A 203 17.76 29.04 -18.82
CA VAL A 203 17.10 28.01 -18.03
C VAL A 203 17.95 26.75 -17.90
N LEU A 204 18.68 26.38 -18.95
CA LEU A 204 19.48 25.18 -18.88
C LEU A 204 20.59 25.29 -17.86
N PHE A 205 21.02 26.50 -17.54
CA PHE A 205 22.06 26.66 -16.53
C PHE A 205 21.50 26.88 -15.14
N MET A 206 20.29 27.40 -15.02
CA MET A 206 19.66 27.42 -13.71
C MET A 206 19.27 26.03 -13.23
N VAL A 207 18.74 25.20 -14.11
CA VAL A 207 18.51 23.81 -13.74
C VAL A 207 19.81 23.13 -13.36
N ILE A 208 20.90 23.37 -14.09
CA ILE A 208 22.16 22.75 -13.77
C ILE A 208 22.76 23.25 -12.46
N ILE A 209 22.61 24.54 -12.15
CA ILE A 209 23.08 25.04 -10.88
C ILE A 209 22.27 24.50 -9.71
N TYR A 210 20.95 24.45 -9.84
CA TYR A 210 20.14 23.94 -8.75
C TYR A 210 20.26 22.45 -8.56
N ALA A 211 20.49 21.70 -9.63
CA ALA A 211 20.80 20.29 -9.47
C ALA A 211 22.05 20.08 -8.65
N ILE A 212 23.11 20.85 -8.90
CA ILE A 212 24.33 20.67 -8.15
C ILE A 212 24.18 21.15 -6.72
N ILE A 213 23.44 22.23 -6.48
CA ILE A 213 23.23 22.65 -5.11
C ILE A 213 22.49 21.59 -4.32
N GLY A 214 21.37 21.09 -4.85
CA GLY A 214 20.68 20.04 -4.16
C GLY A 214 21.46 18.77 -4.02
N LEU A 215 22.36 18.50 -4.96
CA LEU A 215 23.22 17.36 -4.84
C LEU A 215 24.23 17.54 -3.71
N GLU A 216 24.72 18.74 -3.51
CA GLU A 216 25.54 18.99 -2.33
C GLU A 216 24.77 18.83 -1.04
N LEU A 217 23.61 19.45 -0.91
CA LEU A 217 22.96 19.56 0.38
C LEU A 217 22.15 18.33 0.74
N PHE A 218 21.27 17.83 -0.13
CA PHE A 218 20.36 16.76 0.26
C PHE A 218 20.74 15.40 -0.30
N LYS A 219 22.00 15.14 -0.57
CA LYS A 219 22.37 13.87 -1.16
C LYS A 219 22.33 12.77 -0.12
N GLY A 220 21.60 11.72 -0.40
CA GLY A 220 21.58 10.56 0.47
C GLY A 220 20.99 10.81 1.84
N LYS A 221 20.01 11.69 1.92
CA LYS A 221 19.35 11.99 3.18
C LYS A 221 18.00 11.34 3.32
N MET A 222 17.27 11.14 2.23
CA MET A 222 15.95 10.55 2.29
C MET A 222 16.03 9.06 2.04
N HIS A 223 16.54 8.33 3.03
CA HIS A 223 16.73 6.92 2.90
C HIS A 223 16.30 6.11 4.10
N LYS A 224 15.90 6.74 5.19
CA LYS A 224 15.36 6.05 6.34
C LYS A 224 13.88 6.35 6.42
N THR A 225 13.11 5.42 6.97
CA THR A 225 11.69 5.69 7.17
C THR A 225 11.16 4.83 8.31
N CYS A 226 9.89 5.03 8.63
CA CYS A 226 9.25 4.38 9.76
C CYS A 226 8.68 3.05 9.33
N TYR A 227 9.43 1.99 9.58
CA TYR A 227 8.94 0.64 9.36
C TYR A 227 8.24 0.15 10.62
N TYR A 228 7.45 -0.91 10.47
CA TYR A 228 6.98 -1.59 11.67
C TYR A 228 8.15 -2.33 12.29
N ILE A 229 8.09 -2.52 13.60
CA ILE A 229 9.27 -3.04 14.30
C ILE A 229 9.52 -4.47 13.86
N GLY A 230 10.74 -4.73 13.43
CA GLY A 230 11.13 -6.06 13.01
C GLY A 230 10.45 -6.56 11.75
N THR A 231 10.13 -5.67 10.82
CA THR A 231 9.30 -6.02 9.68
C THR A 231 9.78 -5.16 8.51
N ASP A 232 9.35 -5.54 7.31
CA ASP A 232 9.64 -4.75 6.11
C ASP A 232 8.40 -4.09 5.54
N ILE A 233 7.39 -3.88 6.36
CA ILE A 233 6.18 -3.20 5.97
C ILE A 233 6.30 -1.76 6.43
N VAL A 234 6.37 -0.84 5.46
CA VAL A 234 6.47 0.57 5.79
C VAL A 234 5.17 1.03 6.43
N ALA A 235 5.29 1.79 7.51
CA ALA A 235 4.15 2.18 8.32
C ALA A 235 3.68 3.57 7.90
N THR A 236 2.41 3.67 7.54
CA THR A 236 1.81 4.94 7.17
C THR A 236 0.40 4.97 7.73
N VAL A 237 -0.33 6.02 7.39
CA VAL A 237 -1.74 6.16 7.75
C VAL A 237 -2.51 6.26 6.45
N GLU A 238 -3.82 6.51 6.55
CA GLU A 238 -4.71 6.25 5.43
C GLU A 238 -4.29 6.98 4.17
N ASN A 239 -3.97 8.27 4.28
CA ASN A 239 -3.73 9.10 3.11
C ASN A 239 -2.31 9.64 3.08
N GLU A 240 -1.40 9.03 3.80
CA GLU A 240 -0.05 9.52 3.92
C GLU A 240 0.84 8.78 2.96
N LYS A 241 1.51 9.52 2.10
CA LYS A 241 2.47 8.82 1.28
C LYS A 241 3.77 8.64 2.06
N PRO A 242 4.45 7.53 1.90
CA PRO A 242 5.61 7.27 2.75
C PRO A 242 6.68 8.33 2.67
N SER A 243 6.86 9.08 3.73
CA SER A 243 7.81 10.17 3.79
C SER A 243 9.03 9.77 4.60
N PRO A 244 10.12 10.50 4.48
CA PRO A 244 11.33 10.14 5.23
C PRO A 244 11.14 10.31 6.72
N CYS A 245 12.21 10.06 7.47
CA CYS A 245 12.12 10.07 8.91
C CYS A 245 13.50 10.39 9.46
N ALA A 246 13.54 10.67 10.76
CA ALA A 246 14.80 10.90 11.43
C ALA A 246 14.74 10.29 12.82
N ARG A 247 15.77 9.54 13.14
CA ARG A 247 16.02 9.06 14.50
C ARG A 247 17.18 9.87 15.04
N THR A 248 16.95 10.56 16.16
CA THR A 248 17.96 11.43 16.77
C THR A 248 18.46 12.46 15.76
N GLY A 249 17.56 13.36 15.41
CA GLY A 249 17.95 14.46 14.57
C GLY A 249 17.02 15.63 14.72
N SER A 250 16.82 16.34 13.61
CA SER A 250 15.83 17.40 13.55
C SER A 250 14.64 17.05 12.68
N GLY A 251 14.72 16.00 11.88
CA GLY A 251 13.62 15.62 11.04
C GLY A 251 12.44 15.11 11.83
N ARG A 252 11.47 14.62 11.13
CA ARG A 252 10.32 14.21 11.91
C ARG A 252 10.54 12.82 12.48
N PRO A 253 10.13 12.58 13.73
CA PRO A 253 10.26 11.25 14.33
C PRO A 253 8.97 10.45 14.21
N CYS A 254 9.12 9.13 14.21
CA CYS A 254 8.00 8.23 14.01
C CYS A 254 6.97 8.37 15.13
N THR A 255 5.71 8.45 14.74
CA THR A 255 4.62 8.57 15.69
C THR A 255 3.61 7.45 15.56
N ILE A 256 3.72 6.60 14.54
CA ILE A 256 2.89 5.41 14.51
C ILE A 256 3.35 4.51 15.64
N ASN A 257 2.40 3.77 16.23
CA ASN A 257 2.64 3.15 17.53
C ASN A 257 3.85 2.22 17.51
N GLY A 258 3.76 1.12 16.75
CA GLY A 258 4.84 0.16 16.76
C GLY A 258 5.85 0.32 15.65
N SER A 259 6.44 1.51 15.51
CA SER A 259 7.27 1.82 14.36
C SER A 259 8.66 2.28 14.78
N GLU A 260 9.62 2.07 13.90
CA GLU A 260 11.01 2.44 14.12
C GLU A 260 11.55 3.14 12.88
N CYS A 261 12.44 4.08 13.09
CA CYS A 261 13.12 4.76 11.99
C CYS A 261 14.33 3.92 11.60
N ARG A 262 14.33 3.40 10.39
CA ARG A 262 15.45 2.58 9.96
C ARG A 262 15.79 2.88 8.52
N GLY A 263 17.07 2.69 8.19
CA GLY A 263 17.59 3.02 6.87
C GLY A 263 17.39 1.91 5.87
N GLY A 264 17.99 2.10 4.70
CA GLY A 264 17.90 1.10 3.66
C GLY A 264 16.62 1.13 2.87
N TRP A 265 15.97 2.27 2.79
CA TRP A 265 14.73 2.51 2.07
C TRP A 265 15.07 3.25 0.79
N PRO A 266 14.51 2.86 -0.36
CA PRO A 266 15.00 3.45 -1.61
C PRO A 266 14.77 4.94 -1.76
N GLY A 267 13.62 5.45 -1.35
CA GLY A 267 13.32 6.85 -1.57
C GLY A 267 11.83 7.08 -1.64
N PRO A 268 11.44 8.33 -1.71
CA PRO A 268 10.03 8.70 -1.58
C PRO A 268 9.07 8.20 -2.65
N ASN A 269 9.32 8.46 -3.92
CA ASN A 269 8.35 8.14 -4.96
C ASN A 269 8.69 6.83 -5.65
N HIS A 270 8.70 5.76 -4.87
CA HIS A 270 9.22 4.47 -5.33
C HIS A 270 10.68 4.54 -5.72
N GLY A 271 11.41 5.53 -5.21
CA GLY A 271 12.82 5.62 -5.51
C GLY A 271 13.16 6.55 -6.64
N ILE A 272 12.25 7.43 -7.02
CA ILE A 272 12.44 8.30 -8.16
C ILE A 272 12.75 9.73 -7.76
N THR A 273 12.20 10.22 -6.66
CA THR A 273 12.39 11.58 -6.19
C THR A 273 13.45 11.57 -5.10
N HIS A 274 14.65 12.03 -5.43
CA HIS A 274 15.74 12.10 -4.47
C HIS A 274 16.92 12.74 -5.17
N PHE A 275 17.80 13.33 -4.38
CA PHE A 275 18.99 13.96 -4.95
C PHE A 275 20.22 13.07 -4.84
N ASP A 276 20.16 11.83 -5.30
CA ASP A 276 21.24 10.91 -5.01
C ASP A 276 22.34 10.94 -6.05
N ASN A 277 22.06 11.36 -7.27
CA ASN A 277 23.12 11.60 -8.24
C ASN A 277 22.66 12.70 -9.17
N PHE A 278 23.47 13.00 -10.17
CA PHE A 278 23.17 14.17 -10.98
C PHE A 278 21.93 13.96 -11.82
N GLY A 279 21.74 12.78 -12.38
CA GLY A 279 20.57 12.55 -13.20
C GLY A 279 19.29 12.74 -12.42
N PHE A 280 19.21 12.13 -11.24
CA PHE A 280 18.00 12.20 -10.45
C PHE A 280 17.79 13.57 -9.84
N SER A 281 18.86 14.26 -9.48
CA SER A 281 18.70 15.62 -9.02
C SER A 281 18.19 16.53 -10.13
N MET A 282 18.69 16.36 -11.35
CA MET A 282 18.13 17.12 -12.48
C MET A 282 16.67 16.79 -12.68
N LEU A 283 16.30 15.52 -12.60
CA LEU A 283 14.91 15.15 -12.81
C LEU A 283 14.02 15.84 -11.80
N THR A 284 14.34 15.72 -10.51
CA THR A 284 13.48 16.29 -9.49
C THR A 284 13.48 17.81 -9.53
N VAL A 285 14.59 18.45 -9.87
CA VAL A 285 14.58 19.90 -9.98
C VAL A 285 13.70 20.34 -11.13
N TYR A 286 13.80 19.67 -12.27
CA TYR A 286 12.93 20.03 -13.38
C TYR A 286 11.48 19.81 -13.03
N GLN A 287 11.18 18.81 -12.22
CA GLN A 287 9.80 18.62 -11.85
C GLN A 287 9.30 19.71 -10.92
N CYS A 288 10.14 20.20 -10.00
CA CYS A 288 9.72 21.34 -9.18
C CYS A 288 9.60 22.62 -10.00
N ILE A 289 10.40 22.78 -11.04
CA ILE A 289 10.35 24.00 -11.84
C ILE A 289 9.01 24.15 -12.53
N THR A 290 8.45 23.07 -13.02
CA THR A 290 7.13 23.14 -13.60
C THR A 290 6.04 23.28 -12.58
N MET A 291 6.39 23.53 -11.32
CA MET A 291 5.44 23.83 -10.26
C MET A 291 4.45 22.71 -10.02
N GLU A 292 4.84 21.47 -10.29
CA GLU A 292 3.96 20.33 -10.06
C GLU A 292 4.58 19.44 -9.00
N GLY A 293 3.95 19.38 -7.84
CA GLY A 293 4.50 18.57 -6.78
C GLY A 293 5.82 19.09 -6.26
N TRP A 294 6.03 20.39 -6.27
CA TRP A 294 7.21 20.92 -5.63
C TRP A 294 7.08 20.92 -4.13
N THR A 295 5.85 21.05 -3.63
CA THR A 295 5.66 21.02 -2.20
C THR A 295 5.89 19.64 -1.63
N ASP A 296 5.69 18.59 -2.41
CA ASP A 296 6.02 17.26 -1.92
C ASP A 296 7.51 17.12 -1.69
N VAL A 297 8.32 17.58 -2.62
CA VAL A 297 9.76 17.53 -2.41
C VAL A 297 10.14 18.37 -1.22
N LEU A 298 9.52 19.54 -1.06
CA LEU A 298 9.86 20.37 0.08
C LEU A 298 9.53 19.66 1.37
N TYR A 299 8.35 19.06 1.46
CA TYR A 299 7.93 18.42 2.69
C TYR A 299 8.77 17.21 3.00
N TRP A 300 9.25 16.50 1.98
CA TRP A 300 10.11 15.36 2.25
C TRP A 300 11.47 15.79 2.73
N VAL A 301 12.04 16.83 2.14
CA VAL A 301 13.30 17.34 2.66
C VAL A 301 13.14 17.85 4.08
N ASN A 302 12.05 18.56 4.37
CA ASN A 302 11.73 18.92 5.74
C ASN A 302 11.70 17.72 6.67
N ASP A 303 10.97 16.68 6.31
CA ASP A 303 10.88 15.50 7.14
C ASP A 303 12.20 14.80 7.31
N ALA A 304 13.16 14.97 6.41
CA ALA A 304 14.43 14.30 6.54
C ALA A 304 15.43 15.11 7.35
N ILE A 305 15.78 16.31 6.89
CA ILE A 305 16.91 17.01 7.46
C ILE A 305 16.54 18.13 8.41
N GLY A 306 15.29 18.56 8.44
CA GLY A 306 14.95 19.62 9.34
C GLY A 306 14.10 20.68 8.69
N ASN A 307 13.48 21.51 9.50
CA ASN A 307 12.37 22.32 9.04
C ASN A 307 12.76 23.71 8.59
N GLU A 308 13.89 24.24 9.05
CA GLU A 308 14.06 25.69 8.97
C GLU A 308 14.82 26.17 7.74
N TRP A 309 15.83 25.47 7.32
CA TRP A 309 16.60 25.93 6.17
C TRP A 309 16.04 25.56 4.80
N PRO A 310 15.54 24.34 4.59
CA PRO A 310 15.30 23.90 3.21
C PRO A 310 14.37 24.77 2.38
N TRP A 311 13.45 25.50 3.00
CA TRP A 311 12.52 26.28 2.19
C TRP A 311 13.24 27.29 1.31
N ILE A 312 14.38 27.81 1.76
CA ILE A 312 15.13 28.76 0.94
C ILE A 312 15.44 28.15 -0.41
N TYR A 313 15.74 26.87 -0.43
CA TYR A 313 16.10 26.23 -1.69
C TYR A 313 14.91 26.18 -2.63
N PHE A 314 13.71 25.95 -2.10
CA PHE A 314 12.57 25.70 -2.97
C PHE A 314 11.81 26.96 -3.27
N VAL A 315 11.55 27.78 -2.26
CA VAL A 315 10.90 29.05 -2.50
C VAL A 315 11.67 29.88 -3.50
N THR A 316 12.99 29.78 -3.51
CA THR A 316 13.80 30.51 -4.48
C THR A 316 13.84 29.82 -5.83
N LEU A 317 13.70 28.50 -5.85
CA LEU A 317 13.66 27.80 -7.13
C LEU A 317 12.37 28.08 -7.86
N ILE A 318 11.29 28.31 -7.12
CA ILE A 318 9.99 28.56 -7.71
C ILE A 318 9.84 30.01 -8.12
N LEU A 319 10.45 30.93 -7.38
CA LEU A 319 10.41 32.32 -7.78
C LEU A 319 11.28 32.56 -9.00
N LEU A 320 12.57 32.26 -8.89
CA LEU A 320 13.46 32.47 -10.02
C LEU A 320 13.10 31.57 -11.17
N GLY A 321 13.20 30.26 -10.98
CA GLY A 321 13.08 29.34 -12.10
C GLY A 321 11.74 29.45 -12.80
N SER A 322 10.66 29.51 -12.04
CA SER A 322 9.35 29.37 -12.65
C SER A 322 8.77 30.72 -13.05
N PHE A 323 8.58 31.61 -12.09
CA PHE A 323 7.90 32.86 -12.38
C PHE A 323 8.75 33.78 -13.23
N PHE A 324 10.02 33.95 -12.88
CA PHE A 324 10.89 34.85 -13.62
C PHE A 324 11.10 34.39 -15.05
N ILE A 325 11.38 33.11 -15.23
CA ILE A 325 11.66 32.60 -16.56
C ILE A 325 10.41 32.62 -17.43
N LEU A 326 9.27 32.29 -16.84
CA LEU A 326 8.02 32.37 -17.58
C LEU A 326 7.72 33.79 -17.99
N ASN A 327 8.02 34.75 -17.12
CA ASN A 327 7.92 36.16 -17.49
C ASN A 327 8.80 36.47 -18.69
N LEU A 328 10.06 36.04 -18.64
CA LEU A 328 10.97 36.26 -19.77
C LEU A 328 10.39 35.71 -21.05
N VAL A 329 9.86 34.49 -21.00
CA VAL A 329 9.41 33.85 -22.23
C VAL A 329 8.17 34.55 -22.78
N LEU A 330 7.21 34.86 -21.91
CA LEU A 330 6.06 35.62 -22.37
C LEU A 330 6.48 36.95 -22.99
N GLY A 331 7.44 37.62 -22.38
CA GLY A 331 7.88 38.90 -22.93
C GLY A 331 8.57 38.76 -24.26
N VAL A 332 9.38 37.73 -24.42
CA VAL A 332 10.15 37.59 -25.66
C VAL A 332 9.25 37.16 -26.80
N LEU A 333 8.18 36.42 -26.51
CA LEU A 333 7.29 35.97 -27.56
C LEU A 333 6.35 37.07 -28.04
N SER A 334 5.66 37.73 -27.11
CA SER A 334 4.82 38.84 -27.52
C SER A 334 5.63 39.96 -28.16
N GLY A 335 6.85 40.21 -27.69
CA GLY A 335 7.71 41.13 -28.40
C GLY A 335 8.10 40.68 -29.79
N GLU A 336 7.89 39.41 -30.11
CA GLU A 336 8.10 38.91 -31.45
C GLU A 336 6.81 38.81 -32.24
N PHE A 337 5.68 38.60 -31.58
CA PHE A 337 4.41 38.63 -32.26
C PHE A 337 4.03 40.02 -32.71
N THR A 338 4.13 41.01 -31.82
CA THR A 338 3.84 42.38 -32.20
C THR A 338 4.77 42.91 -33.26
N LYS A 339 6.04 42.52 -33.27
CA LYS A 339 6.94 42.97 -34.32
C LYS A 339 6.56 42.38 -35.68
N GLU A 340 6.30 41.08 -35.74
CA GLU A 340 5.93 40.49 -37.02
C GLU A 340 4.60 41.04 -37.51
N ARG A 341 3.69 41.35 -36.59
CA ARG A 341 2.42 41.94 -37.00
C ARG A 341 2.61 43.36 -37.51
N GLU A 342 3.43 44.15 -36.83
CA GLU A 342 3.68 45.51 -37.30
C GLU A 342 4.41 45.50 -38.64
N LYS A 343 5.10 44.42 -38.96
CA LYS A 343 5.73 44.29 -40.27
C LYS A 343 4.79 43.76 -41.35
N ALA A 344 3.87 42.86 -40.99
CA ALA A 344 2.96 42.25 -41.97
C ALA A 344 1.69 43.06 -42.18
N LYS A 345 1.33 43.94 -41.25
CA LYS A 345 0.29 44.93 -41.45
C LYS A 345 0.70 45.97 -42.47
N SER A 346 1.99 46.25 -42.58
CA SER A 346 2.55 47.19 -43.54
C SER A 346 2.48 46.67 -44.98
N ARG A 347 1.96 45.46 -45.19
CA ARG A 347 1.80 44.92 -46.52
C ARG A 347 0.45 45.36 -47.10
N VAL A 433 -40.58 50.57 -23.98
CA VAL A 433 -40.16 49.97 -25.23
C VAL A 433 -39.89 48.48 -24.99
N PHE A 434 -40.00 47.66 -26.03
CA PHE A 434 -39.80 46.22 -25.90
C PHE A 434 -38.39 45.85 -25.44
N TYR A 435 -37.43 46.75 -25.57
CA TYR A 435 -36.04 46.42 -25.29
C TYR A 435 -35.84 45.92 -23.86
N TRP A 436 -36.78 46.18 -22.97
CA TRP A 436 -36.65 45.69 -21.60
C TRP A 436 -37.67 44.65 -21.20
N LEU A 437 -38.85 44.61 -21.82
CA LEU A 437 -39.71 43.46 -21.59
C LEU A 437 -39.10 42.19 -22.15
N VAL A 438 -38.41 42.27 -23.29
CA VAL A 438 -37.77 41.07 -23.81
C VAL A 438 -36.74 40.55 -22.82
N ILE A 439 -36.01 41.45 -22.16
CA ILE A 439 -35.00 40.94 -21.25
C ILE A 439 -35.65 40.47 -19.95
N LEU A 440 -36.82 41.02 -19.60
CA LEU A 440 -37.55 40.42 -18.49
C LEU A 440 -37.94 38.98 -18.82
N ILE A 441 -38.34 38.73 -20.07
CA ILE A 441 -38.65 37.37 -20.48
C ILE A 441 -37.43 36.47 -20.34
N VAL A 442 -36.30 36.90 -20.89
CA VAL A 442 -35.13 36.03 -20.87
C VAL A 442 -34.64 35.83 -19.46
N ALA A 443 -34.85 36.80 -18.57
CA ALA A 443 -34.42 36.61 -17.18
C ALA A 443 -35.33 35.64 -16.45
N LEU A 444 -36.62 35.64 -16.75
CA LEU A 444 -37.48 34.63 -16.17
C LEU A 444 -37.10 33.24 -16.67
N ASN A 445 -36.71 33.13 -17.93
CA ASN A 445 -36.29 31.83 -18.45
C ASN A 445 -34.95 31.38 -17.84
N THR A 446 -34.02 32.31 -17.70
CA THR A 446 -32.77 31.99 -17.02
C THR A 446 -33.02 31.52 -15.59
N LEU A 447 -33.86 32.22 -14.84
CA LEU A 447 -34.10 31.78 -13.48
C LEU A 447 -34.91 30.50 -13.42
N SER A 448 -35.66 30.17 -14.46
CA SER A 448 -36.33 28.88 -14.44
C SER A 448 -35.35 27.75 -14.76
N ILE A 449 -34.33 28.03 -15.55
CA ILE A 449 -33.34 26.99 -15.83
C ILE A 449 -32.32 26.86 -14.71
N ALA A 450 -32.05 27.92 -13.96
CA ALA A 450 -31.02 27.92 -12.93
C ALA A 450 -31.58 27.69 -11.55
N SER A 451 -32.60 26.87 -11.43
CA SER A 451 -33.13 26.46 -10.14
C SER A 451 -33.39 24.96 -10.12
N GLU A 452 -33.03 24.25 -11.17
CA GLU A 452 -33.15 22.80 -11.22
C GLU A 452 -32.04 22.21 -10.38
N HIS A 453 -32.34 21.79 -9.15
CA HIS A 453 -31.37 21.07 -8.35
C HIS A 453 -31.84 19.64 -8.13
N HIS A 454 -31.06 18.88 -7.37
CA HIS A 454 -31.37 17.48 -7.12
C HIS A 454 -32.29 17.34 -5.93
N ASN A 455 -33.28 16.47 -6.06
CA ASN A 455 -34.30 16.31 -5.04
C ASN A 455 -35.05 17.61 -4.81
N GLN A 456 -35.50 18.23 -5.89
CA GLN A 456 -36.26 19.45 -5.76
C GLN A 456 -37.67 19.10 -5.33
N PRO A 457 -38.40 20.05 -4.74
CA PRO A 457 -39.79 19.78 -4.40
C PRO A 457 -40.63 19.63 -5.64
N LEU A 458 -41.73 18.90 -5.51
CA LEU A 458 -42.58 18.69 -6.67
C LEU A 458 -43.16 20.00 -7.20
N TRP A 459 -43.47 20.94 -6.31
CA TRP A 459 -44.00 22.20 -6.77
C TRP A 459 -42.98 22.98 -7.58
N LEU A 460 -41.70 22.79 -7.33
CA LEU A 460 -40.70 23.43 -8.17
C LEU A 460 -40.66 22.80 -9.54
N THR A 461 -40.80 21.47 -9.60
CA THR A 461 -40.87 20.82 -10.91
C THR A 461 -42.05 21.33 -11.70
N HIS A 462 -43.21 21.47 -11.05
CA HIS A 462 -44.38 22.00 -11.73
C HIS A 462 -44.14 23.43 -12.18
N LEU A 463 -43.76 24.30 -11.25
CA LEU A 463 -43.48 25.70 -11.58
C LEU A 463 -42.57 25.81 -12.79
N GLN A 464 -41.59 24.90 -12.92
CA GLN A 464 -40.71 24.97 -14.07
C GLN A 464 -41.36 24.43 -15.32
N ASP A 465 -42.05 23.30 -15.22
CA ASP A 465 -42.55 22.67 -16.44
C ASP A 465 -43.68 23.47 -17.06
N ILE A 466 -44.32 24.35 -16.28
CA ILE A 466 -45.32 25.25 -16.85
C ILE A 466 -44.81 26.67 -17.04
N ALA A 467 -43.61 27.00 -16.58
CA ALA A 467 -43.06 28.33 -16.84
C ALA A 467 -42.25 28.40 -18.11
N ASN A 468 -41.77 27.27 -18.61
CA ASN A 468 -41.16 27.25 -19.93
C ASN A 468 -42.21 27.13 -21.02
N ARG A 469 -43.30 26.44 -20.73
CA ARG A 469 -44.38 26.31 -21.71
C ARG A 469 -44.96 27.68 -22.05
N VAL A 470 -45.21 28.53 -21.05
CA VAL A 470 -45.73 29.85 -21.38
C VAL A 470 -44.70 30.66 -22.14
N LEU A 471 -43.41 30.51 -21.81
CA LEU A 471 -42.39 31.24 -22.56
C LEU A 471 -42.11 30.62 -23.92
N LEU A 472 -42.37 29.33 -24.09
CA LEU A 472 -42.33 28.78 -25.44
C LEU A 472 -43.47 29.30 -26.30
N SER A 473 -44.69 29.31 -25.78
CA SER A 473 -45.82 29.88 -26.48
C SER A 473 -45.70 31.39 -26.64
N LEU A 474 -44.88 32.04 -25.83
CA LEU A 474 -44.60 33.45 -26.00
C LEU A 474 -43.52 33.72 -27.02
N PHE A 475 -42.54 32.84 -27.14
CA PHE A 475 -41.56 32.91 -28.21
C PHE A 475 -42.09 32.38 -29.54
N THR A 476 -43.28 31.77 -29.54
CA THR A 476 -43.86 31.37 -30.81
C THR A 476 -44.38 32.57 -31.58
N ILE A 477 -45.01 33.52 -30.89
CA ILE A 477 -45.54 34.72 -31.53
C ILE A 477 -44.45 35.74 -31.83
N GLU A 478 -43.28 35.63 -31.21
CA GLU A 478 -42.22 36.58 -31.46
C GLU A 478 -41.70 36.49 -32.88
N MET A 479 -41.66 35.29 -33.46
CA MET A 479 -41.25 35.11 -34.85
C MET A 479 -42.41 35.31 -35.81
N LEU A 480 -43.50 35.94 -35.35
CA LEU A 480 -44.64 36.22 -36.20
C LEU A 480 -44.95 37.70 -36.17
N LEU A 481 -44.73 38.34 -35.02
CA LEU A 481 -44.87 39.79 -34.95
C LEU A 481 -43.69 40.50 -35.57
N LYS A 482 -42.47 40.18 -35.16
CA LYS A 482 -41.32 40.86 -35.75
C LYS A 482 -41.06 40.39 -37.16
N MET A 483 -41.78 39.36 -37.62
CA MET A 483 -41.85 39.05 -39.03
C MET A 483 -42.80 39.98 -39.76
N TYR A 484 -43.51 40.84 -39.04
CA TYR A 484 -44.49 41.74 -39.62
C TYR A 484 -44.09 43.20 -39.47
N GLY A 485 -43.30 43.53 -38.44
CA GLY A 485 -42.88 44.90 -38.26
C GLY A 485 -41.63 45.30 -38.99
N LEU A 486 -40.66 44.41 -39.11
CA LEU A 486 -39.39 44.69 -39.78
C LEU A 486 -39.37 44.07 -41.18
N GLY A 487 -40.54 43.98 -41.81
CA GLY A 487 -40.65 43.25 -43.05
C GLY A 487 -40.56 41.76 -42.80
N LEU A 488 -40.43 41.00 -43.85
CA LEU A 488 -40.38 39.56 -43.72
C LEU A 488 -39.01 39.01 -44.03
N ARG A 489 -38.31 39.57 -45.02
CA ARG A 489 -37.07 39.02 -45.53
C ARG A 489 -35.85 39.57 -44.80
N GLN A 490 -36.04 40.48 -43.84
CA GLN A 490 -34.97 40.97 -43.00
C GLN A 490 -34.78 40.13 -41.75
N TYR A 491 -35.47 38.98 -41.67
CA TYR A 491 -35.26 38.01 -40.63
C TYR A 491 -34.15 37.03 -40.97
N PHE A 492 -33.66 37.06 -42.21
CA PHE A 492 -32.64 36.12 -42.66
C PHE A 492 -31.38 36.81 -43.16
N MET A 493 -31.47 38.03 -43.67
CA MET A 493 -30.29 38.74 -44.13
C MET A 493 -29.45 39.28 -42.98
N SER A 494 -29.92 39.15 -41.74
CA SER A 494 -29.15 39.49 -40.55
C SER A 494 -28.95 38.24 -39.71
N ILE A 495 -27.71 38.02 -39.28
CA ILE A 495 -27.37 36.78 -38.59
C ILE A 495 -28.02 36.68 -37.22
N PHE A 496 -28.44 37.80 -36.65
CA PHE A 496 -28.82 37.82 -35.24
C PHE A 496 -30.03 36.92 -34.97
N ASN A 497 -31.17 37.26 -35.55
CA ASN A 497 -32.40 36.52 -35.36
C ASN A 497 -32.53 35.35 -36.31
N ARG A 498 -31.44 34.91 -36.91
CA ARG A 498 -31.48 33.75 -37.79
C ARG A 498 -31.84 32.48 -37.06
N PHE A 499 -31.58 32.45 -35.76
CA PHE A 499 -31.81 31.25 -34.95
C PHE A 499 -33.01 31.28 -34.03
N ASP A 500 -33.55 32.47 -33.74
CA ASP A 500 -34.70 32.52 -32.85
C ASP A 500 -35.87 31.70 -33.37
N CYS A 501 -35.91 31.45 -34.68
CA CYS A 501 -36.82 30.44 -35.19
C CYS A 501 -36.33 29.04 -34.85
N PHE A 502 -35.01 28.84 -34.80
CA PHE A 502 -34.48 27.55 -34.38
C PHE A 502 -34.80 27.27 -32.91
N VAL A 503 -34.78 28.31 -32.08
CA VAL A 503 -35.20 28.18 -30.69
C VAL A 503 -36.52 27.43 -30.59
N VAL A 504 -37.54 27.91 -31.30
CA VAL A 504 -38.85 27.30 -31.16
C VAL A 504 -39.02 26.04 -32.00
N CYS A 505 -38.31 25.99 -33.12
CA CYS A 505 -38.35 24.83 -34.01
C CYS A 505 -37.90 23.61 -33.24
N SER A 506 -36.96 23.81 -32.32
CA SER A 506 -36.44 22.73 -31.50
C SER A 506 -37.29 22.59 -30.24
N GLY A 507 -37.73 23.73 -29.71
CA GLY A 507 -38.55 23.73 -28.52
C GLY A 507 -39.78 22.86 -28.70
N ILE A 508 -40.50 23.08 -29.79
CA ILE A 508 -41.69 22.30 -30.09
C ILE A 508 -41.31 20.84 -30.29
N LEU A 509 -40.21 20.63 -31.02
CA LEU A 509 -39.72 19.28 -31.30
C LEU A 509 -39.37 18.52 -30.02
N GLU A 510 -38.78 19.23 -29.06
CA GLU A 510 -38.39 18.61 -27.79
C GLU A 510 -39.59 18.48 -26.85
N LEU A 511 -40.63 19.26 -27.12
CA LEU A 511 -41.84 19.24 -26.31
C LEU A 511 -42.71 18.01 -26.59
N LEU A 512 -42.51 17.39 -27.74
CA LEU A 512 -43.29 16.22 -28.11
C LEU A 512 -42.48 14.95 -28.31
N LEU A 513 -41.28 14.89 -27.73
CA LEU A 513 -40.46 13.69 -27.89
C LEU A 513 -40.47 12.82 -26.65
N VAL A 514 -40.47 13.44 -25.47
CA VAL A 514 -40.55 12.68 -24.23
C VAL A 514 -41.79 11.79 -24.24
N GLU A 515 -42.91 12.32 -24.69
CA GLU A 515 -44.19 11.61 -24.65
C GLU A 515 -44.40 10.73 -25.87
N SER A 516 -43.35 10.53 -26.67
CA SER A 516 -43.47 9.55 -27.73
C SER A 516 -42.50 8.38 -27.51
N GLY A 517 -41.21 8.67 -27.52
CA GLY A 517 -40.24 7.61 -27.35
C GLY A 517 -38.96 7.98 -26.65
N ALA A 518 -38.82 9.24 -26.23
CA ALA A 518 -37.52 9.70 -25.76
C ALA A 518 -37.24 9.19 -24.35
N MET A 519 -36.90 7.91 -24.25
CA MET A 519 -36.42 7.31 -23.02
C MET A 519 -34.95 7.69 -22.86
N THR A 520 -34.21 6.97 -22.02
CA THR A 520 -32.81 7.28 -21.77
C THR A 520 -32.69 8.68 -21.20
N PRO A 521 -32.99 8.83 -19.92
CA PRO A 521 -32.87 10.14 -19.27
C PRO A 521 -31.59 10.90 -19.59
N LEU A 522 -30.57 10.20 -20.06
CA LEU A 522 -29.34 10.86 -20.47
C LEU A 522 -29.69 11.64 -21.73
N GLY A 523 -30.50 11.02 -22.59
CA GLY A 523 -30.92 11.63 -23.83
C GLY A 523 -31.96 12.70 -23.59
N ILE A 524 -32.70 12.55 -22.49
CA ILE A 524 -33.72 13.52 -22.13
C ILE A 524 -33.03 14.71 -21.47
N SER A 525 -31.88 14.45 -20.85
CA SER A 525 -31.12 15.49 -20.18
C SER A 525 -30.43 16.44 -21.16
N VAL A 526 -30.15 15.96 -22.37
CA VAL A 526 -29.52 16.79 -23.39
C VAL A 526 -30.59 17.52 -24.20
N LEU A 527 -31.85 17.17 -24.00
CA LEU A 527 -32.94 17.84 -24.69
C LEU A 527 -33.21 19.16 -24.00
N ARG A 528 -32.92 19.21 -22.70
CA ARG A 528 -33.09 20.41 -21.91
C ARG A 528 -31.87 21.32 -22.04
N CYS A 529 -30.81 20.79 -22.66
CA CYS A 529 -29.59 21.54 -22.87
C CYS A 529 -29.80 22.52 -24.01
N ILE A 530 -30.46 22.06 -25.07
CA ILE A 530 -30.73 22.91 -26.24
C ILE A 530 -31.47 24.15 -25.78
N ARG A 531 -32.34 23.96 -24.79
CA ARG A 531 -33.12 25.05 -24.21
C ARG A 531 -32.20 26.19 -23.81
N LEU A 532 -31.10 25.83 -23.17
CA LEU A 532 -30.11 26.80 -22.72
C LEU A 532 -29.63 27.70 -23.87
N LEU A 533 -29.48 27.11 -25.05
CA LEU A 533 -29.02 27.83 -26.23
C LEU A 533 -29.96 28.96 -26.60
N ARG A 534 -31.26 28.76 -26.46
CA ARG A 534 -32.24 29.79 -26.79
C ARG A 534 -32.06 31.04 -25.91
N LEU A 535 -31.74 30.84 -24.65
CA LEU A 535 -31.50 31.93 -23.71
C LEU A 535 -30.27 32.76 -24.12
N PHE A 536 -29.26 32.06 -24.63
CA PHE A 536 -27.99 32.68 -25.02
C PHE A 536 -28.07 33.75 -26.11
N LYS A 537 -28.89 33.52 -27.14
CA LYS A 537 -28.96 34.49 -28.23
C LYS A 537 -29.48 35.85 -27.77
N ILE A 538 -30.53 35.84 -26.96
CA ILE A 538 -31.11 37.08 -26.44
C ILE A 538 -30.19 37.83 -25.47
N THR A 539 -29.50 37.08 -24.62
CA THR A 539 -28.59 37.63 -23.61
C THR A 539 -27.41 38.39 -24.23
N LYS A 540 -26.95 37.90 -25.36
CA LYS A 540 -25.81 38.48 -26.07
C LYS A 540 -25.99 39.93 -26.49
N TYR A 541 -27.22 40.34 -26.82
CA TYR A 541 -27.45 41.71 -27.27
C TYR A 541 -26.95 42.74 -26.26
N TRP A 542 -26.14 43.65 -26.81
CA TRP A 542 -25.39 44.79 -26.22
C TRP A 542 -24.30 45.08 -27.26
N THR A 543 -23.88 46.33 -27.43
CA THR A 543 -22.82 46.57 -28.40
C THR A 543 -21.54 45.84 -28.01
N SER A 544 -21.18 45.89 -26.73
CA SER A 544 -19.92 45.30 -26.30
C SER A 544 -19.90 43.79 -26.49
N LEU A 545 -21.07 43.17 -26.50
CA LEU A 545 -21.18 41.73 -26.60
C LEU A 545 -21.48 41.25 -28.01
N SER A 546 -21.54 42.16 -28.98
CA SER A 546 -21.65 41.81 -30.38
C SER A 546 -20.48 42.32 -31.22
N ASN A 547 -19.79 43.35 -30.77
CA ASN A 547 -18.64 43.88 -31.48
C ASN A 547 -17.46 42.93 -31.47
N LEU A 548 -17.42 42.01 -30.49
CA LEU A 548 -16.27 41.15 -30.28
C LEU A 548 -16.33 39.85 -31.09
N VAL A 549 -17.52 39.31 -31.32
CA VAL A 549 -17.63 38.12 -32.17
C VAL A 549 -17.14 38.39 -33.58
N ALA A 550 -17.31 39.60 -34.09
CA ALA A 550 -16.67 39.98 -35.34
C ALA A 550 -15.16 39.93 -35.24
N SER A 551 -14.62 39.84 -34.03
CA SER A 551 -13.18 39.69 -33.81
C SER A 551 -12.84 38.34 -33.22
N LEU A 552 -13.61 37.87 -32.22
CA LEU A 552 -13.33 36.57 -31.59
C LEU A 552 -13.54 35.42 -32.57
N LEU A 553 -14.71 35.40 -33.23
CA LEU A 553 -14.98 34.36 -34.20
C LEU A 553 -13.97 34.40 -35.34
N ASN A 554 -13.55 35.59 -35.75
CA ASN A 554 -12.55 35.65 -36.80
C ASN A 554 -11.19 35.21 -36.30
N SER A 555 -10.92 35.41 -35.01
CA SER A 555 -9.71 34.87 -34.39
C SER A 555 -9.66 33.36 -34.51
N ILE A 556 -10.75 32.71 -34.11
CA ILE A 556 -10.79 31.25 -34.19
C ILE A 556 -10.75 30.78 -35.65
N ARG A 557 -11.57 31.40 -36.51
CA ARG A 557 -11.83 30.89 -37.85
C ARG A 557 -10.67 31.16 -38.81
N SER A 558 -9.94 32.24 -38.59
CA SER A 558 -8.75 32.48 -39.39
C SER A 558 -7.60 31.59 -38.93
N ILE A 559 -7.53 31.31 -37.63
CA ILE A 559 -6.37 30.64 -37.05
C ILE A 559 -6.75 29.20 -36.74
N ALA A 560 -7.85 28.73 -37.33
CA ALA A 560 -8.22 27.33 -37.18
C ALA A 560 -7.29 26.38 -37.93
N SER A 561 -6.26 26.90 -38.58
CA SER A 561 -5.26 26.03 -39.17
C SER A 561 -4.10 25.78 -38.23
N LEU A 562 -3.74 26.76 -37.42
CA LEU A 562 -2.73 26.55 -36.39
C LEU A 562 -3.28 25.73 -35.23
N LEU A 563 -4.60 25.61 -35.12
CA LEU A 563 -5.17 24.62 -34.22
C LEU A 563 -4.99 23.21 -34.73
N LEU A 564 -4.89 23.02 -36.05
CA LEU A 564 -4.74 21.69 -36.59
C LEU A 564 -3.39 21.09 -36.26
N LEU A 565 -2.34 21.89 -36.29
CA LEU A 565 -1.03 21.37 -35.90
C LEU A 565 -1.01 21.01 -34.44
N LEU A 566 -1.72 21.75 -33.60
CA LEU A 566 -1.79 21.39 -32.19
C LEU A 566 -2.58 20.13 -31.97
N PHE A 567 -3.66 19.93 -32.71
CA PHE A 567 -4.37 18.67 -32.61
C PHE A 567 -3.55 17.50 -33.12
N LEU A 568 -2.73 17.72 -34.13
CA LEU A 568 -1.86 16.67 -34.66
C LEU A 568 -0.71 16.35 -33.74
N PHE A 569 -0.19 17.31 -32.99
CA PHE A 569 0.78 17.01 -31.94
C PHE A 569 0.21 16.03 -30.93
N ILE A 570 -0.98 16.32 -30.40
CA ILE A 570 -1.66 15.46 -29.46
C ILE A 570 -2.03 14.12 -30.06
N ILE A 571 -2.28 14.04 -31.36
CA ILE A 571 -2.59 12.74 -31.94
C ILE A 571 -1.34 11.91 -32.18
N ILE A 572 -0.21 12.53 -32.50
CA ILE A 572 1.01 11.75 -32.58
C ILE A 572 1.44 11.25 -31.21
N PHE A 573 1.35 12.08 -30.17
CA PHE A 573 1.81 11.64 -28.87
C PHE A 573 0.88 10.66 -28.19
N ALA A 574 -0.41 10.69 -28.49
CA ALA A 574 -1.30 9.63 -28.09
C ALA A 574 -0.90 8.28 -28.68
N LEU A 575 -0.54 8.25 -29.96
CA LEU A 575 -0.13 7.00 -30.58
C LEU A 575 1.22 6.55 -30.06
N LEU A 576 2.15 7.45 -29.90
CA LEU A 576 3.42 7.09 -29.31
C LEU A 576 3.29 6.57 -27.89
N GLY A 577 2.33 7.09 -27.12
CA GLY A 577 2.10 6.54 -25.80
C GLY A 577 1.42 5.20 -25.80
N MET A 578 0.48 4.97 -26.71
CA MET A 578 -0.05 3.63 -26.88
C MET A 578 1.03 2.64 -27.24
N GLN A 579 2.07 3.08 -27.94
CA GLN A 579 3.18 2.19 -28.22
C GLN A 579 4.04 1.93 -26.99
N LEU A 580 4.56 2.99 -26.38
CA LEU A 580 5.49 2.80 -25.27
C LEU A 580 4.83 2.16 -24.07
N PHE A 581 3.74 2.73 -23.58
CA PHE A 581 3.12 2.27 -22.33
C PHE A 581 1.80 1.56 -22.53
N GLY A 582 1.44 1.22 -23.76
CA GLY A 582 0.16 0.59 -24.00
C GLY A 582 0.18 -0.83 -23.53
N GLY A 583 -0.65 -1.16 -22.56
CA GLY A 583 -0.68 -2.48 -21.99
C GLY A 583 0.55 -2.84 -21.20
N ARG A 584 1.20 -1.87 -20.58
CA ARG A 584 2.33 -2.16 -19.73
C ARG A 584 2.09 -1.73 -18.30
N TYR A 585 0.87 -1.31 -17.97
CA TYR A 585 0.50 -1.00 -16.61
C TYR A 585 0.04 -2.22 -15.85
N ASP A 586 0.55 -3.39 -16.21
CA ASP A 586 0.14 -4.64 -15.59
C ASP A 586 0.75 -4.80 -14.20
N PHE A 587 0.39 -3.89 -13.31
CA PHE A 587 0.92 -3.93 -11.96
C PHE A 587 0.07 -4.84 -11.12
N GLU A 588 0.72 -5.67 -10.30
CA GLU A 588 0.00 -6.67 -9.53
C GLU A 588 -0.53 -6.14 -8.21
N ASP A 589 -0.73 -4.85 -8.07
CA ASP A 589 -1.38 -4.33 -6.87
C ASP A 589 -2.83 -4.00 -7.19
N THR A 590 -3.51 -3.36 -6.25
CA THR A 590 -4.91 -3.01 -6.43
C THR A 590 -5.12 -1.50 -6.54
N GLU A 591 -4.05 -0.74 -6.76
CA GLU A 591 -4.16 0.70 -6.90
C GLU A 591 -4.65 1.03 -8.29
N VAL A 592 -5.62 1.92 -8.38
CA VAL A 592 -6.27 2.23 -9.65
C VAL A 592 -5.51 3.37 -10.30
N ARG A 593 -5.04 3.14 -11.53
CA ARG A 593 -4.33 4.13 -12.31
C ARG A 593 -5.18 4.44 -13.52
N ARG A 594 -6.07 5.41 -13.39
CA ARG A 594 -7.04 5.63 -14.46
C ARG A 594 -6.39 6.27 -15.67
N SER A 595 -5.34 7.04 -15.49
CA SER A 595 -4.66 7.72 -16.59
C SER A 595 -3.59 6.80 -17.14
N ASN A 596 -4.01 5.88 -17.99
CA ASN A 596 -3.13 4.95 -18.66
C ASN A 596 -3.22 5.22 -20.15
N PHE A 597 -2.63 4.33 -20.94
CA PHE A 597 -2.58 4.47 -22.38
C PHE A 597 -3.12 3.24 -23.07
N ASP A 598 -4.23 2.70 -22.58
CA ASP A 598 -4.67 1.38 -23.02
C ASP A 598 -5.38 1.39 -24.36
N ASN A 599 -6.18 2.41 -24.65
CA ASN A 599 -6.78 2.54 -25.95
C ASN A 599 -6.74 3.99 -26.37
N PHE A 600 -7.33 4.30 -27.52
CA PHE A 600 -7.10 5.63 -28.08
C PHE A 600 -7.76 6.74 -27.29
N PRO A 601 -9.04 6.65 -26.91
CA PRO A 601 -9.60 7.75 -26.12
C PRO A 601 -8.88 7.97 -24.81
N GLN A 602 -8.47 6.90 -24.16
CA GLN A 602 -7.74 7.05 -22.92
C GLN A 602 -6.37 7.66 -23.14
N ALA A 603 -5.68 7.27 -24.19
CA ALA A 603 -4.38 7.87 -24.46
C ALA A 603 -4.52 9.34 -24.79
N LEU A 604 -5.58 9.71 -25.49
CA LEU A 604 -5.84 11.11 -25.77
C LEU A 604 -6.09 11.89 -24.49
N ILE A 605 -6.87 11.32 -23.57
CA ILE A 605 -7.12 11.97 -22.28
C ILE A 605 -5.82 12.14 -21.50
N SER A 606 -5.00 11.09 -21.45
CA SER A 606 -3.75 11.18 -20.70
C SER A 606 -2.82 12.24 -21.27
N VAL A 607 -2.67 12.27 -22.60
CA VAL A 607 -1.78 13.27 -23.18
C VAL A 607 -2.32 14.67 -22.96
N PHE A 608 -3.63 14.84 -23.03
CA PHE A 608 -4.18 16.15 -22.74
C PHE A 608 -3.87 16.57 -21.33
N GLN A 609 -4.10 15.68 -20.37
CA GLN A 609 -3.82 15.99 -18.98
C GLN A 609 -2.35 16.34 -18.76
N VAL A 610 -1.45 15.67 -19.47
CA VAL A 610 -0.04 16.00 -19.33
C VAL A 610 0.27 17.34 -19.97
N LEU A 611 -0.50 17.74 -20.97
CA LEU A 611 -0.31 19.06 -21.56
C LEU A 611 -0.73 20.16 -20.61
N THR A 612 -1.90 20.03 -20.01
CA THR A 612 -2.31 21.01 -19.00
C THR A 612 -1.44 20.98 -17.77
N GLY A 613 -0.57 19.99 -17.65
CA GLY A 613 0.39 19.95 -16.58
C GLY A 613 -0.10 19.29 -15.33
N GLU A 614 -1.38 18.98 -15.23
CA GLU A 614 -1.97 18.56 -13.97
C GLU A 614 -1.57 17.13 -13.66
N ASP A 615 -0.75 16.95 -12.64
CA ASP A 615 -0.32 15.63 -12.15
C ASP A 615 0.42 14.85 -13.21
N TRP A 616 1.17 15.51 -14.09
CA TRP A 616 1.93 14.77 -15.06
C TRP A 616 2.98 13.89 -14.40
N ASN A 617 3.39 14.20 -13.17
CA ASN A 617 4.42 13.40 -12.55
C ASN A 617 3.88 12.03 -12.14
N SER A 618 2.62 11.93 -11.77
CA SER A 618 2.06 10.61 -11.46
C SER A 618 2.08 9.71 -12.68
N VAL A 619 1.72 10.26 -13.84
CA VAL A 619 1.80 9.50 -15.08
C VAL A 619 3.24 9.13 -15.36
N MET A 620 4.18 10.01 -15.05
CA MET A 620 5.57 9.65 -15.30
C MET A 620 6.01 8.51 -14.40
N TYR A 621 5.55 8.49 -13.16
CA TYR A 621 5.99 7.43 -12.27
C TYR A 621 5.39 6.10 -12.67
N ASN A 622 4.13 6.10 -13.12
CA ASN A 622 3.58 4.89 -13.67
C ASN A 622 4.38 4.44 -14.88
N GLY A 623 4.81 5.37 -15.71
CA GLY A 623 5.61 4.99 -16.87
C GLY A 623 6.97 4.44 -16.50
N ILE A 624 7.58 4.97 -15.46
CA ILE A 624 8.91 4.49 -15.09
C ILE A 624 8.83 3.17 -14.35
N MET A 625 7.74 2.92 -13.64
CA MET A 625 7.59 1.63 -12.98
C MET A 625 7.10 0.57 -13.95
N ALA A 626 6.40 0.97 -15.01
CA ALA A 626 6.00 0.01 -16.03
C ALA A 626 7.22 -0.65 -16.65
N TYR A 627 8.23 0.13 -16.97
CA TYR A 627 9.50 -0.41 -17.38
C TYR A 627 10.18 -0.89 -16.11
N GLY A 628 11.47 -1.17 -16.15
CA GLY A 628 12.10 -1.82 -15.01
C GLY A 628 11.80 -1.18 -13.68
N GLY A 629 12.13 0.09 -13.56
CA GLY A 629 12.09 0.79 -12.32
C GLY A 629 13.00 1.98 -12.48
N PRO A 630 13.51 2.52 -11.40
CA PRO A 630 14.45 3.64 -11.52
C PRO A 630 15.85 3.21 -11.90
N SER A 631 15.99 2.31 -12.87
CA SER A 631 17.27 1.78 -13.30
C SER A 631 17.62 2.41 -14.64
N TYR A 632 18.69 1.92 -15.26
CA TYR A 632 19.18 2.58 -16.47
C TYR A 632 18.15 2.61 -17.60
N PRO A 633 17.66 1.47 -18.09
CA PRO A 633 16.80 1.56 -19.29
C PRO A 633 15.41 2.05 -18.97
N GLY A 634 15.01 1.99 -17.71
CA GLY A 634 13.67 2.37 -17.35
C GLY A 634 13.48 3.86 -17.22
N VAL A 635 14.48 4.58 -16.74
CA VAL A 635 14.29 6.00 -16.48
C VAL A 635 14.34 6.79 -17.77
N LEU A 636 14.77 6.17 -18.85
CA LEU A 636 14.85 6.87 -20.11
C LEU A 636 13.49 7.16 -20.71
N VAL A 637 12.42 6.70 -20.07
CA VAL A 637 11.07 7.08 -20.47
C VAL A 637 10.60 8.29 -19.70
N CYS A 638 11.48 8.96 -18.99
CA CYS A 638 11.21 10.32 -18.62
C CYS A 638 11.18 11.22 -19.83
N ILE A 639 11.93 10.90 -20.88
CA ILE A 639 12.04 11.77 -22.03
C ILE A 639 10.69 12.01 -22.68
N TYR A 640 9.88 10.96 -22.79
CA TYR A 640 8.57 11.13 -23.41
C TYR A 640 7.78 12.20 -22.71
N PHE A 641 7.94 12.34 -21.40
CA PHE A 641 7.15 13.31 -20.67
C PHE A 641 7.82 14.65 -20.59
N ILE A 642 9.08 14.74 -20.97
CA ILE A 642 9.81 15.99 -20.95
C ILE A 642 9.66 16.74 -22.27
N ILE A 643 9.64 16.02 -23.38
CA ILE A 643 9.36 16.61 -24.68
C ILE A 643 7.87 16.90 -24.89
N LEU A 644 7.00 16.08 -24.35
CA LEU A 644 5.57 16.32 -24.48
C LEU A 644 5.09 17.50 -23.68
N PHE A 645 5.72 17.80 -22.56
CA PHE A 645 5.35 18.96 -21.76
C PHE A 645 6.06 20.23 -22.18
N VAL A 646 7.30 20.15 -22.65
CA VAL A 646 8.02 21.34 -23.07
C VAL A 646 7.64 21.75 -24.48
N CYS A 647 7.69 20.83 -25.43
CA CYS A 647 7.33 21.18 -26.80
C CYS A 647 5.85 21.26 -27.01
N GLY A 648 5.05 20.79 -26.06
CA GLY A 648 3.62 20.88 -26.19
C GLY A 648 3.01 22.07 -25.52
N ASN A 649 3.68 22.60 -24.50
CA ASN A 649 3.28 23.86 -23.90
C ASN A 649 3.89 25.05 -24.63
N TYR A 650 4.72 24.80 -25.62
CA TYR A 650 5.26 25.88 -26.43
C TYR A 650 4.44 26.10 -27.68
N ILE A 651 3.88 25.06 -28.27
CA ILE A 651 2.88 25.29 -29.32
C ILE A 651 1.65 25.96 -28.75
N LEU A 652 1.37 25.77 -27.47
CA LEU A 652 0.27 26.49 -26.86
C LEU A 652 0.59 27.95 -26.54
N LEU A 653 1.81 28.39 -26.77
CA LEU A 653 2.07 29.81 -26.71
C LEU A 653 1.96 30.46 -28.07
N ASN A 654 2.13 29.71 -29.13
CA ASN A 654 1.96 30.26 -30.46
C ASN A 654 0.53 30.08 -30.94
N VAL A 655 -0.30 29.34 -30.23
CA VAL A 655 -1.67 29.11 -30.63
C VAL A 655 -2.62 30.04 -29.92
N PHE A 656 -2.73 29.91 -28.62
CA PHE A 656 -3.70 30.73 -27.91
C PHE A 656 -3.16 32.11 -27.57
N LEU A 657 -1.92 32.42 -27.94
CA LEU A 657 -1.37 33.75 -27.70
C LEU A 657 -0.78 34.41 -28.93
N ALA A 658 -0.85 33.77 -30.09
CA ALA A 658 -0.78 34.51 -31.34
C ALA A 658 -2.16 34.95 -31.80
N ILE A 659 -3.19 34.57 -31.05
CA ILE A 659 -4.52 35.08 -31.25
C ILE A 659 -4.71 36.42 -30.55
N ALA A 660 -4.31 36.53 -29.29
CA ALA A 660 -4.47 37.76 -28.53
C ALA A 660 -3.29 38.70 -28.69
N VAL A 661 -2.60 38.63 -29.82
CA VAL A 661 -1.62 39.65 -30.15
C VAL A 661 -1.86 40.09 -31.58
N ASP A 662 -2.61 39.30 -32.32
CA ASP A 662 -3.00 39.71 -33.67
C ASP A 662 -4.48 39.99 -33.78
N ASN A 663 -5.32 39.09 -33.32
CA ASN A 663 -6.76 39.22 -33.44
C ASN A 663 -7.37 39.83 -32.20
N LEU A 664 -6.60 40.64 -31.48
CA LEU A 664 -7.16 41.51 -30.46
C LEU A 664 -6.53 42.89 -30.57
N ALA A 665 -5.38 42.97 -31.23
CA ALA A 665 -4.80 44.27 -31.53
C ALA A 665 -5.44 44.92 -32.75
N GLU A 666 -5.74 44.15 -33.79
CA GLU A 666 -6.47 44.71 -34.91
C GLU A 666 -7.92 45.03 -34.54
N ALA A 667 -8.51 44.33 -33.58
CA ALA A 667 -9.86 44.65 -33.13
C ALA A 667 -9.91 46.03 -32.48
N GLU A 668 -8.97 46.32 -31.57
CA GLU A 668 -8.93 47.66 -31.00
C GLU A 668 -8.48 48.69 -32.02
N SER A 669 -7.60 48.31 -32.95
CA SER A 669 -7.18 49.26 -33.98
C SER A 669 -8.33 49.61 -34.91
N LEU A 670 -9.28 48.69 -35.07
CA LEU A 670 -10.50 48.98 -35.82
C LEU A 670 -11.44 49.83 -35.01
N THR A 671 -11.57 49.56 -33.71
CA THR A 671 -12.40 50.41 -32.88
C THR A 671 -11.85 51.83 -32.82
N SER A 672 -10.55 52.00 -33.04
CA SER A 672 -9.98 53.34 -33.12
C SER A 672 -10.60 54.16 -34.25
N ALA A 673 -11.08 53.50 -35.30
CA ALA A 673 -11.60 54.19 -36.47
C ALA A 673 -13.10 54.39 -36.39
N VAL A 796 4.93 69.40 10.47
CA VAL A 796 4.39 68.15 9.97
C VAL A 796 4.80 67.90 8.52
N ASN A 797 5.26 68.95 7.83
CA ASN A 797 5.60 68.82 6.43
C ASN A 797 7.08 68.50 6.22
N ALA A 798 7.75 68.00 7.25
CA ALA A 798 9.17 67.70 7.20
C ALA A 798 9.37 66.20 6.98
N THR A 799 10.63 65.80 6.87
CA THR A 799 11.00 64.39 6.77
C THR A 799 11.29 63.79 8.13
N TRP A 800 11.13 64.56 9.20
CA TRP A 800 11.54 64.17 10.54
C TRP A 800 10.45 63.45 11.32
N PHE A 801 9.18 63.75 11.03
CA PHE A 801 8.05 63.18 11.76
C PHE A 801 7.16 62.30 10.90
N THR A 802 6.77 62.76 9.70
CA THR A 802 5.90 61.94 8.86
C THR A 802 6.62 60.68 8.40
N ASN A 803 7.87 60.82 7.98
CA ASN A 803 8.68 59.66 7.60
C ASN A 803 9.12 58.83 8.79
N PHE A 804 8.67 59.16 10.00
CA PHE A 804 8.81 58.28 11.15
C PHE A 804 7.49 57.62 11.53
N ILE A 805 6.40 58.37 11.51
CA ILE A 805 5.08 57.79 11.75
C ILE A 805 4.73 56.76 10.68
N LEU A 806 5.11 57.00 9.42
CA LEU A 806 5.05 55.92 8.45
C LEU A 806 5.81 54.70 8.93
N LEU A 807 7.02 54.91 9.47
CA LEU A 807 7.81 53.81 9.99
C LEU A 807 7.18 53.16 11.22
N PHE A 808 6.19 53.80 11.83
CA PHE A 808 5.52 53.19 12.97
C PHE A 808 4.28 52.42 12.57
N ILE A 809 3.95 52.38 11.27
CA ILE A 809 2.99 51.40 10.79
C ILE A 809 3.66 50.06 10.53
N LEU A 810 4.86 50.07 9.96
CA LEU A 810 5.65 48.87 9.75
C LEU A 810 6.07 48.18 11.04
N LEU A 811 5.78 48.78 12.20
CA LEU A 811 6.03 48.11 13.47
C LEU A 811 4.77 47.55 14.08
N SER A 812 3.67 48.32 14.05
CA SER A 812 2.38 47.78 14.46
C SER A 812 2.01 46.56 13.63
N SER A 813 2.32 46.59 12.33
CA SER A 813 1.99 45.45 11.48
C SER A 813 2.82 44.22 11.82
N ALA A 814 4.13 44.38 12.02
CA ALA A 814 4.96 43.26 12.42
C ALA A 814 4.59 42.75 13.81
N ALA A 815 4.06 43.61 14.67
CA ALA A 815 3.54 43.14 15.94
C ALA A 815 2.24 42.38 15.76
N LEU A 816 1.44 42.75 14.75
CA LEU A 816 0.26 41.96 14.44
C LEU A 816 0.64 40.59 13.87
N ALA A 817 1.73 40.51 13.13
CA ALA A 817 2.12 39.26 12.51
C ALA A 817 2.45 38.20 13.57
N ALA A 818 3.54 38.40 14.30
CA ALA A 818 4.07 37.37 15.20
C ALA A 818 3.19 37.32 16.44
N GLU A 819 2.00 36.79 16.27
CA GLU A 819 1.10 36.54 17.39
C GLU A 819 0.98 35.03 17.61
N ASP A 820 0.30 34.66 18.67
CA ASP A 820 0.03 33.26 18.98
C ASP A 820 -1.47 33.02 18.89
N PRO A 821 -1.96 32.44 17.80
CA PRO A 821 -3.40 32.15 17.71
C PRO A 821 -3.85 30.95 18.54
N ILE A 822 -2.93 30.04 18.88
CA ILE A 822 -3.35 28.84 19.60
C ILE A 822 -3.61 29.16 21.07
N ARG A 823 -2.58 29.58 21.79
CA ARG A 823 -2.71 29.90 23.20
C ARG A 823 -3.26 31.32 23.35
N ALA A 824 -4.51 31.42 23.78
CA ALA A 824 -5.20 32.71 23.78
C ALA A 824 -4.47 33.74 24.63
N GLU A 825 -3.72 33.28 25.63
CA GLU A 825 -2.98 34.17 26.53
C GLU A 825 -1.56 33.62 26.72
N SER A 826 -0.62 34.16 25.97
CA SER A 826 0.79 33.80 26.09
C SER A 826 1.60 34.99 26.56
N VAL A 827 2.88 34.72 26.88
CA VAL A 827 3.79 35.80 27.20
C VAL A 827 3.99 36.69 25.99
N ARG A 828 4.11 36.10 24.80
CA ARG A 828 4.23 36.89 23.60
C ARG A 828 3.00 37.75 23.37
N ASN A 829 1.81 37.21 23.67
CA ASN A 829 0.60 38.03 23.63
C ASN A 829 0.57 39.03 24.76
N GLN A 830 1.05 38.65 25.94
CA GLN A 830 1.14 39.60 27.05
C GLN A 830 2.16 40.68 26.74
N ILE A 831 3.28 40.32 26.13
CA ILE A 831 4.26 41.32 25.73
C ILE A 831 3.75 42.16 24.58
N LEU A 832 3.11 41.55 23.58
CA LEU A 832 2.59 42.32 22.47
C LEU A 832 1.41 43.20 22.86
N GLY A 833 0.76 42.92 23.98
CA GLY A 833 -0.35 43.75 24.41
C GLY A 833 0.05 45.16 24.80
N TYR A 834 1.33 45.36 25.14
CA TYR A 834 1.81 46.71 25.44
C TYR A 834 2.13 47.49 24.17
N PHE A 835 2.78 46.84 23.20
CA PHE A 835 2.94 47.48 21.91
C PHE A 835 1.59 47.74 21.25
N ASP A 836 0.58 46.92 21.56
CA ASP A 836 -0.78 47.21 21.10
C ASP A 836 -1.21 48.59 21.54
N ILE A 837 -1.20 48.86 22.84
CA ILE A 837 -1.66 50.16 23.31
C ILE A 837 -0.74 51.27 22.82
N ALA A 838 0.57 51.03 22.76
CA ALA A 838 1.47 52.08 22.28
C ALA A 838 1.12 52.48 20.85
N PHE A 839 0.91 51.51 19.97
CA PHE A 839 0.70 51.78 18.56
C PHE A 839 -0.74 52.24 18.28
N THR A 840 -1.68 51.91 19.17
CA THR A 840 -2.96 52.62 19.11
C THR A 840 -2.77 54.07 19.51
N SER A 841 -2.24 54.30 20.71
CA SER A 841 -2.20 55.63 21.32
C SER A 841 -1.52 56.64 20.42
N VAL A 842 -0.35 56.30 19.88
CA VAL A 842 0.37 57.26 19.06
C VAL A 842 -0.51 57.78 17.93
N PHE A 843 -1.22 56.88 17.24
CA PHE A 843 -2.04 57.33 16.13
C PHE A 843 -3.37 57.90 16.60
N THR A 844 -3.74 57.67 17.86
CA THR A 844 -4.88 58.36 18.44
C THR A 844 -4.53 59.78 18.87
N VAL A 845 -3.25 60.06 19.09
CA VAL A 845 -2.76 61.41 19.36
C VAL A 845 -2.04 62.00 18.16
N GLU A 846 -2.04 61.33 17.00
CA GLU A 846 -1.55 61.94 15.78
C GLU A 846 -2.64 62.22 14.76
N ILE A 847 -3.90 61.96 15.07
CA ILE A 847 -4.99 62.42 14.21
C ILE A 847 -5.30 63.88 14.52
N VAL A 848 -5.13 64.30 15.78
CA VAL A 848 -5.50 65.65 16.15
C VAL A 848 -4.60 66.67 15.47
N LEU A 849 -3.29 66.41 15.45
CA LEU A 849 -2.36 67.32 14.80
C LEU A 849 -2.66 67.47 13.31
N LYS A 850 -3.24 66.43 12.68
CA LYS A 850 -3.51 66.46 11.25
C LYS A 850 -4.96 66.75 10.90
N MET A 851 -5.83 67.01 11.89
CA MET A 851 -7.22 67.34 11.60
C MET A 851 -7.73 68.57 12.36
N THR A 852 -7.05 69.00 13.41
CA THR A 852 -7.34 70.30 14.00
C THR A 852 -6.60 71.42 13.29
N THR A 853 -5.50 71.10 12.60
CA THR A 853 -4.77 72.05 11.79
C THR A 853 -5.31 72.12 10.37
N TYR A 854 -6.21 71.20 10.01
CA TYR A 854 -6.76 71.15 8.66
C TYR A 854 -8.28 71.19 8.70
N GLY A 855 -8.92 70.87 7.59
CA GLY A 855 -10.37 70.86 7.53
C GLY A 855 -11.00 69.70 8.28
N TYR A 867 -11.60 60.38 3.31
CA TYR A 867 -11.48 59.29 2.37
C TYR A 867 -10.28 58.41 2.73
N PHE A 868 -9.20 59.05 3.16
CA PHE A 868 -7.98 58.36 3.55
C PHE A 868 -7.66 58.51 5.03
N ASN A 869 -7.97 59.66 5.63
CA ASN A 869 -7.75 59.83 7.06
C ASN A 869 -8.89 59.28 7.90
N ILE A 870 -10.10 59.18 7.32
CA ILE A 870 -11.16 58.44 7.96
C ILE A 870 -10.81 56.97 8.00
N LEU A 871 -10.11 56.48 6.97
CA LEU A 871 -9.53 55.14 7.03
C LEU A 871 -8.73 54.97 8.30
N ASP A 872 -7.78 55.89 8.54
CA ASP A 872 -6.93 55.81 9.73
C ASP A 872 -7.76 55.90 11.01
N LEU A 873 -8.77 56.78 11.03
CA LEU A 873 -9.55 56.96 12.24
C LEU A 873 -10.37 55.71 12.53
N LEU A 874 -10.86 55.03 11.51
CA LEU A 874 -11.55 53.76 11.74
C LEU A 874 -10.58 52.70 12.24
N VAL A 875 -9.37 52.66 11.66
CA VAL A 875 -8.36 51.71 12.12
C VAL A 875 -8.08 51.92 13.61
N VAL A 876 -7.97 53.17 14.03
CA VAL A 876 -7.66 53.45 15.43
C VAL A 876 -8.90 53.31 16.32
N ALA A 877 -10.09 53.52 15.77
CA ALA A 877 -11.31 53.31 16.54
C ALA A 877 -11.49 51.84 16.87
N VAL A 878 -11.33 50.96 15.87
CA VAL A 878 -11.46 49.53 16.14
C VAL A 878 -10.36 49.04 17.07
N SER A 879 -9.19 49.66 17.04
CA SER A 879 -8.10 49.29 17.91
C SER A 879 -8.28 49.85 19.32
N LEU A 880 -9.09 50.88 19.48
CA LEU A 880 -9.44 51.38 20.79
C LEU A 880 -10.59 50.61 21.44
N ILE A 881 -11.64 50.26 20.69
CA ILE A 881 -12.72 49.50 21.30
C ILE A 881 -12.27 48.10 21.68
N SER A 882 -11.17 47.62 21.12
CA SER A 882 -10.47 46.43 21.57
C SER A 882 -9.29 46.79 22.45
N MET A 883 -9.45 47.84 23.24
CA MET A 883 -8.42 48.30 24.19
C MET A 883 -7.10 48.59 23.48
N VAL A 892 -19.76 39.04 17.10
CA VAL A 892 -19.03 38.87 18.35
C VAL A 892 -17.84 39.84 18.34
N VAL A 893 -17.10 39.88 19.45
CA VAL A 893 -15.91 40.71 19.54
C VAL A 893 -14.76 40.16 18.71
N LYS A 894 -14.93 39.01 18.08
CA LYS A 894 -13.86 38.41 17.29
C LYS A 894 -13.68 39.11 15.95
N ILE A 895 -14.71 39.79 15.45
CA ILE A 895 -14.58 40.57 14.23
C ILE A 895 -13.75 41.81 14.48
N LEU A 896 -13.64 42.26 15.72
CA LEU A 896 -12.79 43.39 16.04
C LEU A 896 -11.33 43.09 15.76
N ARG A 897 -10.92 41.83 15.94
CA ARG A 897 -9.53 41.45 15.73
C ARG A 897 -9.25 41.10 14.28
N VAL A 898 -10.29 40.84 13.48
CA VAL A 898 -10.11 40.71 12.04
C VAL A 898 -10.21 42.06 11.34
N LEU A 899 -11.06 42.95 11.82
CA LEU A 899 -11.16 44.28 11.21
C LEU A 899 -9.95 45.17 11.48
N ARG A 900 -9.04 44.76 12.36
CA ARG A 900 -7.86 45.55 12.65
C ARG A 900 -6.71 45.22 11.70
N VAL A 901 -6.85 44.18 10.88
CA VAL A 901 -5.73 43.78 10.02
C VAL A 901 -5.46 44.75 8.89
N LEU A 902 -6.32 45.76 8.68
CA LEU A 902 -6.08 46.73 7.62
C LEU A 902 -5.27 47.92 8.17
N ARG A 903 -4.21 47.57 8.89
CA ARG A 903 -3.22 48.54 9.33
C ARG A 903 -2.24 48.86 8.20
N PRO A 904 -1.75 47.89 7.44
CA PRO A 904 -0.84 48.23 6.33
C PRO A 904 -1.47 49.05 5.22
N LEU A 905 -2.78 49.29 5.26
CA LEU A 905 -3.44 50.06 4.22
C LEU A 905 -3.42 51.56 4.44
N ARG A 906 -3.12 52.03 5.64
CA ARG A 906 -2.95 53.46 5.82
C ARG A 906 -1.59 53.91 5.32
N ALA A 907 -0.71 52.97 4.95
CA ALA A 907 0.52 53.33 4.29
C ALA A 907 0.26 54.11 3.00
N ILE A 908 -0.72 53.69 2.21
CA ILE A 908 -1.06 54.42 0.99
C ILE A 908 -1.38 55.88 1.31
N ASN A 909 -1.82 56.15 2.54
CA ASN A 909 -2.03 57.51 3.01
C ASN A 909 -0.75 58.34 2.90
N ARG A 910 0.32 57.88 3.54
CA ARG A 910 1.54 58.68 3.55
C ARG A 910 2.47 58.31 2.41
N ALA A 911 2.44 57.06 1.97
CA ALA A 911 3.23 56.67 0.81
C ALA A 911 2.64 57.28 -0.44
N LYS A 912 3.37 58.22 -1.05
CA LYS A 912 2.94 58.79 -2.31
C LYS A 912 3.35 57.93 -3.50
N GLY A 913 4.45 57.17 -3.36
CA GLY A 913 4.91 56.34 -4.46
C GLY A 913 4.00 55.16 -4.76
N LEU A 914 3.21 54.72 -3.79
CA LEU A 914 2.33 53.56 -3.92
C LEU A 914 0.91 53.95 -4.36
N LYS A 915 0.54 55.21 -4.17
CA LYS A 915 -0.75 55.69 -4.65
C LYS A 915 -0.87 55.56 -6.16
N HIS A 916 0.20 55.85 -6.89
CA HIS A 916 0.09 55.87 -8.35
C HIS A 916 0.02 54.48 -8.94
N VAL A 917 0.44 53.45 -8.22
CA VAL A 917 0.24 52.09 -8.71
C VAL A 917 -1.12 51.56 -8.30
N VAL A 918 -1.57 51.87 -7.08
CA VAL A 918 -2.92 51.45 -6.72
C VAL A 918 -3.97 52.11 -7.61
N GLN A 919 -3.71 53.33 -8.09
CA GLN A 919 -4.69 53.95 -8.97
C GLN A 919 -4.70 53.30 -10.35
N CYS A 920 -3.53 52.90 -10.86
CA CYS A 920 -3.51 52.14 -12.09
C CYS A 920 -4.24 50.82 -11.93
N VAL A 921 -4.17 50.22 -10.75
CA VAL A 921 -4.92 48.98 -10.49
C VAL A 921 -6.42 49.26 -10.47
N PHE A 922 -6.83 50.41 -9.92
CA PHE A 922 -8.25 50.75 -9.96
C PHE A 922 -8.75 51.01 -11.36
N VAL A 923 -7.97 51.70 -12.21
CA VAL A 923 -8.45 52.03 -13.55
C VAL A 923 -8.07 50.97 -14.58
N ALA A 924 -7.32 49.95 -14.18
CA ALA A 924 -7.20 48.74 -14.99
C ALA A 924 -8.46 47.89 -14.93
N ILE A 925 -9.41 48.25 -14.09
CA ILE A 925 -10.62 47.46 -13.91
C ILE A 925 -11.78 47.94 -14.79
N ARG A 926 -11.83 49.24 -15.12
CA ARG A 926 -12.81 49.68 -16.11
C ARG A 926 -12.59 49.00 -17.45
N THR A 927 -11.36 48.61 -17.74
CA THR A 927 -11.05 47.94 -18.99
C THR A 927 -11.57 46.50 -18.97
N ILE A 928 -11.25 45.74 -17.92
CA ILE A 928 -11.78 44.39 -17.80
C ILE A 928 -13.10 44.40 -17.03
N GLY A 929 -14.17 44.76 -17.72
CA GLY A 929 -15.50 44.49 -17.21
C GLY A 929 -16.33 43.97 -18.35
N ASN A 930 -15.78 44.08 -19.55
CA ASN A 930 -16.43 43.60 -20.76
C ASN A 930 -16.03 42.19 -21.12
N ILE A 931 -14.81 41.80 -20.79
CA ILE A 931 -14.35 40.44 -21.03
C ILE A 931 -14.43 39.57 -19.78
N VAL A 932 -14.52 40.20 -18.60
CA VAL A 932 -14.61 39.45 -17.35
C VAL A 932 -16.07 39.09 -17.07
N LEU A 933 -16.98 39.72 -17.80
CA LEU A 933 -18.40 39.45 -17.63
C LEU A 933 -18.87 38.46 -18.71
N VAL A 934 -18.03 38.24 -19.71
CA VAL A 934 -18.36 37.29 -20.77
C VAL A 934 -17.84 35.90 -20.43
N THR A 935 -16.97 35.83 -19.44
CA THR A 935 -16.41 34.55 -19.02
C THR A 935 -17.25 33.98 -17.89
N THR A 936 -17.86 34.85 -17.11
CA THR A 936 -18.71 34.41 -16.00
C THR A 936 -20.03 33.91 -16.55
N LEU A 937 -20.45 34.48 -17.67
CA LEU A 937 -21.68 34.06 -18.31
C LEU A 937 -21.41 32.78 -19.08
N LEU A 938 -20.17 32.63 -19.53
CA LEU A 938 -19.77 31.45 -20.27
C LEU A 938 -19.56 30.29 -19.30
N GLN A 939 -19.19 30.63 -18.07
CA GLN A 939 -18.97 29.63 -17.04
C GLN A 939 -20.29 29.28 -16.38
N PHE A 940 -21.27 30.16 -16.52
CA PHE A 940 -22.59 29.91 -15.95
C PHE A 940 -23.43 29.10 -16.94
N MET A 941 -23.00 29.08 -18.19
CA MET A 941 -23.70 28.31 -19.21
C MET A 941 -23.31 26.85 -19.00
N PHE A 942 -22.02 26.64 -18.76
CA PHE A 942 -21.48 25.32 -18.51
C PHE A 942 -21.94 24.77 -17.17
N ALA A 943 -22.20 25.61 -16.18
CA ALA A 943 -22.70 25.11 -14.91
C ALA A 943 -24.06 24.46 -15.06
N CYS A 944 -24.93 25.05 -15.87
CA CYS A 944 -26.25 24.47 -16.03
C CYS A 944 -26.20 23.22 -16.90
N ILE A 945 -25.32 23.19 -17.91
CA ILE A 945 -25.16 21.93 -18.63
C ILE A 945 -24.65 20.85 -17.70
N GLY A 946 -23.70 21.18 -16.85
CA GLY A 946 -23.18 20.20 -15.92
C GLY A 946 -24.23 19.70 -14.97
N VAL A 947 -25.12 20.57 -14.53
CA VAL A 947 -26.22 20.12 -13.69
C VAL A 947 -27.15 19.22 -14.47
N GLN A 948 -27.35 19.51 -15.75
CA GLN A 948 -28.24 18.64 -16.51
C GLN A 948 -27.65 17.25 -16.66
N LEU A 949 -26.33 17.16 -16.79
CA LEU A 949 -25.70 15.87 -17.01
C LEU A 949 -25.47 15.10 -15.70
N PHE A 950 -24.81 15.72 -14.73
CA PHE A 950 -24.24 15.01 -13.59
C PHE A 950 -24.98 15.24 -12.28
N LYS A 951 -26.24 15.59 -12.32
CA LYS A 951 -26.97 15.91 -11.10
C LYS A 951 -27.35 14.65 -10.36
N GLY A 952 -26.88 14.50 -9.13
CA GLY A 952 -27.19 13.34 -8.32
C GLY A 952 -26.30 12.16 -8.53
N LYS A 953 -25.49 12.15 -9.56
CA LYS A 953 -24.71 11.00 -9.95
C LYS A 953 -23.38 10.87 -9.24
N PHE A 954 -23.05 11.77 -8.31
CA PHE A 954 -21.71 11.79 -7.70
C PHE A 954 -21.71 11.24 -6.30
N PHE A 955 -22.60 10.33 -5.98
CA PHE A 955 -22.57 9.62 -4.72
C PHE A 955 -21.81 8.33 -4.90
N SER A 956 -21.45 7.72 -3.78
CA SER A 956 -20.66 6.51 -3.85
C SER A 956 -20.76 5.80 -2.53
N CYS A 957 -20.29 4.58 -2.49
CA CYS A 957 -20.20 3.84 -1.24
C CYS A 957 -18.73 3.67 -0.90
N ASN A 958 -18.46 3.45 0.38
CA ASN A 958 -17.09 3.19 0.80
C ASN A 958 -16.47 2.09 -0.02
N ASP A 959 -17.17 0.96 -0.14
CA ASP A 959 -16.76 -0.13 -0.99
C ASP A 959 -17.58 -0.10 -2.26
N LEU A 960 -16.95 -0.30 -3.38
CA LEU A 960 -17.60 -0.06 -4.65
C LEU A 960 -18.46 -1.20 -5.10
N SER A 961 -18.85 -2.09 -4.20
CA SER A 961 -19.71 -3.20 -4.57
C SER A 961 -21.18 -2.95 -4.32
N LYS A 962 -21.51 -2.06 -3.39
CA LYS A 962 -22.89 -1.70 -3.11
C LYS A 962 -23.22 -0.42 -3.88
N MET A 963 -24.40 -0.37 -4.49
CA MET A 963 -24.71 0.65 -5.47
C MET A 963 -25.86 1.54 -5.11
N THR A 964 -26.58 1.28 -4.03
CA THR A 964 -27.62 2.19 -3.59
C THR A 964 -27.48 2.41 -2.11
N GLU A 965 -28.18 3.40 -1.58
CA GLU A 965 -27.96 3.75 -0.19
C GLU A 965 -28.51 2.70 0.75
N GLU A 966 -29.51 1.94 0.32
CA GLU A 966 -30.03 0.86 1.12
C GLU A 966 -29.07 -0.32 1.22
N GLU A 967 -28.17 -0.47 0.27
CA GLU A 967 -27.17 -1.52 0.37
C GLU A 967 -25.94 -1.07 1.12
N CYS A 968 -25.63 0.22 1.10
CA CYS A 968 -24.40 0.72 1.69
C CYS A 968 -24.63 1.01 3.17
N ARG A 969 -24.85 -0.07 3.91
CA ARG A 969 -25.02 -0.04 5.36
C ARG A 969 -24.33 -1.24 5.95
N GLY A 970 -23.85 -1.11 7.18
CA GLY A 970 -23.16 -2.21 7.79
C GLY A 970 -21.66 -2.04 7.83
N TYR A 971 -20.90 -3.13 7.76
CA TYR A 971 -19.46 -3.11 7.78
C TYR A 971 -18.92 -3.81 6.56
N TYR A 972 -17.63 -3.66 6.31
CA TYR A 972 -17.00 -4.36 5.19
C TYR A 972 -15.52 -4.48 5.46
N TYR A 973 -14.87 -5.36 4.73
CA TYR A 973 -13.45 -5.61 4.93
C TYR A 973 -12.63 -4.83 3.92
N VAL A 974 -11.56 -4.22 4.37
CA VAL A 974 -10.55 -3.67 3.48
C VAL A 974 -9.29 -4.47 3.68
N TYR A 975 -8.50 -4.58 2.62
CA TYR A 975 -7.30 -5.41 2.61
C TYR A 975 -6.09 -4.51 2.48
N LYS A 976 -5.20 -4.55 3.47
CA LYS A 976 -4.02 -3.70 3.47
C LYS A 976 -2.98 -4.26 2.51
N ASP A 977 -2.35 -3.38 1.74
CA ASP A 977 -1.37 -3.73 0.73
C ASP A 977 -1.94 -4.58 -0.38
N GLY A 978 -3.26 -4.76 -0.41
CA GLY A 978 -3.83 -5.71 -1.35
C GLY A 978 -3.47 -7.14 -1.03
N ASP A 979 -3.64 -7.55 0.22
CA ASP A 979 -3.29 -8.90 0.64
C ASP A 979 -4.51 -9.57 1.23
N PRO A 980 -4.99 -10.68 0.67
CA PRO A 980 -6.25 -11.26 1.12
C PRO A 980 -6.22 -11.87 2.51
N THR A 981 -5.13 -11.77 3.25
CA THR A 981 -5.07 -12.33 4.60
C THR A 981 -4.79 -11.27 5.64
N GLN A 982 -4.84 -10.00 5.28
CA GLN A 982 -4.56 -8.89 6.19
C GLN A 982 -5.65 -7.87 5.98
N MET A 983 -6.69 -7.94 6.79
CA MET A 983 -7.88 -7.15 6.55
C MET A 983 -8.23 -6.33 7.78
N GLU A 984 -9.22 -5.46 7.61
CA GLU A 984 -9.69 -4.60 8.67
C GLU A 984 -11.16 -4.29 8.43
N LEU A 985 -11.92 -4.17 9.50
CA LEU A 985 -13.32 -3.84 9.41
C LEU A 985 -13.48 -2.33 9.31
N ARG A 986 -14.32 -1.87 8.41
CA ARG A 986 -14.62 -0.49 8.31
C ARG A 986 -16.12 -0.36 8.14
N PRO A 987 -16.77 0.56 8.84
CA PRO A 987 -18.17 0.83 8.56
C PRO A 987 -18.29 1.49 7.20
N ARG A 988 -19.23 1.02 6.40
CA ARG A 988 -19.38 1.57 5.07
C ARG A 988 -20.45 2.64 5.08
N GLN A 989 -20.21 3.71 4.33
CA GLN A 989 -21.08 4.86 4.34
C GLN A 989 -21.28 5.40 2.94
N TRP A 990 -22.47 5.93 2.71
CA TRP A 990 -22.87 6.52 1.44
C TRP A 990 -22.32 7.95 1.38
N ILE A 991 -21.17 8.10 0.76
CA ILE A 991 -20.49 9.38 0.76
C ILE A 991 -20.73 10.12 -0.53
N HIS A 992 -20.98 11.41 -0.39
CA HIS A 992 -21.17 12.35 -1.47
C HIS A 992 -19.83 12.96 -1.79
N ASN A 993 -19.57 13.21 -3.06
CA ASN A 993 -18.30 13.83 -3.41
C ASN A 993 -18.23 15.22 -2.82
N ASP A 994 -17.05 15.84 -2.91
CA ASP A 994 -16.89 17.14 -2.28
C ASP A 994 -17.12 18.26 -3.27
N PHE A 995 -16.73 18.07 -4.52
CA PHE A 995 -17.05 18.98 -5.59
C PHE A 995 -18.00 18.25 -6.52
N HIS A 996 -19.28 18.41 -6.26
CA HIS A 996 -20.33 17.70 -6.99
C HIS A 996 -20.99 18.67 -7.96
N PHE A 997 -22.12 18.26 -8.56
CA PHE A 997 -22.84 19.07 -9.52
C PHE A 997 -24.34 19.11 -9.27
N ASP A 998 -24.77 19.12 -8.02
CA ASP A 998 -26.20 19.02 -7.77
C ASP A 998 -26.94 20.29 -8.14
N ASN A 999 -26.65 21.41 -7.51
CA ASN A 999 -27.26 22.67 -7.88
C ASN A 999 -26.29 23.49 -8.71
N VAL A 1000 -26.69 24.65 -9.19
CA VAL A 1000 -25.78 25.42 -10.04
C VAL A 1000 -24.72 26.14 -9.23
N LEU A 1001 -24.91 26.34 -7.94
CA LEU A 1001 -23.83 26.91 -7.16
C LEU A 1001 -22.73 25.89 -6.94
N SER A 1002 -23.09 24.65 -6.64
CA SER A 1002 -22.09 23.59 -6.53
C SER A 1002 -21.45 23.29 -7.87
N ALA A 1003 -22.23 23.30 -8.95
CA ALA A 1003 -21.61 23.11 -10.25
C ALA A 1003 -20.64 24.22 -10.56
N MET A 1004 -20.96 25.45 -10.15
CA MET A 1004 -20.07 26.56 -10.44
C MET A 1004 -18.79 26.47 -9.64
N MET A 1005 -18.89 26.09 -8.37
CA MET A 1005 -17.68 25.85 -7.59
C MET A 1005 -16.81 24.77 -8.23
N SER A 1006 -17.40 23.65 -8.63
CA SER A 1006 -16.63 22.58 -9.26
C SER A 1006 -15.94 23.06 -10.51
N LEU A 1007 -16.68 23.73 -11.39
CA LEU A 1007 -16.08 24.24 -12.60
C LEU A 1007 -14.99 25.25 -12.30
N PHE A 1008 -15.13 26.03 -11.23
CA PHE A 1008 -14.04 26.92 -10.87
C PHE A 1008 -12.79 26.13 -10.57
N THR A 1009 -12.88 25.11 -9.73
CA THR A 1009 -11.67 24.36 -9.43
C THR A 1009 -11.10 23.70 -10.68
N VAL A 1010 -11.95 23.35 -11.65
CA VAL A 1010 -11.42 22.75 -12.87
C VAL A 1010 -10.68 23.79 -13.69
N SER A 1011 -11.11 25.04 -13.63
CA SER A 1011 -10.50 26.07 -14.47
C SER A 1011 -9.07 26.36 -14.06
N THR A 1012 -8.76 26.33 -12.79
CA THR A 1012 -7.40 26.49 -12.30
C THR A 1012 -6.57 25.23 -12.44
N PHE A 1013 -7.14 24.17 -13.04
CA PHE A 1013 -6.47 22.92 -13.41
C PHE A 1013 -6.17 22.00 -12.25
N GLU A 1014 -6.74 22.23 -11.09
CA GLU A 1014 -6.34 21.47 -9.92
C GLU A 1014 -7.35 20.36 -9.68
N GLY A 1015 -6.87 19.13 -9.67
CA GLY A 1015 -7.76 18.02 -9.42
C GLY A 1015 -8.85 17.85 -10.44
N TRP A 1016 -8.62 18.29 -11.66
CA TRP A 1016 -9.60 18.07 -12.70
C TRP A 1016 -9.65 16.63 -13.19
N PRO A 1017 -8.59 15.83 -13.15
CA PRO A 1017 -8.77 14.43 -13.53
C PRO A 1017 -9.56 13.62 -12.54
N GLN A 1018 -9.52 13.96 -11.26
CA GLN A 1018 -10.37 13.30 -10.30
C GLN A 1018 -11.84 13.54 -10.59
N LEU A 1019 -12.20 14.76 -10.95
CA LEU A 1019 -13.57 15.04 -11.37
C LEU A 1019 -13.90 14.39 -12.70
N LEU A 1020 -12.96 14.38 -13.64
CA LEU A 1020 -13.21 13.72 -14.92
C LEU A 1020 -13.58 12.27 -14.71
N TYR A 1021 -12.77 11.54 -13.98
CA TYR A 1021 -13.05 10.14 -13.79
C TYR A 1021 -14.22 9.91 -12.86
N ARG A 1022 -14.51 10.82 -11.95
CA ARG A 1022 -15.74 10.64 -11.21
C ARG A 1022 -16.94 10.83 -12.11
N ALA A 1023 -16.77 11.52 -13.23
CA ALA A 1023 -17.84 11.81 -14.17
C ALA A 1023 -17.93 10.81 -15.30
N ILE A 1024 -16.86 10.10 -15.60
CA ILE A 1024 -16.94 9.05 -16.59
C ILE A 1024 -17.64 7.84 -16.02
N ASP A 1025 -17.59 7.66 -14.71
CA ASP A 1025 -18.20 6.52 -14.04
C ASP A 1025 -19.60 6.80 -13.55
N SER A 1026 -20.17 7.94 -13.86
CA SER A 1026 -21.45 8.30 -13.27
C SER A 1026 -22.54 7.43 -13.87
N ASN A 1027 -23.27 6.73 -13.01
CA ASN A 1027 -24.19 5.70 -13.45
C ASN A 1027 -25.61 6.21 -13.64
N GLU A 1028 -26.28 6.60 -12.55
CA GLU A 1028 -27.68 6.97 -12.59
C GLU A 1028 -27.93 7.96 -11.48
N GLU A 1029 -29.19 8.16 -11.15
CA GLU A 1029 -29.50 9.34 -10.36
C GLU A 1029 -29.13 9.17 -8.89
N ASP A 1030 -29.39 8.03 -8.31
CA ASP A 1030 -29.00 7.83 -6.93
C ASP A 1030 -28.19 6.57 -6.76
N MET A 1031 -27.34 6.28 -7.73
CA MET A 1031 -26.59 5.05 -7.77
C MET A 1031 -25.10 5.34 -7.89
N GLY A 1032 -24.30 4.38 -7.47
CA GLY A 1032 -22.88 4.54 -7.44
C GLY A 1032 -22.27 4.27 -8.77
N PRO A 1033 -20.95 4.45 -8.84
CA PRO A 1033 -20.27 4.50 -10.13
C PRO A 1033 -20.03 3.16 -10.77
N VAL A 1034 -19.96 3.18 -12.09
CA VAL A 1034 -19.75 2.00 -12.91
C VAL A 1034 -18.54 2.26 -13.78
N TYR A 1035 -17.43 1.59 -13.47
CA TYR A 1035 -16.14 1.87 -14.08
C TYR A 1035 -16.21 2.05 -15.58
N ASN A 1036 -15.75 3.20 -16.05
CA ASN A 1036 -15.61 3.49 -17.48
C ASN A 1036 -16.94 3.45 -18.19
N ASN A 1037 -17.98 3.92 -17.52
CA ASN A 1037 -19.32 3.86 -18.09
C ASN A 1037 -19.47 4.77 -19.29
N ARG A 1038 -19.34 6.06 -19.08
CA ARG A 1038 -19.58 7.04 -20.13
C ARG A 1038 -18.26 7.72 -20.45
N VAL A 1039 -17.46 7.12 -21.34
CA VAL A 1039 -16.15 7.68 -21.63
C VAL A 1039 -16.25 8.89 -22.53
N GLU A 1040 -17.45 9.24 -22.98
CA GLU A 1040 -17.65 10.43 -23.80
C GLU A 1040 -17.93 11.66 -22.96
N MET A 1041 -18.22 11.50 -21.68
CA MET A 1041 -18.35 12.63 -20.78
C MET A 1041 -17.05 13.35 -20.58
N ALA A 1042 -15.95 12.84 -21.15
CA ALA A 1042 -14.70 13.56 -21.13
C ALA A 1042 -14.81 14.84 -21.93
N ILE A 1043 -15.59 14.81 -23.00
CA ILE A 1043 -15.69 15.96 -23.87
C ILE A 1043 -16.19 17.17 -23.10
N PHE A 1044 -17.16 16.98 -22.21
CA PHE A 1044 -17.63 18.10 -21.42
C PHE A 1044 -16.48 18.79 -20.70
N PHE A 1045 -15.57 18.01 -20.12
CA PHE A 1045 -14.50 18.61 -19.35
C PHE A 1045 -13.39 19.10 -20.26
N ILE A 1046 -13.34 18.62 -21.49
CA ILE A 1046 -12.22 18.99 -22.34
C ILE A 1046 -12.55 20.17 -23.24
N ILE A 1047 -13.82 20.37 -23.57
CA ILE A 1047 -14.21 21.59 -24.23
C ILE A 1047 -14.19 22.77 -23.28
N TYR A 1048 -14.75 22.62 -22.09
CA TYR A 1048 -14.66 23.68 -21.09
C TYR A 1048 -13.25 24.16 -20.94
N ILE A 1049 -12.33 23.26 -20.60
CA ILE A 1049 -10.93 23.60 -20.41
C ILE A 1049 -10.37 24.31 -21.63
N ILE A 1050 -10.83 23.95 -22.83
CA ILE A 1050 -10.28 24.58 -24.02
C ILE A 1050 -10.80 26.01 -24.16
N LEU A 1051 -12.06 26.25 -23.82
CA LEU A 1051 -12.58 27.60 -23.89
C LEU A 1051 -12.03 28.45 -22.75
N ILE A 1052 -12.41 28.11 -21.53
CA ILE A 1052 -12.12 29.01 -20.43
C ILE A 1052 -10.63 29.08 -20.17
N ALA A 1053 -10.03 27.97 -19.79
CA ALA A 1053 -8.67 28.04 -19.25
C ALA A 1053 -7.64 28.29 -20.33
N PHE A 1054 -7.93 27.96 -21.58
CA PHE A 1054 -6.93 28.13 -22.61
C PHE A 1054 -7.21 29.29 -23.54
N PHE A 1055 -8.47 29.64 -23.77
CA PHE A 1055 -8.80 30.67 -24.74
C PHE A 1055 -9.14 32.01 -24.10
N MET A 1056 -10.16 32.05 -23.25
CA MET A 1056 -10.51 33.32 -22.63
C MET A 1056 -9.40 33.82 -21.70
N MET A 1057 -8.76 32.92 -20.98
CA MET A 1057 -7.61 33.28 -20.18
C MET A 1057 -6.44 33.74 -21.02
N ASN A 1058 -6.54 33.67 -22.34
CA ASN A 1058 -5.46 34.21 -23.15
C ASN A 1058 -5.85 35.50 -23.85
N ILE A 1059 -7.10 35.63 -24.29
CA ILE A 1059 -7.52 36.94 -24.80
C ILE A 1059 -7.68 37.95 -23.68
N PHE A 1060 -7.85 37.51 -22.44
CA PHE A 1060 -7.87 38.45 -21.33
C PHE A 1060 -6.47 39.01 -21.06
N VAL A 1061 -5.44 38.16 -21.14
CA VAL A 1061 -4.08 38.66 -21.01
C VAL A 1061 -3.71 39.53 -22.21
N GLY A 1062 -4.13 39.13 -23.42
CA GLY A 1062 -3.92 40.00 -24.56
C GLY A 1062 -4.61 41.34 -24.41
N PHE A 1063 -5.79 41.33 -23.81
CA PHE A 1063 -6.48 42.56 -23.44
C PHE A 1063 -5.56 43.45 -22.63
N VAL A 1064 -5.08 42.93 -21.51
CA VAL A 1064 -4.24 43.74 -20.63
C VAL A 1064 -3.01 44.23 -21.39
N ILE A 1065 -2.45 43.40 -22.25
CA ILE A 1065 -1.20 43.75 -22.90
C ILE A 1065 -1.39 44.89 -23.88
N VAL A 1066 -2.35 44.75 -24.78
CA VAL A 1066 -2.56 45.80 -25.77
C VAL A 1066 -3.13 47.06 -25.12
N THR A 1067 -3.77 46.93 -23.96
CA THR A 1067 -4.16 48.13 -23.22
C THR A 1067 -2.94 48.87 -22.70
N PHE A 1068 -2.03 48.17 -22.03
CA PHE A 1068 -0.80 48.80 -21.57
C PHE A 1068 0.05 49.28 -22.73
N GLN A 1069 -0.23 48.80 -23.94
CA GLN A 1069 0.42 49.34 -25.13
C GLN A 1069 0.09 50.79 -25.39
N GLU A 1070 -0.89 51.36 -24.68
CA GLU A 1070 -1.34 52.71 -25.01
C GLU A 1070 -0.66 53.77 -24.14
N GLN A 1071 -0.41 53.47 -22.88
CA GLN A 1071 0.28 54.41 -22.00
C GLN A 1071 1.79 54.22 -22.01
N GLY A 1072 2.32 53.43 -22.93
CA GLY A 1072 3.74 53.12 -22.95
C GLY A 1072 4.44 53.64 -24.20
N ASP A 1082 10.35 60.18 -35.05
CA ASP A 1082 9.79 58.94 -34.55
C ASP A 1082 10.53 58.46 -33.30
N LYS A 1083 10.71 57.15 -33.18
CA LYS A 1083 11.39 56.59 -32.02
C LYS A 1083 12.91 56.60 -32.18
N ASN A 1084 13.39 56.09 -33.31
CA ASN A 1084 14.80 55.72 -33.42
C ASN A 1084 15.69 56.94 -33.33
N GLN A 1085 15.39 57.96 -34.14
CA GLN A 1085 16.18 59.18 -34.12
C GLN A 1085 16.21 59.78 -32.72
N ARG A 1086 15.08 59.72 -32.02
CA ARG A 1086 14.99 60.24 -30.67
C ARG A 1086 15.96 59.52 -29.75
N GLN A 1087 15.84 58.20 -29.67
CA GLN A 1087 16.67 57.44 -28.74
C GLN A 1087 18.15 57.56 -29.09
N CYS A 1088 18.46 57.65 -30.39
CA CYS A 1088 19.85 57.79 -30.80
C CYS A 1088 20.41 59.14 -30.37
N VAL A 1089 19.67 60.23 -30.61
CA VAL A 1089 20.22 61.52 -30.26
C VAL A 1089 20.29 61.68 -28.75
N GLN A 1090 19.47 60.95 -27.99
CA GLN A 1090 19.60 61.01 -26.54
C GLN A 1090 20.78 60.19 -26.06
N TYR A 1091 21.01 59.03 -26.69
CA TYR A 1091 22.19 58.23 -26.40
C TYR A 1091 23.45 59.03 -26.62
N ALA A 1092 23.70 59.43 -27.86
CA ALA A 1092 24.94 60.11 -28.20
C ALA A 1092 25.17 61.35 -27.34
N LEU A 1093 24.11 61.96 -26.83
CA LEU A 1093 24.20 63.17 -26.04
C LEU A 1093 24.47 62.91 -24.56
N LYS A 1094 23.87 61.88 -23.97
CA LYS A 1094 24.01 61.64 -22.55
C LYS A 1094 25.13 60.67 -22.19
N ALA A 1095 25.58 59.84 -23.13
CA ALA A 1095 26.53 58.80 -22.81
C ALA A 1095 27.90 59.37 -22.47
N ARG A 1096 28.71 58.56 -21.78
CA ARG A 1096 30.05 58.97 -21.37
C ARG A 1096 31.03 57.83 -21.58
N PRO A 1097 32.21 58.12 -22.17
CA PRO A 1097 33.21 57.08 -22.39
C PRO A 1097 33.72 56.39 -21.14
N LEU A 1098 34.57 55.38 -21.33
CA LEU A 1098 34.89 54.36 -20.34
C LEU A 1098 36.31 54.52 -19.78
N ARG A 1099 36.56 53.77 -18.70
CA ARG A 1099 37.91 53.59 -18.16
C ARG A 1099 38.52 52.29 -18.67
N CYS A 1100 39.85 52.21 -18.66
CA CYS A 1100 40.50 50.97 -19.04
C CYS A 1100 41.72 50.57 -18.22
N TYR A 1101 42.31 51.47 -17.42
CA TYR A 1101 43.40 51.11 -16.50
C TYR A 1101 44.59 50.47 -17.21
N ILE A 1102 44.98 51.04 -18.33
CA ILE A 1102 46.15 50.52 -19.06
C ILE A 1102 47.42 50.97 -18.33
N PRO A 1103 48.39 50.09 -18.13
CA PRO A 1103 49.55 50.43 -17.30
C PRO A 1103 50.80 50.86 -18.06
N LYS A 1104 51.72 51.49 -17.34
CA LYS A 1104 53.12 51.66 -17.70
C LYS A 1104 53.93 50.55 -17.00
N ASN A 1105 55.25 50.71 -16.91
CA ASN A 1105 56.15 49.80 -16.19
C ASN A 1105 56.15 48.41 -16.79
N PRO A 1106 56.81 48.22 -17.95
CA PRO A 1106 56.64 47.00 -18.76
C PRO A 1106 56.76 45.69 -18.02
N TYR A 1107 57.47 45.64 -16.89
CA TYR A 1107 57.59 44.41 -16.11
C TYR A 1107 56.24 43.73 -15.93
N GLN A 1108 55.23 44.50 -15.54
CA GLN A 1108 53.87 44.01 -15.39
C GLN A 1108 53.01 44.28 -16.62
N TYR A 1109 53.48 45.11 -17.56
CA TYR A 1109 52.78 45.16 -18.83
C TYR A 1109 52.83 43.82 -19.51
N GLN A 1110 53.92 43.08 -19.32
CA GLN A 1110 53.98 41.73 -19.87
C GLN A 1110 52.85 40.87 -19.34
N VAL A 1111 52.62 40.88 -18.02
CA VAL A 1111 51.58 40.04 -17.43
C VAL A 1111 50.20 40.57 -17.81
N TRP A 1112 50.06 41.88 -17.98
CA TRP A 1112 48.80 42.39 -18.49
C TRP A 1112 48.54 41.97 -19.91
N TYR A 1113 49.59 41.73 -20.69
CA TYR A 1113 49.41 41.32 -22.07
C TYR A 1113 48.80 39.94 -22.18
N VAL A 1114 49.03 39.09 -21.18
CA VAL A 1114 48.48 37.74 -21.20
C VAL A 1114 47.15 37.66 -20.47
N VAL A 1115 46.99 38.42 -19.40
CA VAL A 1115 45.73 38.43 -18.65
C VAL A 1115 44.55 38.72 -19.57
N THR A 1116 44.72 39.65 -20.51
CA THR A 1116 43.64 40.03 -21.41
C THR A 1116 43.82 39.43 -22.80
N SER A 1117 44.71 38.44 -22.92
CA SER A 1117 44.76 37.67 -24.15
C SER A 1117 43.53 36.78 -24.26
N SER A 1118 43.15 36.46 -25.50
CA SER A 1118 42.06 35.52 -25.69
C SER A 1118 42.46 34.12 -25.23
N TYR A 1119 43.76 33.81 -25.27
CA TYR A 1119 44.20 32.50 -24.78
C TYR A 1119 43.83 32.31 -23.32
N PHE A 1120 44.10 33.32 -22.50
CA PHE A 1120 43.86 33.17 -21.06
C PHE A 1120 42.37 33.14 -20.73
N GLU A 1121 41.58 34.01 -21.34
CA GLU A 1121 40.15 33.98 -21.13
C GLU A 1121 39.54 32.66 -21.58
N TYR A 1122 39.94 32.16 -22.74
CA TYR A 1122 39.41 30.91 -23.26
C TYR A 1122 40.08 29.69 -22.65
N LEU A 1123 41.03 29.89 -21.75
CA LEU A 1123 41.44 28.83 -20.83
C LEU A 1123 40.63 28.81 -19.56
N MET A 1124 40.31 29.97 -19.00
CA MET A 1124 39.59 29.95 -17.73
C MET A 1124 38.19 29.40 -17.89
N PHE A 1125 37.55 29.63 -19.02
CA PHE A 1125 36.24 29.03 -19.25
C PHE A 1125 36.33 27.51 -19.27
N ALA A 1126 37.37 26.98 -19.89
CA ALA A 1126 37.56 25.54 -19.87
C ALA A 1126 37.75 25.03 -18.45
N LEU A 1127 38.55 25.74 -17.66
CA LEU A 1127 38.74 25.32 -16.27
C LEU A 1127 37.44 25.33 -15.50
N ILE A 1128 36.58 26.31 -15.74
CA ILE A 1128 35.29 26.37 -15.04
C ILE A 1128 34.40 25.20 -15.45
N MET A 1129 34.33 24.91 -16.74
CA MET A 1129 33.54 23.76 -17.17
C MET A 1129 34.04 22.47 -16.54
N LEU A 1130 35.34 22.28 -16.50
CA LEU A 1130 35.87 21.07 -15.89
C LEU A 1130 35.60 21.02 -14.39
N ASN A 1131 35.61 22.17 -13.73
CA ASN A 1131 35.22 22.20 -12.33
C ASN A 1131 33.79 21.77 -12.15
N THR A 1132 32.88 22.27 -12.98
CA THR A 1132 31.49 21.87 -12.91
C THR A 1132 31.33 20.38 -13.11
N ILE A 1133 32.01 19.82 -14.11
CA ILE A 1133 31.88 18.39 -14.36
C ILE A 1133 32.41 17.60 -13.18
N CYS A 1134 33.46 18.08 -12.53
CA CYS A 1134 33.92 17.39 -11.33
C CYS A 1134 32.89 17.48 -10.22
N LEU A 1135 32.15 18.59 -10.17
CA LEU A 1135 31.15 18.77 -9.13
C LEU A 1135 29.94 17.89 -9.33
N GLY A 1136 29.69 17.42 -10.54
CA GLY A 1136 28.49 16.64 -10.77
C GLY A 1136 28.78 15.16 -10.66
N MET A 1137 30.03 14.78 -10.85
CA MET A 1137 30.37 13.36 -10.85
C MET A 1137 30.14 12.70 -9.52
N GLN A 1138 29.93 13.47 -8.45
CA GLN A 1138 29.74 12.86 -7.15
C GLN A 1138 28.37 12.21 -7.07
N HIS A 1139 28.24 11.24 -6.18
CA HIS A 1139 26.98 10.57 -5.97
C HIS A 1139 27.01 9.95 -4.58
N TYR A 1140 25.89 9.34 -4.20
CA TYR A 1140 25.73 8.76 -2.88
C TYR A 1140 26.22 7.34 -2.92
N HIS A 1141 27.22 7.04 -2.09
CA HIS A 1141 27.82 5.71 -2.00
C HIS A 1141 28.46 5.30 -3.30
N HIS A 1148 39.29 9.89 -0.43
CA HIS A 1148 38.28 10.56 -1.24
C HIS A 1148 38.94 11.37 -2.34
N ILE A 1149 38.29 11.45 -3.49
CA ILE A 1149 38.74 12.27 -4.61
C ILE A 1149 37.92 13.54 -4.74
N SER A 1150 36.70 13.55 -4.21
CA SER A 1150 35.82 14.71 -4.32
C SER A 1150 36.30 15.91 -3.52
N ASP A 1151 37.47 15.84 -2.91
CA ASP A 1151 37.99 16.94 -2.12
C ASP A 1151 39.33 17.46 -2.61
N ILE A 1152 40.25 16.56 -2.94
CA ILE A 1152 41.56 16.99 -3.42
C ILE A 1152 41.42 17.79 -4.69
N LEU A 1153 40.50 17.38 -5.57
CA LEU A 1153 40.30 18.13 -6.80
C LEU A 1153 39.74 19.51 -6.51
N ASN A 1154 38.94 19.63 -5.44
CA ASN A 1154 38.48 20.95 -5.06
C ASN A 1154 39.63 21.81 -4.57
N VAL A 1155 40.56 21.21 -3.82
CA VAL A 1155 41.77 21.94 -3.43
C VAL A 1155 42.51 22.42 -4.66
N ALA A 1156 42.61 21.54 -5.66
CA ALA A 1156 43.33 21.89 -6.89
C ALA A 1156 42.69 23.06 -7.61
N PHE A 1157 41.37 23.02 -7.77
CA PHE A 1157 40.69 24.08 -8.50
C PHE A 1157 40.68 25.39 -7.71
N THR A 1158 40.51 25.30 -6.39
CA THR A 1158 40.67 26.47 -5.54
C THR A 1158 42.02 27.12 -5.77
N ILE A 1159 43.07 26.32 -5.79
CA ILE A 1159 44.40 26.87 -6.03
C ILE A 1159 44.49 27.50 -7.40
N ILE A 1160 43.99 26.81 -8.44
CA ILE A 1160 44.10 27.38 -9.78
C ILE A 1160 43.40 28.72 -9.88
N PHE A 1161 42.27 28.89 -9.18
CA PHE A 1161 41.55 30.14 -9.29
C PHE A 1161 42.15 31.24 -8.42
N THR A 1162 42.61 30.92 -7.21
CA THR A 1162 43.27 31.95 -6.41
C THR A 1162 44.57 32.40 -7.05
N LEU A 1163 45.26 31.52 -7.77
CA LEU A 1163 46.43 31.98 -8.50
C LEU A 1163 46.08 32.93 -9.61
N GLU A 1164 44.97 32.71 -10.32
CA GLU A 1164 44.53 33.67 -11.30
C GLU A 1164 44.13 34.99 -10.68
N MET A 1165 43.56 34.97 -9.49
CA MET A 1165 43.26 36.23 -8.82
C MET A 1165 44.50 36.99 -8.43
N ILE A 1166 45.47 36.36 -7.77
CA ILE A 1166 46.68 37.10 -7.43
C ILE A 1166 47.47 37.48 -8.69
N LEU A 1167 47.42 36.67 -9.73
CA LEU A 1167 48.07 36.99 -10.99
C LEU A 1167 47.39 38.16 -11.69
N LYS A 1168 46.11 38.39 -11.46
CA LYS A 1168 45.45 39.57 -11.99
C LYS A 1168 45.67 40.81 -11.13
N LEU A 1169 45.81 40.63 -9.82
CA LEU A 1169 46.21 41.72 -8.96
C LEU A 1169 47.62 42.20 -9.24
N LEU A 1170 48.51 41.31 -9.67
CA LEU A 1170 49.83 41.69 -10.11
C LEU A 1170 49.80 42.50 -11.41
N ALA A 1171 48.63 42.73 -11.98
CA ALA A 1171 48.51 43.49 -13.22
C ALA A 1171 47.64 44.73 -13.10
N PHE A 1172 46.52 44.65 -12.40
CA PHE A 1172 45.63 45.80 -12.32
C PHE A 1172 45.90 46.69 -11.13
N LYS A 1173 47.01 46.48 -10.41
CA LYS A 1173 47.47 47.37 -9.35
C LYS A 1173 46.44 47.51 -8.24
N ALA A 1174 45.50 46.58 -8.19
CA ALA A 1174 44.49 46.50 -7.14
C ALA A 1174 43.55 47.69 -7.18
N ARG A 1175 43.84 48.64 -8.07
CA ARG A 1175 43.03 49.85 -8.18
C ARG A 1175 42.14 49.73 -9.40
N GLY A 1176 42.71 49.25 -10.51
CA GLY A 1176 41.91 48.89 -11.65
C GLY A 1176 41.20 47.57 -11.52
N TYR A 1177 41.57 46.77 -10.51
CA TYR A 1177 40.98 45.45 -10.35
C TYR A 1177 39.55 45.55 -9.86
N PHE A 1178 39.34 46.10 -8.66
CA PHE A 1178 38.00 46.19 -8.12
C PHE A 1178 37.13 47.18 -8.87
N GLY A 1179 37.69 47.91 -9.83
CA GLY A 1179 36.87 48.77 -10.66
C GLY A 1179 35.86 47.99 -11.48
N ASP A 1180 36.10 46.71 -11.64
CA ASP A 1180 35.24 45.85 -12.44
C ASP A 1180 34.37 44.99 -11.52
N PRO A 1181 33.05 45.03 -11.64
CA PRO A 1181 32.21 44.24 -10.72
C PRO A 1181 32.44 42.75 -10.81
N TRP A 1182 32.59 42.20 -12.01
CA TRP A 1182 32.84 40.77 -12.13
C TRP A 1182 34.10 40.37 -11.39
N ASN A 1183 35.07 41.26 -11.30
CA ASN A 1183 36.28 40.95 -10.54
C ASN A 1183 36.03 40.98 -9.05
N VAL A 1184 35.21 41.92 -8.56
CA VAL A 1184 34.80 41.86 -7.16
C VAL A 1184 34.09 40.55 -6.88
N PHE A 1185 33.25 40.11 -7.82
CA PHE A 1185 32.49 38.90 -7.62
C PHE A 1185 33.35 37.66 -7.60
N ASP A 1186 34.38 37.60 -8.44
CA ASP A 1186 35.34 36.50 -8.37
C ASP A 1186 36.16 36.54 -7.09
N PHE A 1187 36.54 37.73 -6.65
CA PHE A 1187 37.22 37.87 -5.37
C PHE A 1187 36.35 37.42 -4.21
N LEU A 1188 35.04 37.53 -4.33
CA LEU A 1188 34.13 37.04 -3.32
C LEU A 1188 34.04 35.53 -3.27
N ILE A 1189 34.32 34.86 -4.40
CA ILE A 1189 34.29 33.41 -4.44
C ILE A 1189 35.61 32.77 -4.04
N VAL A 1190 36.74 33.38 -4.39
CA VAL A 1190 38.01 32.79 -4.00
C VAL A 1190 38.15 32.70 -2.48
N ILE A 1191 37.71 33.72 -1.74
CA ILE A 1191 37.74 33.67 -0.29
C ILE A 1191 36.81 32.57 0.24
N GLY A 1192 35.62 32.46 -0.35
CA GLY A 1192 34.70 31.44 0.10
C GLY A 1192 35.26 30.04 -0.09
N SER A 1193 35.94 29.82 -1.21
CA SER A 1193 36.55 28.51 -1.45
C SER A 1193 37.68 28.24 -0.46
N ILE A 1194 38.50 29.25 -0.18
CA ILE A 1194 39.56 29.06 0.80
C ILE A 1194 38.98 28.64 2.13
N ILE A 1195 38.01 29.41 2.63
CA ILE A 1195 37.39 29.06 3.90
C ILE A 1195 36.75 27.68 3.84
N ASP A 1196 36.17 27.32 2.70
CA ASP A 1196 35.57 26.00 2.55
C ASP A 1196 36.59 24.90 2.83
N VAL A 1197 37.73 24.96 2.13
CA VAL A 1197 38.70 23.89 2.30
C VAL A 1197 39.27 23.90 3.70
N ILE A 1198 39.45 25.10 4.29
CA ILE A 1198 39.98 25.17 5.65
C ILE A 1198 39.03 24.52 6.64
N LEU A 1199 37.72 24.75 6.47
CA LEU A 1199 36.78 24.16 7.41
C LEU A 1199 36.71 22.66 7.25
N SER A 1200 36.79 22.17 6.01
CA SER A 1200 36.83 20.72 5.81
C SER A 1200 38.03 20.10 6.51
N GLU A 1201 39.21 20.71 6.34
CA GLU A 1201 40.42 20.13 6.91
C GLU A 1201 40.47 20.29 8.42
N ILE A 1202 39.88 21.36 8.96
CA ILE A 1202 39.80 21.49 10.41
C ILE A 1202 38.87 20.44 10.99
N ASP A 1203 37.76 20.16 10.31
CA ASP A 1203 36.88 19.09 10.78
C ASP A 1203 37.62 17.76 10.77
N THR A 1204 38.36 17.49 9.71
CA THR A 1204 39.14 16.24 9.69
C THR A 1204 40.36 16.28 10.61
N PHE A 1205 40.73 17.45 11.12
CA PHE A 1205 42.00 17.60 11.82
C PHE A 1205 41.90 17.29 13.31
N LEU A 1206 40.71 17.32 13.89
CA LEU A 1206 40.56 17.10 15.32
C LEU A 1206 39.77 15.84 15.63
N SER A 1232 28.73 24.19 8.94
CA SER A 1232 29.43 24.71 7.78
C SER A 1232 29.19 23.86 6.55
N ALA A 1233 28.00 23.32 6.44
CA ALA A 1233 27.63 22.57 5.25
C ALA A 1233 27.22 23.47 4.11
N PHE A 1234 27.10 24.78 4.35
CA PHE A 1234 26.66 25.70 3.32
C PHE A 1234 27.80 26.49 2.69
N PHE A 1235 28.99 26.45 3.27
CA PHE A 1235 30.13 27.05 2.60
C PHE A 1235 30.45 26.32 1.31
N ARG A 1236 29.88 25.14 1.11
CA ARG A 1236 30.13 24.37 -0.09
C ARG A 1236 29.45 24.96 -1.31
N LEU A 1237 28.62 25.97 -1.14
CA LEU A 1237 27.96 26.57 -2.30
C LEU A 1237 28.87 27.55 -3.03
N PHE A 1238 30.07 27.81 -2.50
CA PHE A 1238 30.94 28.77 -3.16
C PHE A 1238 31.65 28.14 -4.35
N ARG A 1239 32.06 26.89 -4.22
CA ARG A 1239 32.60 26.17 -5.36
C ARG A 1239 31.56 26.00 -6.46
N VAL A 1240 30.28 25.93 -6.09
CA VAL A 1240 29.22 25.79 -7.08
C VAL A 1240 28.95 27.07 -7.82
N MET A 1241 28.97 28.21 -7.15
CA MET A 1241 28.69 29.49 -7.77
C MET A 1241 29.77 29.91 -8.74
N ARG A 1242 30.90 29.22 -8.74
CA ARG A 1242 31.97 29.57 -9.66
C ARG A 1242 31.51 29.55 -11.10
N LEU A 1243 30.56 28.70 -11.43
CA LEU A 1243 30.14 28.59 -12.81
C LEU A 1243 29.14 29.65 -13.21
N ILE A 1244 28.69 30.46 -12.24
CA ILE A 1244 27.85 31.60 -12.57
C ILE A 1244 28.65 32.69 -13.25
N LYS A 1245 29.96 32.71 -13.06
CA LYS A 1245 30.80 33.70 -13.73
C LYS A 1245 31.22 33.26 -15.12
N LEU A 1246 30.54 32.25 -15.66
CA LEU A 1246 30.50 32.01 -17.08
C LEU A 1246 29.74 33.11 -17.81
N LEU A 1247 29.24 34.08 -17.07
CA LEU A 1247 28.24 35.04 -17.54
C LEU A 1247 28.85 36.36 -18.00
N SER A 1248 30.14 36.57 -17.76
CA SER A 1248 30.79 37.77 -18.26
C SER A 1248 31.00 37.71 -19.77
N ARG A 1249 30.73 36.58 -20.39
CA ARG A 1249 30.97 36.37 -21.80
C ARG A 1249 29.69 36.21 -22.60
N ALA A 1250 28.66 35.62 -22.00
CA ALA A 1250 27.42 35.43 -22.72
C ALA A 1250 26.71 36.76 -22.87
N GLU A 1251 27.24 37.64 -23.73
CA GLU A 1251 26.74 39.00 -23.81
C GLU A 1251 25.25 39.06 -24.12
N GLY A 1252 24.73 38.11 -24.89
CA GLY A 1252 23.30 38.08 -25.15
C GLY A 1252 22.52 37.74 -23.90
N VAL A 1253 22.95 36.72 -23.18
CA VAL A 1253 22.23 36.32 -21.98
C VAL A 1253 22.35 37.36 -20.89
N ARG A 1254 23.53 37.97 -20.76
CA ARG A 1254 23.68 39.03 -19.77
C ARG A 1254 22.81 40.24 -20.12
N THR A 1255 22.76 40.60 -21.40
CA THR A 1255 21.81 41.61 -21.83
C THR A 1255 20.39 41.27 -21.41
N LEU A 1256 19.98 40.03 -21.67
CA LEU A 1256 18.60 39.65 -21.40
C LEU A 1256 18.31 39.65 -19.92
N LEU A 1257 19.32 39.39 -19.09
CA LEU A 1257 19.10 39.41 -17.66
C LEU A 1257 19.04 40.85 -17.15
N TRP A 1258 19.94 41.71 -17.63
CA TRP A 1258 19.93 43.09 -17.16
C TRP A 1258 18.66 43.81 -17.58
N THR A 1259 18.20 43.57 -18.80
CA THR A 1259 17.01 44.26 -19.29
C THR A 1259 15.84 44.06 -18.34
N PHE A 1260 15.76 42.90 -17.69
CA PHE A 1260 14.64 42.60 -16.81
C PHE A 1260 14.95 42.93 -15.36
N ILE A 1261 16.22 42.88 -14.96
CA ILE A 1261 16.52 43.28 -13.59
C ILE A 1261 16.35 44.79 -13.43
N LYS A 1262 16.73 45.56 -14.44
CA LYS A 1262 16.52 47.01 -14.38
C LYS A 1262 15.04 47.35 -14.27
N SER A 1263 14.16 46.48 -14.75
CA SER A 1263 12.74 46.76 -14.71
C SER A 1263 12.04 46.15 -13.50
N PHE A 1264 12.63 45.15 -12.88
CA PHE A 1264 12.15 44.75 -11.58
C PHE A 1264 12.60 45.72 -10.51
N GLN A 1265 13.72 46.39 -10.71
CA GLN A 1265 14.21 47.41 -9.78
C GLN A 1265 13.57 48.77 -10.03
N ALA A 1266 12.62 48.85 -10.96
CA ALA A 1266 11.94 50.11 -11.27
C ALA A 1266 10.48 50.11 -10.84
N LEU A 1267 9.83 48.96 -10.73
CA LEU A 1267 8.43 48.86 -10.34
C LEU A 1267 8.32 48.00 -9.09
N PRO A 1268 8.78 48.49 -7.94
CA PRO A 1268 8.63 47.74 -6.69
C PRO A 1268 7.31 48.00 -5.97
N TYR A 1269 6.64 49.09 -6.31
CA TYR A 1269 5.40 49.41 -5.62
C TYR A 1269 4.29 48.46 -6.00
N VAL A 1270 4.38 47.82 -7.16
CA VAL A 1270 3.39 46.80 -7.49
C VAL A 1270 3.67 45.52 -6.75
N ALA A 1271 4.93 45.11 -6.62
CA ALA A 1271 5.22 43.96 -5.80
C ALA A 1271 4.87 44.20 -4.34
N LEU A 1272 4.86 45.46 -3.91
CA LEU A 1272 4.39 45.74 -2.56
C LEU A 1272 2.94 45.36 -2.41
N LEU A 1273 2.14 45.47 -3.47
CA LEU A 1273 0.76 45.02 -3.40
C LEU A 1273 0.70 43.54 -3.08
N ILE A 1274 1.50 42.73 -3.78
CA ILE A 1274 1.50 41.30 -3.53
C ILE A 1274 1.93 41.00 -2.10
N VAL A 1275 2.97 41.69 -1.63
CA VAL A 1275 3.44 41.44 -0.27
C VAL A 1275 2.36 41.80 0.74
N MET A 1276 1.68 42.93 0.54
CA MET A 1276 0.62 43.29 1.47
C MET A 1276 -0.54 42.31 1.41
N LEU A 1277 -0.84 41.79 0.22
CA LEU A 1277 -1.90 40.79 0.11
C LEU A 1277 -1.56 39.55 0.90
N PHE A 1278 -0.35 39.05 0.74
CA PHE A 1278 0.07 37.89 1.52
C PHE A 1278 0.02 38.19 3.00
N PHE A 1279 0.41 39.39 3.40
CA PHE A 1279 0.40 39.72 4.83
C PHE A 1279 -1.03 39.71 5.38
N ILE A 1280 -1.92 40.46 4.76
CA ILE A 1280 -3.30 40.54 5.23
C ILE A 1280 -3.93 39.15 5.29
N TYR A 1281 -3.81 38.38 4.21
CA TYR A 1281 -4.47 37.09 4.17
C TYR A 1281 -3.84 36.11 5.14
N ALA A 1282 -2.53 36.15 5.35
CA ALA A 1282 -1.93 35.27 6.32
C ALA A 1282 -2.41 35.58 7.72
N VAL A 1283 -2.59 36.86 8.05
CA VAL A 1283 -3.04 37.19 9.41
C VAL A 1283 -4.51 36.80 9.59
N ILE A 1284 -5.35 37.15 8.62
CA ILE A 1284 -6.75 36.74 8.69
C ILE A 1284 -6.86 35.25 8.88
N GLY A 1285 -6.13 34.46 8.08
CA GLY A 1285 -6.24 33.03 8.18
C GLY A 1285 -5.65 32.49 9.47
N MET A 1286 -4.57 33.11 9.96
CA MET A 1286 -4.02 32.72 11.23
C MET A 1286 -5.04 32.87 12.34
N GLN A 1287 -5.93 33.85 12.20
CA GLN A 1287 -6.98 34.03 13.21
C GLN A 1287 -8.15 33.08 12.97
N MET A 1288 -8.56 32.89 11.71
CA MET A 1288 -9.78 32.16 11.43
C MET A 1288 -9.60 30.66 11.68
N PHE A 1289 -8.72 30.01 10.94
CA PHE A 1289 -8.47 28.58 11.09
C PHE A 1289 -7.04 28.41 11.56
N GLY A 1290 -6.82 28.52 12.85
CA GLY A 1290 -5.48 28.37 13.39
C GLY A 1290 -5.47 27.46 14.58
N LYS A 1291 -6.66 27.00 14.96
CA LYS A 1291 -6.82 26.07 16.07
C LYS A 1291 -7.14 24.67 15.60
N ILE A 1292 -6.93 24.38 14.34
CA ILE A 1292 -7.21 23.05 13.80
C ILE A 1292 -6.07 22.11 14.18
N ALA A 1293 -6.39 20.84 14.33
CA ALA A 1293 -5.39 19.87 14.76
C ALA A 1293 -4.46 19.51 13.61
N LEU A 1294 -3.20 19.29 13.93
CA LEU A 1294 -2.21 18.87 12.95
C LEU A 1294 -2.20 17.35 12.90
N VAL A 1295 -3.12 16.78 12.14
CA VAL A 1295 -3.18 15.35 11.94
C VAL A 1295 -2.53 15.03 10.60
N ASP A 1296 -1.69 14.00 10.57
CA ASP A 1296 -1.09 13.55 9.33
C ASP A 1296 -2.10 12.73 8.54
N GLY A 1297 -1.93 12.72 7.23
CA GLY A 1297 -2.91 12.13 6.37
C GLY A 1297 -4.03 13.05 5.95
N THR A 1298 -3.97 14.31 6.35
CA THR A 1298 -4.85 15.37 5.89
C THR A 1298 -3.99 16.45 5.25
N GLN A 1299 -4.61 17.57 4.92
CA GLN A 1299 -3.88 18.66 4.30
C GLN A 1299 -3.48 19.75 5.26
N ILE A 1300 -4.02 19.74 6.48
CA ILE A 1300 -3.55 20.60 7.54
C ILE A 1300 -2.75 19.71 8.47
N ASN A 1301 -1.42 19.77 8.36
CA ASN A 1301 -0.53 18.81 8.96
C ASN A 1301 0.65 19.57 9.51
N ARG A 1302 1.73 18.86 9.84
CA ARG A 1302 2.88 19.53 10.43
C ARG A 1302 3.56 20.46 9.44
N ASN A 1303 3.47 20.16 8.15
CA ASN A 1303 4.24 20.91 7.18
C ASN A 1303 3.46 22.08 6.60
N ASN A 1304 2.14 22.02 6.63
CA ASN A 1304 1.28 22.98 5.95
C ASN A 1304 0.13 23.30 6.90
N ASN A 1305 0.30 24.32 7.71
CA ASN A 1305 -0.72 24.65 8.69
C ASN A 1305 -0.73 26.16 8.92
N PHE A 1306 -1.59 26.61 9.82
CA PHE A 1306 -1.80 28.02 10.10
C PHE A 1306 -1.41 28.39 11.52
N GLN A 1307 -0.48 27.68 12.14
CA GLN A 1307 -0.15 27.98 13.52
C GLN A 1307 0.65 29.27 13.62
N THR A 1308 1.80 29.32 13.00
CA THR A 1308 2.67 30.47 13.08
C THR A 1308 2.53 31.31 11.81
N PHE A 1309 3.29 32.38 11.75
CA PHE A 1309 3.20 33.28 10.61
C PHE A 1309 3.96 32.76 9.39
N PRO A 1310 5.18 32.24 9.55
CA PRO A 1310 5.83 31.64 8.38
C PRO A 1310 5.07 30.46 7.81
N GLN A 1311 4.47 29.62 8.64
CA GLN A 1311 3.73 28.51 8.10
C GLN A 1311 2.52 28.98 7.30
N ALA A 1312 1.83 30.00 7.78
CA ALA A 1312 0.70 30.54 7.03
C ALA A 1312 1.16 31.15 5.72
N VAL A 1313 2.30 31.83 5.71
CA VAL A 1313 2.71 32.45 4.46
C VAL A 1313 3.20 31.41 3.48
N LEU A 1314 3.83 30.35 3.95
CA LEU A 1314 4.21 29.27 3.06
C LEU A 1314 3.00 28.57 2.49
N LEU A 1315 1.96 28.37 3.32
CA LEU A 1315 0.73 27.80 2.80
C LEU A 1315 0.13 28.67 1.72
N LEU A 1316 0.09 29.98 1.94
CA LEU A 1316 -0.48 30.85 0.92
C LEU A 1316 0.34 30.80 -0.35
N PHE A 1317 1.66 30.81 -0.22
CA PHE A 1317 2.50 30.71 -1.40
C PHE A 1317 2.28 29.40 -2.11
N ARG A 1318 1.96 28.34 -1.39
CA ARG A 1318 1.65 27.08 -2.04
C ARG A 1318 0.36 27.17 -2.83
N CYS A 1319 -0.66 27.83 -2.28
CA CYS A 1319 -1.91 27.99 -3.01
C CYS A 1319 -1.77 28.92 -4.20
N ALA A 1320 -0.84 29.87 -4.17
CA ALA A 1320 -0.64 30.74 -5.31
C ALA A 1320 -0.11 29.96 -6.50
N THR A 1321 0.87 29.11 -6.27
CA THR A 1321 1.40 28.24 -7.30
C THR A 1321 0.36 27.31 -7.86
N GLY A 1322 -0.69 27.03 -7.11
CA GLY A 1322 -1.72 26.14 -7.58
C GLY A 1322 -1.38 24.72 -7.21
N GLU A 1323 -1.01 24.51 -5.98
CA GLU A 1323 -0.95 23.16 -5.47
C GLU A 1323 -2.36 22.80 -5.03
N ALA A 1324 -2.55 21.71 -4.31
CA ALA A 1324 -3.91 21.24 -4.17
C ALA A 1324 -4.71 22.18 -3.27
N TRP A 1325 -4.92 23.41 -3.74
CA TRP A 1325 -5.53 24.42 -2.90
C TRP A 1325 -6.96 24.09 -2.54
N GLN A 1326 -7.64 23.28 -3.35
CA GLN A 1326 -9.00 22.91 -2.99
C GLN A 1326 -9.04 21.86 -1.89
N GLU A 1327 -7.99 21.06 -1.73
CA GLU A 1327 -7.95 20.16 -0.60
C GLU A 1327 -7.62 20.87 0.69
N ILE A 1328 -6.81 21.92 0.64
CA ILE A 1328 -6.68 22.77 1.82
C ILE A 1328 -7.99 23.44 2.12
N LEU A 1329 -8.70 23.89 1.08
CA LEU A 1329 -10.00 24.51 1.27
C LEU A 1329 -10.94 23.57 2.00
N LEU A 1330 -10.98 22.32 1.61
CA LEU A 1330 -11.81 21.35 2.29
C LEU A 1330 -11.25 20.90 3.61
N ALA A 1331 -9.98 21.17 3.88
CA ALA A 1331 -9.42 20.74 5.14
C ALA A 1331 -9.77 21.65 6.29
N CYS A 1332 -10.43 22.77 6.05
CA CYS A 1332 -10.92 23.63 7.13
C CYS A 1332 -12.33 24.12 6.82
N SER A 1333 -13.34 23.32 7.17
CA SER A 1333 -14.72 23.76 7.01
C SER A 1333 -15.59 23.09 8.08
N TYR A 1334 -15.71 23.73 9.24
CA TYR A 1334 -16.59 23.32 10.33
C TYR A 1334 -16.80 21.82 10.48
N GLY A 1335 -15.75 21.04 10.56
CA GLY A 1335 -15.92 19.68 10.99
C GLY A 1335 -14.69 19.20 11.70
N LYS A 1336 -13.78 20.12 11.95
CA LYS A 1336 -12.38 19.78 12.15
C LYS A 1336 -12.06 19.69 13.63
N LEU A 1337 -11.52 18.54 14.02
CA LEU A 1337 -11.05 18.34 15.38
C LEU A 1337 -10.13 19.45 15.81
N CYS A 1338 -10.37 19.97 17.00
CA CYS A 1338 -9.65 21.13 17.50
C CYS A 1338 -8.32 20.71 18.12
N ASP A 1339 -7.38 21.64 18.10
CA ASP A 1339 -6.08 21.37 18.70
C ASP A 1339 -6.23 21.16 20.19
N PRO A 1340 -5.47 20.23 20.78
CA PRO A 1340 -5.60 20.01 22.22
C PRO A 1340 -5.19 21.21 23.06
N GLU A 1341 -4.17 21.94 22.65
CA GLU A 1341 -3.72 23.07 23.44
C GLU A 1341 -4.65 24.28 23.34
N SER A 1342 -5.67 24.21 22.48
CA SER A 1342 -6.59 25.33 22.37
C SER A 1342 -7.47 25.42 23.60
N ASP A 1343 -8.12 26.56 23.76
CA ASP A 1343 -9.01 26.80 24.87
C ASP A 1343 -10.44 26.69 24.34
N TYR A 1344 -11.15 25.66 24.77
CA TYR A 1344 -12.48 25.40 24.24
C TYR A 1344 -13.27 24.53 25.22
N ALA A 1345 -14.58 24.57 25.08
CA ALA A 1345 -15.46 23.86 26.01
C ALA A 1345 -15.28 22.35 25.84
N PRO A 1346 -15.52 21.57 26.89
CA PRO A 1346 -15.39 20.12 26.77
C PRO A 1346 -16.49 19.56 25.90
N GLY A 1347 -16.23 18.42 25.29
CA GLY A 1347 -17.14 17.86 24.32
C GLY A 1347 -17.30 18.68 23.07
N GLU A 1348 -16.81 19.91 23.05
CA GLU A 1348 -16.86 20.77 21.88
C GLU A 1348 -15.62 20.56 21.02
N GLU A 1349 -15.37 19.30 20.66
CA GLU A 1349 -14.16 18.94 19.92
C GLU A 1349 -14.28 19.26 18.45
N TYR A 1350 -15.21 18.62 17.75
CA TYR A 1350 -15.35 18.78 16.31
C TYR A 1350 -16.03 20.11 15.98
N THR A 1351 -15.35 21.19 16.35
CA THR A 1351 -15.90 22.52 16.15
C THR A 1351 -14.92 23.50 15.52
N CYS A 1352 -13.71 23.10 15.21
CA CYS A 1352 -12.79 24.03 14.61
C CYS A 1352 -13.03 24.13 13.11
N GLY A 1353 -12.47 25.16 12.50
CA GLY A 1353 -12.69 25.38 11.09
C GLY A 1353 -13.99 26.10 10.82
N THR A 1354 -14.07 26.81 9.72
CA THR A 1354 -15.24 27.62 9.40
C THR A 1354 -15.58 27.47 7.93
N ASN A 1355 -16.84 27.72 7.60
CA ASN A 1355 -17.23 27.76 6.21
C ASN A 1355 -16.80 29.04 5.52
N PHE A 1356 -16.37 30.04 6.28
CA PHE A 1356 -15.69 31.19 5.70
C PHE A 1356 -14.57 30.76 4.78
N ALA A 1357 -14.07 29.53 4.92
CA ALA A 1357 -13.02 29.04 4.04
C ALA A 1357 -13.41 29.20 2.59
N TYR A 1358 -14.67 28.96 2.26
CA TYR A 1358 -15.05 29.05 0.86
C TYR A 1358 -14.85 30.44 0.32
N TYR A 1359 -15.07 31.46 1.16
CA TYR A 1359 -14.80 32.82 0.73
C TYR A 1359 -13.32 33.14 0.80
N TYR A 1360 -12.61 32.53 1.73
CA TYR A 1360 -11.23 32.88 1.94
C TYR A 1360 -10.38 32.47 0.77
N PHE A 1361 -10.42 31.20 0.40
CA PHE A 1361 -9.55 30.71 -0.66
C PHE A 1361 -9.99 31.22 -2.01
N ILE A 1362 -11.25 31.03 -2.37
CA ILE A 1362 -11.73 31.47 -3.67
C ILE A 1362 -11.39 32.92 -3.92
N SER A 1363 -11.50 33.76 -2.89
CA SER A 1363 -11.12 35.16 -3.08
C SER A 1363 -9.63 35.28 -3.30
N PHE A 1364 -8.84 34.74 -2.39
CA PHE A 1364 -7.39 34.85 -2.47
C PHE A 1364 -6.90 34.51 -3.85
N TYR A 1365 -7.16 33.27 -4.28
CA TYR A 1365 -6.76 32.82 -5.60
C TYR A 1365 -7.04 33.89 -6.63
N MET A 1366 -8.29 34.32 -6.72
CA MET A 1366 -8.64 35.27 -7.77
C MET A 1366 -7.77 36.51 -7.68
N LEU A 1367 -7.72 37.14 -6.50
CA LEU A 1367 -6.87 38.31 -6.33
C LEU A 1367 -5.44 38.01 -6.70
N CYS A 1368 -4.89 36.93 -6.17
CA CYS A 1368 -3.49 36.66 -6.43
C CYS A 1368 -3.28 36.28 -7.87
N ALA A 1369 -4.27 35.73 -8.54
CA ALA A 1369 -4.10 35.47 -9.96
C ALA A 1369 -4.14 36.77 -10.72
N PHE A 1370 -4.87 37.74 -10.21
CA PHE A 1370 -4.99 39.04 -10.86
C PHE A 1370 -3.70 39.82 -10.73
N LEU A 1371 -3.28 40.10 -9.50
CA LEU A 1371 -2.08 40.89 -9.26
C LEU A 1371 -0.91 40.39 -10.08
N ILE A 1372 -0.58 39.11 -9.95
CA ILE A 1372 0.55 38.56 -10.68
C ILE A 1372 0.48 38.92 -12.14
N ILE A 1373 -0.68 38.74 -12.77
CA ILE A 1373 -0.80 39.08 -14.19
C ILE A 1373 -0.45 40.54 -14.41
N ASN A 1374 -1.09 41.42 -13.65
CA ASN A 1374 -0.68 42.82 -13.58
C ASN A 1374 0.84 42.93 -13.51
N LEU A 1375 1.45 42.35 -12.49
CA LEU A 1375 2.90 42.44 -12.30
C LEU A 1375 3.66 41.95 -13.52
N PHE A 1376 3.14 40.96 -14.24
CA PHE A 1376 3.87 40.51 -15.42
C PHE A 1376 3.89 41.56 -16.51
N VAL A 1377 2.75 42.21 -16.78
CA VAL A 1377 2.72 43.03 -17.98
C VAL A 1377 3.43 44.36 -17.76
N ALA A 1378 3.34 44.92 -16.56
CA ALA A 1378 4.15 46.09 -16.24
C ALA A 1378 5.60 45.83 -16.61
N VAL A 1379 6.21 44.84 -15.97
CA VAL A 1379 7.57 44.44 -16.28
C VAL A 1379 7.75 44.18 -17.76
N ILE A 1380 6.74 43.65 -18.42
CA ILE A 1380 6.90 43.43 -19.85
C ILE A 1380 6.86 44.76 -20.58
N MET A 1381 5.81 45.54 -20.36
CA MET A 1381 5.67 46.76 -21.15
C MET A 1381 6.76 47.75 -20.83
N ASP A 1382 7.24 47.76 -19.59
CA ASP A 1382 8.35 48.62 -19.21
C ASP A 1382 9.54 48.43 -20.13
N ASN A 1383 9.75 47.23 -20.66
CA ASN A 1383 10.87 46.96 -21.54
C ASN A 1383 10.46 46.83 -23.00
N PHE A 1384 9.31 47.37 -23.38
CA PHE A 1384 8.82 47.06 -24.71
C PHE A 1384 9.73 47.56 -25.82
N ASP A 1385 10.71 48.41 -25.51
CA ASP A 1385 11.68 48.80 -26.52
C ASP A 1385 12.60 47.64 -26.88
N TYR A 1386 13.08 46.91 -25.88
CA TYR A 1386 14.04 45.86 -26.14
C TYR A 1386 13.41 44.70 -26.88
N LEU A 1387 12.20 44.30 -26.49
CA LEU A 1387 11.56 43.15 -27.11
C LEU A 1387 11.20 43.44 -28.55
N THR A 1388 10.50 44.54 -28.80
CA THR A 1388 10.09 44.94 -30.14
C THR A 1388 11.20 45.78 -30.76
N ARG A 1389 12.25 45.10 -31.21
CA ARG A 1389 13.45 45.78 -31.66
C ARG A 1389 14.04 45.03 -32.83
N ASP A 1390 14.59 45.79 -33.78
CA ASP A 1390 15.35 45.20 -34.86
C ASP A 1390 16.84 45.34 -34.56
N TRP A 1391 17.54 44.21 -34.59
CA TRP A 1391 18.98 44.21 -34.38
C TRP A 1391 19.74 44.35 -35.68
N SER A 1392 19.04 44.52 -36.80
CA SER A 1392 19.65 44.69 -38.11
C SER A 1392 19.78 46.14 -38.53
N ILE A 1393 18.78 46.97 -38.26
CA ILE A 1393 18.85 48.35 -38.72
C ILE A 1393 19.74 49.19 -37.80
N LEU A 1394 19.46 49.19 -36.50
CA LEU A 1394 20.17 50.06 -35.57
C LEU A 1394 19.78 49.67 -34.16
N GLY A 1395 20.25 50.45 -33.19
CA GLY A 1395 19.94 50.21 -31.80
C GLY A 1395 21.05 50.72 -30.91
N PRO A 1396 20.89 50.57 -29.60
CA PRO A 1396 21.95 50.98 -28.68
C PRO A 1396 23.13 50.03 -28.66
N HIS A 1397 23.03 48.86 -29.28
CA HIS A 1397 24.19 47.98 -29.32
C HIS A 1397 25.27 48.55 -30.24
N HIS A 1398 24.87 49.10 -31.39
CA HIS A 1398 25.83 49.75 -32.28
C HIS A 1398 26.54 50.92 -31.60
N LEU A 1399 25.78 51.73 -30.87
CA LEU A 1399 26.42 52.83 -30.15
C LEU A 1399 27.30 52.33 -29.00
N ASP A 1400 26.90 51.26 -28.33
CA ASP A 1400 27.77 50.68 -27.32
C ASP A 1400 29.08 50.18 -27.95
N GLU A 1401 29.00 49.64 -29.16
CA GLU A 1401 30.22 49.20 -29.82
C GLU A 1401 31.08 50.37 -30.26
N PHE A 1402 30.46 51.47 -30.66
CA PHE A 1402 31.22 52.69 -30.92
C PHE A 1402 31.96 53.13 -29.67
N LYS A 1403 31.28 53.11 -28.53
CA LYS A 1403 31.93 53.41 -27.26
C LYS A 1403 33.10 52.46 -26.99
N ALA A 1404 32.93 51.19 -27.36
CA ALA A 1404 34.00 50.22 -27.17
C ALA A 1404 35.24 50.58 -27.97
N ILE A 1405 35.07 50.84 -29.27
CA ILE A 1405 36.25 51.16 -30.07
C ILE A 1405 36.84 52.51 -29.66
N TRP A 1406 36.02 53.42 -29.14
CA TRP A 1406 36.56 54.66 -28.59
C TRP A 1406 37.49 54.36 -27.42
N ALA A 1407 36.92 53.78 -26.37
CA ALA A 1407 37.70 53.49 -25.17
C ALA A 1407 38.91 52.65 -25.47
N GLU A 1408 38.93 51.95 -26.60
CA GLU A 1408 40.17 51.27 -27.00
C GLU A 1408 41.28 52.28 -27.25
N TYR A 1409 40.97 53.43 -27.84
CA TYR A 1409 41.98 54.42 -28.15
C TYR A 1409 42.17 55.43 -27.03
N ASP A 1410 41.11 55.81 -26.34
CA ASP A 1410 41.17 56.64 -25.15
C ASP A 1410 41.01 55.73 -23.95
N PRO A 1411 42.09 55.19 -23.41
CA PRO A 1411 41.95 54.21 -22.33
C PRO A 1411 41.23 54.79 -21.12
N GLU A 1412 41.80 55.80 -20.50
CA GLU A 1412 41.07 56.49 -19.45
C GLU A 1412 40.15 57.52 -20.10
N ALA A 1413 39.12 57.94 -19.37
CA ALA A 1413 38.21 58.90 -19.96
C ALA A 1413 38.94 60.20 -20.27
N LYS A 1414 39.35 60.93 -19.24
CA LYS A 1414 40.12 62.18 -19.36
C LYS A 1414 39.58 63.07 -20.47
N GLY A 1415 38.27 63.03 -20.71
CA GLY A 1415 37.69 63.79 -21.80
C GLY A 1415 37.87 63.11 -23.15
N ARG A 1416 38.16 63.90 -24.18
CA ARG A 1416 38.22 63.39 -25.54
C ARG A 1416 39.64 63.45 -26.08
N ILE A 1417 39.84 62.79 -27.22
CA ILE A 1417 41.15 62.39 -27.69
C ILE A 1417 41.55 63.30 -28.87
N LYS A 1418 42.81 63.15 -29.29
CA LYS A 1418 43.36 63.89 -30.43
C LYS A 1418 42.64 63.53 -31.73
N HIS A 1419 42.89 64.36 -32.76
CA HIS A 1419 42.14 64.28 -34.00
C HIS A 1419 42.29 62.93 -34.67
N LEU A 1420 43.49 62.64 -35.18
CA LEU A 1420 43.67 61.51 -36.09
C LEU A 1420 43.78 60.19 -35.33
N ASP A 1421 44.80 60.06 -34.50
CA ASP A 1421 44.92 58.93 -33.59
C ASP A 1421 45.11 59.45 -32.17
N VAL A 1423 40.69 59.70 -36.74
CA VAL A 1423 39.86 59.83 -37.94
C VAL A 1423 40.02 58.57 -38.81
N THR A 1424 40.89 57.65 -38.36
CA THR A 1424 41.03 56.37 -39.03
C THR A 1424 39.93 55.39 -38.64
N LEU A 1425 39.25 55.62 -37.53
CA LEU A 1425 38.40 54.62 -36.91
C LEU A 1425 37.34 54.07 -37.84
N LEU A 1426 37.01 54.80 -38.91
CA LEU A 1426 35.96 54.33 -39.82
C LEU A 1426 36.29 53.00 -40.47
N ARG A 1427 37.43 52.40 -40.16
CA ARG A 1427 37.74 51.05 -40.55
C ARG A 1427 37.43 50.04 -39.44
N ARG A 1428 37.37 50.49 -38.19
CA ARG A 1428 36.92 49.65 -37.08
C ARG A 1428 35.41 49.77 -36.84
N ILE A 1429 34.69 50.37 -37.78
CA ILE A 1429 33.27 50.66 -37.64
C ILE A 1429 32.47 49.74 -38.54
N GLN A 1430 31.39 49.21 -37.99
CA GLN A 1430 30.47 48.38 -38.77
C GLN A 1430 29.74 49.23 -39.80
N PRO A 1431 29.38 48.64 -40.93
CA PRO A 1431 28.70 49.39 -42.00
C PRO A 1431 27.45 50.09 -41.52
N PRO A 1432 26.61 49.47 -40.64
CA PRO A 1432 25.42 50.19 -40.14
C PRO A 1432 25.73 51.52 -39.46
N LEU A 1433 26.99 51.74 -39.11
CA LEU A 1433 27.41 53.03 -38.58
C LEU A 1433 28.37 53.78 -39.49
N GLY A 1434 29.19 53.08 -40.28
CA GLY A 1434 30.11 53.73 -41.19
C GLY A 1434 31.16 52.77 -41.73
N MET B 1 34.09 61.03 -2.76
CA MET B 1 33.24 61.61 -1.72
C MET B 1 31.79 61.24 -1.95
N SER B 2 31.42 61.09 -3.22
CA SER B 2 30.06 60.65 -3.55
C SER B 2 29.81 59.22 -3.09
N PRO B 3 30.71 58.26 -3.30
CA PRO B 3 30.57 56.95 -2.66
C PRO B 3 31.35 56.80 -1.37
N THR B 4 31.97 57.85 -0.85
CA THR B 4 32.73 57.77 0.37
C THR B 4 32.19 58.66 1.48
N GLU B 5 31.97 59.95 1.21
CA GLU B 5 31.52 60.86 2.25
C GLU B 5 30.08 61.30 2.07
N ALA B 6 29.29 60.57 1.30
CA ALA B 6 27.85 60.71 1.37
C ALA B 6 27.36 60.13 2.69
N PRO B 7 26.12 60.47 3.11
CA PRO B 7 25.67 60.01 4.44
C PRO B 7 25.52 58.51 4.55
N LYS B 8 24.98 57.86 3.51
CA LYS B 8 24.62 56.45 3.61
C LYS B 8 25.83 55.57 3.89
N VAL B 9 27.02 55.99 3.48
CA VAL B 9 28.20 55.19 3.80
C VAL B 9 28.55 55.33 5.27
N ARG B 10 28.39 56.52 5.84
CA ARG B 10 28.75 56.74 7.23
C ARG B 10 27.79 56.04 8.18
N VAL B 11 26.48 56.07 7.88
CA VAL B 11 25.55 55.35 8.74
C VAL B 11 25.78 53.85 8.66
N THR B 12 26.06 53.35 7.45
CA THR B 12 26.31 51.92 7.29
C THR B 12 27.58 51.49 8.01
N LEU B 13 28.60 52.34 8.02
CA LEU B 13 29.79 51.96 8.76
C LEU B 13 29.57 52.10 10.26
N PHE B 14 28.64 52.96 10.69
CA PHE B 14 28.26 52.92 12.11
C PHE B 14 27.62 51.59 12.45
N CYS B 15 26.75 51.11 11.57
CA CYS B 15 26.20 49.77 11.73
C CYS B 15 27.30 48.73 11.81
N ILE B 16 28.32 48.84 10.95
CA ILE B 16 29.44 47.92 10.98
C ILE B 16 30.18 48.02 12.31
N LEU B 17 30.34 49.24 12.83
CA LEU B 17 31.10 49.41 14.06
C LEU B 17 30.37 48.81 15.25
N VAL B 18 29.04 48.97 15.29
CA VAL B 18 28.29 48.31 16.35
C VAL B 18 28.39 46.80 16.21
N GLY B 19 28.31 46.29 14.97
CA GLY B 19 28.52 44.87 14.77
C GLY B 19 29.89 44.42 15.27
N ILE B 20 30.92 45.22 15.00
CA ILE B 20 32.27 44.87 15.42
C ILE B 20 32.37 44.83 16.93
N VAL B 21 31.77 45.81 17.61
CA VAL B 21 31.91 45.84 19.06
C VAL B 21 31.10 44.71 19.70
N LEU B 22 29.91 44.42 19.17
CA LEU B 22 29.15 43.29 19.66
C LEU B 22 29.87 41.98 19.41
N ALA B 23 30.59 41.88 18.29
CA ALA B 23 31.31 40.65 17.97
C ALA B 23 32.54 40.48 18.85
N MET B 24 33.30 41.56 19.05
CA MET B 24 34.48 41.49 19.92
C MET B 24 34.10 41.29 21.38
N THR B 25 32.86 41.63 21.76
CA THR B 25 32.41 41.41 23.12
C THR B 25 31.65 40.09 23.31
N ALA B 26 31.11 39.52 22.24
CA ALA B 26 30.38 38.26 22.34
C ALA B 26 31.28 37.04 22.22
N VAL B 27 32.59 37.23 22.11
CA VAL B 27 33.49 36.10 21.95
C VAL B 27 34.00 35.62 23.31
N VAL B 28 34.70 36.48 24.04
CA VAL B 28 35.32 36.06 25.30
C VAL B 28 34.32 35.88 26.42
N SER B 29 33.09 36.33 26.23
CA SER B 29 32.06 36.29 27.27
C SER B 29 31.43 34.91 27.30
N ASP B 30 31.30 34.34 28.49
CA ASP B 30 30.76 32.98 28.67
C ASP B 30 29.29 33.08 29.08
N HIS B 31 28.47 33.61 28.17
CA HIS B 31 27.14 34.08 28.54
C HIS B 31 26.04 33.50 27.64
N TRP B 32 26.10 32.23 27.25
CA TRP B 32 25.05 31.80 26.33
C TRP B 32 24.50 30.38 26.50
N ALA B 33 24.87 29.65 27.54
CA ALA B 33 24.24 28.34 27.70
C ALA B 33 24.35 27.89 29.13
N VAL B 34 23.39 27.06 29.54
CA VAL B 34 23.30 26.55 30.90
C VAL B 34 22.88 25.09 30.83
N LEU B 35 23.03 24.41 31.97
CA LEU B 35 22.59 23.03 32.10
C LEU B 35 22.35 22.73 33.57
N SER B 36 21.36 21.88 33.83
CA SER B 36 21.03 21.39 35.15
C SER B 36 20.26 20.10 35.03
N PRO B 37 20.89 18.94 35.17
CA PRO B 37 20.13 17.67 35.14
C PRO B 37 19.05 17.61 36.22
N HIS B 38 19.30 18.24 37.37
CA HIS B 38 18.28 18.43 38.40
C HIS B 38 17.57 17.13 38.81
N CYS B 46 20.66 22.11 42.07
CA CYS B 46 21.32 23.41 42.12
C CYS B 46 22.78 23.32 41.67
N GLU B 47 22.99 23.01 40.39
CA GLU B 47 24.33 22.84 39.82
C GLU B 47 24.39 23.48 38.44
N ALA B 48 23.83 24.68 38.31
CA ALA B 48 23.65 25.28 36.99
C ALA B 48 25.00 25.61 36.37
N ALA B 49 25.35 24.90 35.31
CA ALA B 49 26.58 25.19 34.59
C ALA B 49 26.36 26.33 33.60
N HIS B 50 27.47 26.84 33.07
CA HIS B 50 27.46 28.03 32.24
C HIS B 50 28.55 27.90 31.20
N PHE B 51 28.17 28.03 29.94
CA PHE B 51 29.03 27.78 28.80
C PHE B 51 29.82 29.03 28.42
N GLY B 52 30.75 28.84 27.52
CA GLY B 52 31.47 29.95 26.93
C GLY B 52 31.91 29.53 25.55
N LEU B 53 33.10 29.98 25.18
CA LEU B 53 33.75 29.54 23.95
C LEU B 53 35.00 28.72 24.19
N TRP B 54 35.60 28.87 25.36
CA TRP B 54 36.81 28.12 25.68
C TRP B 54 36.62 27.24 26.92
N ARG B 55 36.19 27.84 28.01
CA ARG B 55 35.97 27.09 29.25
C ARG B 55 34.60 27.43 29.82
N ILE B 56 34.06 26.51 30.62
CA ILE B 56 32.76 26.71 31.24
C ILE B 56 32.90 26.96 32.73
N CYS B 57 31.86 27.52 33.33
CA CYS B 57 31.86 27.82 34.76
C CYS B 57 30.61 27.28 35.42
N THR B 58 30.73 26.92 36.70
CA THR B 58 29.60 26.37 37.45
C THR B 58 29.15 27.28 38.58
N LYS B 59 27.84 27.44 38.71
CA LYS B 59 27.27 28.29 39.76
C LYS B 59 25.99 27.67 40.32
N ARG B 60 25.90 27.60 41.64
CA ARG B 60 24.74 27.04 42.32
C ARG B 60 23.62 28.07 42.45
N GLY B 76 29.74 30.58 46.92
CA GLY B 76 29.45 29.38 46.15
C GLY B 76 30.62 28.96 45.28
N GLU B 77 31.14 27.76 45.53
CA GLU B 77 32.27 27.23 44.77
C GLU B 77 32.05 27.30 43.27
N LYS B 78 33.03 27.87 42.56
CA LYS B 78 32.94 28.01 41.12
C LYS B 78 34.31 27.79 40.46
N ASN B 79 34.32 27.04 39.36
CA ASN B 79 35.56 26.78 38.64
C ASN B 79 35.39 27.04 37.15
N CYS B 80 36.44 27.55 36.51
CA CYS B 80 36.38 27.83 35.08
C CYS B 80 37.54 27.27 34.27
N SER B 81 37.38 26.05 33.80
CA SER B 81 38.37 25.36 32.97
C SER B 81 37.64 24.66 31.80
N TYR B 82 38.35 23.79 31.04
CA TYR B 82 38.00 23.02 29.86
C TYR B 82 36.99 21.94 30.24
N PHE B 83 36.57 21.17 29.24
CA PHE B 83 35.69 20.03 29.42
C PHE B 83 36.51 18.77 29.22
N SER B 104 34.02 20.95 20.74
CA SER B 104 33.80 22.24 21.38
C SER B 104 34.78 23.28 20.87
N ILE B 105 36.05 22.88 20.74
CA ILE B 105 37.12 23.81 20.35
C ILE B 105 36.93 24.33 18.92
N SER B 106 36.27 23.56 18.07
CA SER B 106 36.04 23.97 16.69
C SER B 106 35.41 25.35 16.62
N ALA B 107 34.44 25.63 17.50
CA ALA B 107 33.83 26.95 17.54
C ALA B 107 34.85 28.01 17.89
N ALA B 108 35.82 27.68 18.74
CA ALA B 108 36.86 28.64 19.06
C ALA B 108 37.73 28.94 17.86
N ALA B 109 38.07 27.92 17.08
CA ALA B 109 38.79 28.17 15.83
C ALA B 109 37.99 29.10 14.92
N ILE B 110 36.70 28.82 14.74
CA ILE B 110 35.90 29.66 13.86
C ILE B 110 35.88 31.09 14.38
N SER B 111 35.81 31.24 15.70
CA SER B 111 35.77 32.58 16.27
C SER B 111 37.06 33.33 16.00
N VAL B 112 38.20 32.65 16.13
CA VAL B 112 39.48 33.27 15.80
C VAL B 112 39.48 33.73 14.35
N PHE B 113 38.96 32.89 13.45
CA PHE B 113 38.93 33.27 12.04
C PHE B 113 38.05 34.49 11.82
N SER B 114 36.93 34.57 12.53
CA SER B 114 36.06 35.73 12.38
C SER B 114 36.74 37.00 12.85
N LEU B 115 37.42 36.96 14.00
CA LEU B 115 38.16 38.12 14.45
C LEU B 115 39.23 38.51 13.44
N GLY B 116 39.88 37.52 12.84
CA GLY B 116 40.86 37.83 11.81
C GLY B 116 40.24 38.58 10.64
N PHE B 117 39.05 38.15 10.21
CA PHE B 117 38.38 38.84 9.13
C PHE B 117 37.99 40.26 9.54
N LEU B 118 37.56 40.43 10.78
CA LEU B 118 37.23 41.77 11.26
C LEU B 118 38.43 42.69 11.23
N ILE B 119 39.59 42.16 11.61
CA ILE B 119 40.80 42.99 11.60
C ILE B 119 41.19 43.34 10.17
N MET B 120 41.18 42.35 9.28
CA MET B 120 41.56 42.61 7.90
C MET B 120 40.59 43.58 7.23
N GLY B 121 39.30 43.48 7.54
CA GLY B 121 38.35 44.41 6.96
C GLY B 121 38.49 45.80 7.51
N THR B 122 38.80 45.92 8.81
CA THR B 122 39.02 47.24 9.37
C THR B 122 40.26 47.91 8.77
N ILE B 123 41.29 47.13 8.45
CA ILE B 123 42.46 47.72 7.79
C ILE B 123 42.02 48.49 6.54
N CYS B 124 41.39 47.79 5.60
CA CYS B 124 40.97 48.41 4.35
C CYS B 124 39.93 49.50 4.60
N ALA B 125 39.11 49.35 5.65
CA ALA B 125 38.11 50.37 5.92
C ALA B 125 38.75 51.67 6.39
N LEU B 126 39.77 51.59 7.24
CA LEU B 126 40.46 52.80 7.67
C LEU B 126 41.24 53.41 6.52
N MET B 127 42.09 52.61 5.88
CA MET B 127 43.01 53.16 4.88
C MET B 127 42.32 53.56 3.59
N ALA B 128 40.99 53.66 3.60
CA ALA B 128 40.23 53.99 2.40
C ALA B 128 39.56 55.35 2.47
N PHE B 129 39.39 55.93 3.67
CA PHE B 129 38.78 57.25 3.79
C PHE B 129 39.71 58.37 3.37
N ARG B 130 40.97 58.06 3.11
CA ARG B 130 42.01 59.04 2.81
C ARG B 130 42.66 58.68 1.49
N LYS B 131 43.35 59.66 0.92
CA LYS B 131 44.11 59.51 -0.32
C LYS B 131 43.20 59.31 -1.52
N LYS B 132 41.88 59.43 -1.34
CA LYS B 132 40.91 59.15 -2.40
C LYS B 132 41.05 57.71 -2.89
N ARG B 133 41.25 56.80 -1.95
CA ARG B 133 41.22 55.37 -2.23
C ARG B 133 39.84 54.83 -1.89
N ASP B 134 38.85 55.26 -2.69
CA ASP B 134 37.47 54.89 -2.42
C ASP B 134 37.22 53.42 -2.71
N TYR B 135 37.79 52.92 -3.81
CA TYR B 135 37.56 51.55 -4.24
C TYR B 135 37.79 50.56 -3.11
N LEU B 136 38.67 50.88 -2.17
CA LEU B 136 38.99 49.95 -1.10
C LEU B 136 37.81 49.64 -0.19
N LEU B 137 36.67 50.27 -0.41
CA LEU B 137 35.47 49.88 0.33
C LEU B 137 34.88 48.59 -0.18
N ARG B 138 35.29 48.12 -1.35
CA ARG B 138 34.73 46.94 -1.96
C ARG B 138 35.31 45.68 -1.32
N PRO B 139 36.63 45.55 -1.16
CA PRO B 139 37.13 44.37 -0.46
C PRO B 139 36.69 44.30 0.98
N ALA B 140 36.98 45.37 1.73
CA ALA B 140 36.69 45.41 3.16
C ALA B 140 35.27 44.96 3.47
N SER B 141 34.31 45.51 2.74
CA SER B 141 32.91 45.13 2.92
C SER B 141 32.77 43.63 3.00
N MET B 142 33.22 42.92 1.95
CA MET B 142 33.02 41.48 1.92
C MET B 142 33.73 40.80 3.07
N PHE B 143 34.89 41.32 3.48
CA PHE B 143 35.54 40.79 4.67
C PHE B 143 34.59 40.80 5.85
N TYR B 144 33.98 41.95 6.13
CA TYR B 144 32.97 42.02 7.17
C TYR B 144 31.92 40.94 6.96
N VAL B 145 31.42 40.84 5.73
CA VAL B 145 30.44 39.79 5.43
C VAL B 145 30.96 38.45 5.93
N PHE B 146 32.13 38.06 5.45
CA PHE B 146 32.66 36.76 5.83
C PHE B 146 32.80 36.64 7.34
N ALA B 147 33.23 37.73 7.99
CA ALA B 147 33.25 37.75 9.44
C ALA B 147 31.95 37.22 10.01
N GLY B 148 30.85 37.91 9.68
CA GLY B 148 29.55 37.46 10.15
C GLY B 148 29.33 35.99 9.89
N LEU B 149 29.57 35.56 8.65
CA LEU B 149 29.28 34.19 8.28
C LEU B 149 29.93 33.23 9.25
N CYS B 150 31.21 33.45 9.57
CA CYS B 150 31.91 32.52 10.45
C CYS B 150 31.25 32.48 11.82
N LEU B 151 30.94 33.64 12.38
CA LEU B 151 30.24 33.64 13.66
C LEU B 151 28.99 32.79 13.58
N PHE B 152 28.26 32.89 12.46
CA PHE B 152 27.05 32.10 12.28
C PHE B 152 27.34 30.63 12.47
N VAL B 153 28.36 30.10 11.79
CA VAL B 153 28.56 28.66 11.89
C VAL B 153 29.00 28.30 13.30
N SER B 154 29.66 29.23 13.99
CA SER B 154 29.92 29.03 15.42
C SER B 154 28.62 28.69 16.15
N LEU B 155 27.61 29.54 15.98
CA LEU B 155 26.28 29.24 16.49
C LEU B 155 25.88 27.82 16.16
N GLU B 156 25.96 27.45 14.88
CA GLU B 156 25.67 26.08 14.48
C GLU B 156 26.36 25.10 15.42
N VAL B 157 27.69 25.20 15.51
CA VAL B 157 28.45 24.36 16.42
C VAL B 157 27.86 24.42 17.82
N MET B 158 27.77 25.63 18.37
CA MET B 158 27.23 25.77 19.73
C MET B 158 25.89 25.06 19.84
N ARG B 159 25.03 25.26 18.85
CA ARG B 159 23.72 24.62 18.88
C ARG B 159 23.86 23.13 19.15
N GLN B 160 24.59 22.42 18.29
CA GLN B 160 24.68 20.98 18.48
C GLN B 160 25.36 20.65 19.80
N SER B 161 26.30 21.49 20.24
CA SER B 161 26.91 21.29 21.55
C SER B 161 25.84 21.24 22.63
N VAL B 162 24.97 22.26 22.69
CA VAL B 162 23.95 22.29 23.72
C VAL B 162 22.97 21.15 23.59
N LYS B 163 22.97 20.45 22.46
CA LYS B 163 22.11 19.31 22.28
C LYS B 163 22.82 17.99 22.56
N ARG B 164 24.15 17.94 22.46
CA ARG B 164 24.89 16.72 22.75
C ARG B 164 25.13 16.54 24.24
N MET B 165 24.50 17.39 25.07
CA MET B 165 24.55 17.24 26.52
C MET B 165 23.15 17.29 27.10
N ILE B 174 17.40 17.16 31.30
CA ILE B 174 18.24 18.35 31.27
C ILE B 174 17.53 19.48 30.52
N GLU B 175 17.51 20.67 31.13
CA GLU B 175 17.00 21.87 30.49
C GLU B 175 18.14 22.87 30.32
N TYR B 176 18.03 23.71 29.28
CA TYR B 176 19.07 24.67 28.97
C TYR B 176 18.43 25.98 28.52
N TYR B 177 19.29 26.97 28.24
CA TYR B 177 18.80 28.31 27.92
C TYR B 177 19.88 29.20 27.32
N TYR B 178 19.59 29.84 26.18
CA TYR B 178 20.47 30.83 25.59
C TYR B 178 20.08 32.20 26.09
N SER B 179 20.96 32.86 26.84
CA SER B 179 20.56 34.02 27.61
C SER B 179 21.20 35.34 27.15
N TRP B 180 22.52 35.45 27.20
CA TRP B 180 23.16 36.76 27.10
C TRP B 180 24.05 36.90 25.88
N SER B 181 25.04 36.03 25.70
CA SER B 181 25.95 36.22 24.57
C SER B 181 25.51 35.47 23.34
N PHE B 182 24.52 34.59 23.43
CA PHE B 182 23.99 34.00 22.21
C PHE B 182 23.17 35.00 21.43
N ALA B 183 22.32 35.77 22.11
CA ALA B 183 21.67 36.88 21.45
C ALA B 183 22.69 37.91 20.99
N CYS B 184 23.74 38.10 21.78
CA CYS B 184 24.83 39.00 21.39
C CYS B 184 25.45 38.54 20.07
N ALA B 185 25.75 37.25 19.95
CA ALA B 185 26.35 36.73 18.73
C ALA B 185 25.38 36.73 17.57
N CYS B 186 24.12 36.35 17.81
CA CYS B 186 23.12 36.40 16.74
C CYS B 186 23.01 37.80 16.18
N ALA B 187 22.84 38.79 17.05
CA ALA B 187 22.76 40.17 16.61
C ALA B 187 24.04 40.62 15.93
N ALA B 188 25.21 40.27 16.48
CA ALA B 188 26.47 40.69 15.85
C ALA B 188 26.59 40.12 14.46
N PHE B 189 26.24 38.85 14.29
CA PHE B 189 26.32 38.25 12.96
C PHE B 189 25.36 38.93 12.00
N VAL B 190 24.13 39.21 12.46
CA VAL B 190 23.18 39.85 11.55
C VAL B 190 23.64 41.25 11.18
N LEU B 191 24.15 42.00 12.16
CA LEU B 191 24.68 43.33 11.88
C LEU B 191 25.80 43.26 10.86
N LEU B 192 26.80 42.41 11.10
CA LEU B 192 27.91 42.30 10.19
C LEU B 192 27.45 41.90 8.80
N PHE B 193 26.57 40.89 8.72
CA PHE B 193 26.11 40.38 7.44
C PHE B 193 25.40 41.47 6.64
N LEU B 194 24.32 42.02 7.19
CA LEU B 194 23.56 43.03 6.48
C LEU B 194 24.42 44.26 6.21
N GLY B 195 25.29 44.62 7.15
CA GLY B 195 26.11 45.81 6.95
C GLY B 195 27.15 45.63 5.86
N GLY B 196 27.73 44.44 5.76
CA GLY B 196 28.68 44.20 4.70
C GLY B 196 28.02 44.15 3.34
N ILE B 197 26.87 43.49 3.25
CA ILE B 197 26.17 43.46 1.96
C ILE B 197 25.71 44.86 1.57
N SER B 198 25.31 45.66 2.56
CA SER B 198 24.87 47.02 2.26
C SER B 198 26.04 47.92 1.89
N LEU B 199 27.19 47.75 2.55
CA LEU B 199 28.39 48.45 2.13
C LEU B 199 28.73 48.10 0.70
N LEU B 200 28.59 46.83 0.33
CA LEU B 200 28.88 46.44 -1.04
C LEU B 200 27.92 47.11 -2.02
N LEU B 201 26.61 46.96 -1.79
CA LEU B 201 25.65 47.52 -2.73
C LEU B 201 25.65 49.04 -2.72
N PHE B 202 26.24 49.66 -1.70
CA PHE B 202 26.41 51.10 -1.69
C PHE B 202 27.72 51.53 -2.32
N SER B 203 28.67 50.62 -2.48
CA SER B 203 29.92 50.90 -3.16
C SER B 203 29.86 50.57 -4.64
N LEU B 204 29.25 49.44 -4.98
CA LEU B 204 29.11 49.04 -6.38
C LEU B 204 28.27 50.08 -7.11
N PRO B 205 28.71 50.57 -8.27
CA PRO B 205 28.23 51.87 -8.76
C PRO B 205 26.73 51.97 -8.87
N ARG B 206 26.12 51.21 -9.76
CA ARG B 206 24.67 51.27 -9.94
C ARG B 206 24.21 50.27 -10.97
N MET B 207 23.01 49.74 -10.80
CA MET B 207 22.38 49.05 -11.91
C MET B 207 22.13 50.08 -13.00
N PRO B 208 22.70 49.94 -14.20
CA PRO B 208 22.67 51.01 -15.20
C PRO B 208 21.37 51.74 -15.41
N GLN B 209 20.27 51.04 -15.69
CA GLN B 209 18.94 51.62 -15.80
C GLN B 209 18.76 52.57 -16.98
N ASN B 210 19.69 52.57 -17.95
CA ASN B 210 19.54 53.39 -19.14
C ASN B 210 20.52 52.88 -20.18
N PRO B 211 20.11 52.72 -21.44
CA PRO B 211 20.99 52.04 -22.41
C PRO B 211 22.34 52.68 -22.57
N TRP B 212 22.47 53.97 -22.27
CA TRP B 212 23.78 54.60 -22.33
C TRP B 212 24.50 54.55 -20.99
N GLU B 213 23.76 54.53 -19.88
CA GLU B 213 24.37 54.25 -18.60
C GLU B 213 24.98 52.87 -18.64
N SER B 214 26.10 52.69 -17.93
CA SER B 214 26.77 51.41 -17.97
C SER B 214 27.72 51.26 -16.80
N CYS B 215 27.68 50.09 -16.16
CA CYS B 215 28.64 49.76 -15.12
C CYS B 215 30.07 49.94 -15.65
N MET B 216 31.01 50.02 -14.70
CA MET B 216 32.44 50.07 -15.02
C MET B 216 32.73 51.21 -15.99
N ASP B 217 32.31 52.40 -15.60
CA ASP B 217 32.39 53.58 -16.44
C ASP B 217 33.28 54.62 -15.76
N ALA B 218 33.25 55.82 -16.32
CA ALA B 218 34.07 56.93 -15.85
C ALA B 218 33.28 57.77 -14.87
N GLU B 219 33.68 57.73 -13.60
CA GLU B 219 33.18 58.64 -12.57
C GLU B 219 31.67 58.52 -12.34
N PHE C 29 41.90 -58.52 23.19
CA PHE C 29 40.44 -58.57 23.22
C PHE C 29 39.93 -59.85 23.86
N PRO C 30 38.99 -59.73 24.79
CA PRO C 30 38.50 -60.91 25.51
C PRO C 30 37.81 -61.88 24.57
N SER C 31 37.65 -63.10 25.04
CA SER C 31 37.09 -64.13 24.19
C SER C 31 35.58 -64.18 24.34
N ALA C 32 34.94 -64.94 23.45
CA ALA C 32 33.49 -65.04 23.49
C ALA C 32 33.01 -65.80 24.72
N VAL C 33 33.81 -66.72 25.25
CA VAL C 33 33.37 -67.49 26.40
C VAL C 33 33.46 -66.68 27.67
N THR C 34 34.55 -65.92 27.85
CA THR C 34 34.63 -65.06 29.02
C THR C 34 33.59 -63.96 28.96
N ILE C 35 33.36 -63.40 27.77
CA ILE C 35 32.28 -62.44 27.59
C ILE C 35 30.95 -63.06 27.98
N LYS C 36 30.69 -64.28 27.50
CA LYS C 36 29.41 -64.92 27.75
C LYS C 36 29.21 -65.19 29.23
N SER C 37 30.25 -65.63 29.93
CA SER C 37 30.11 -65.82 31.38
C SER C 37 29.89 -64.49 32.09
N TRP C 38 30.54 -63.44 31.63
CA TRP C 38 30.26 -62.11 32.17
C TRP C 38 28.78 -61.80 32.08
N VAL C 39 28.21 -61.89 30.88
CA VAL C 39 26.82 -61.48 30.71
C VAL C 39 25.90 -62.44 31.43
N ASP C 40 26.29 -63.71 31.59
CA ASP C 40 25.42 -64.63 32.33
C ASP C 40 25.32 -64.21 33.77
N LYS C 41 26.44 -63.86 34.40
CA LYS C 41 26.37 -63.39 35.77
C LYS C 41 25.63 -62.07 35.86
N MET C 42 25.80 -61.21 34.86
CA MET C 42 25.11 -59.92 34.88
C MET C 42 23.61 -60.10 34.84
N GLN C 43 23.12 -60.94 33.92
CA GLN C 43 21.69 -61.16 33.81
C GLN C 43 21.15 -61.89 35.02
N GLU C 44 21.93 -62.82 35.59
CA GLU C 44 21.51 -63.47 36.81
C GLU C 44 21.25 -62.46 37.90
N ASP C 45 22.22 -61.58 38.14
CA ASP C 45 22.04 -60.59 39.20
C ASP C 45 20.85 -59.69 38.94
N LEU C 46 20.79 -59.09 37.74
CA LEU C 46 19.71 -58.14 37.46
C LEU C 46 18.35 -58.79 37.60
N VAL C 47 18.19 -59.98 37.01
CA VAL C 47 16.87 -60.61 37.01
C VAL C 47 16.50 -61.08 38.40
N THR C 48 17.44 -61.67 39.14
CA THR C 48 17.09 -62.12 40.48
C THR C 48 16.73 -60.94 41.37
N LEU C 49 17.44 -59.83 41.25
CA LEU C 49 17.08 -58.65 42.03
C LEU C 49 15.67 -58.21 41.70
N ALA C 50 15.37 -58.00 40.41
CA ALA C 50 14.05 -57.53 40.06
C ALA C 50 12.97 -58.49 40.52
N LYS C 51 13.19 -59.79 40.34
CA LYS C 51 12.17 -60.76 40.70
C LYS C 51 11.91 -60.79 42.19
N THR C 52 12.96 -60.91 42.99
CA THR C 52 12.71 -61.04 44.42
C THR C 52 12.32 -59.72 45.06
N ALA C 53 12.76 -58.58 44.53
CA ALA C 53 12.43 -57.33 45.18
C ALA C 53 11.10 -56.77 44.75
N SER C 54 10.73 -56.93 43.47
CA SER C 54 9.44 -56.42 43.02
C SER C 54 8.31 -57.26 43.59
N GLY C 55 8.49 -58.57 43.63
CA GLY C 55 7.52 -59.42 44.26
C GLY C 55 6.47 -59.91 43.30
N VAL C 56 6.87 -60.54 42.20
CA VAL C 56 5.91 -60.97 41.21
C VAL C 56 5.18 -62.21 41.67
N HIS C 57 5.93 -63.23 42.08
CA HIS C 57 5.28 -64.45 42.52
C HIS C 57 4.40 -64.21 43.73
N GLN C 58 4.73 -63.24 44.56
CA GLN C 58 3.86 -62.90 45.68
C GLN C 58 2.50 -62.44 45.18
N LEU C 59 2.49 -61.50 44.23
CA LEU C 59 1.22 -61.00 43.73
C LEU C 59 0.47 -62.07 42.96
N VAL C 60 1.18 -62.91 42.22
CA VAL C 60 0.54 -64.03 41.55
C VAL C 60 -0.20 -64.89 42.56
N ASP C 61 0.47 -65.21 43.66
CA ASP C 61 -0.14 -66.13 44.62
C ASP C 61 -1.29 -65.48 45.36
N ILE C 62 -1.19 -64.19 45.70
CA ILE C 62 -2.32 -63.58 46.39
C ILE C 62 -3.47 -63.24 45.45
N TYR C 63 -3.24 -63.27 44.14
CA TYR C 63 -4.38 -63.27 43.22
C TYR C 63 -5.03 -64.64 43.17
N GLU C 64 -4.22 -65.68 43.01
CA GLU C 64 -4.75 -67.03 42.95
C GLU C 64 -5.14 -67.57 44.31
N LYS C 65 -4.82 -66.86 45.39
CA LYS C 65 -5.25 -67.32 46.70
C LYS C 65 -6.72 -67.08 46.92
N TYR C 66 -7.22 -65.93 46.50
CA TYR C 66 -8.61 -65.60 46.80
C TYR C 66 -9.56 -66.27 45.81
N GLN C 67 -9.54 -65.84 44.56
CA GLN C 67 -10.14 -66.62 43.48
C GLN C 67 -11.62 -66.89 43.70
N ASP C 68 -12.15 -66.40 44.82
CA ASP C 68 -13.54 -66.54 45.17
C ASP C 68 -14.18 -65.23 45.54
N LEU C 69 -13.39 -64.16 45.65
CA LEU C 69 -13.90 -62.82 45.75
C LEU C 69 -14.18 -62.23 44.39
N TYR C 70 -13.87 -62.93 43.31
CA TYR C 70 -14.10 -62.40 41.98
C TYR C 70 -14.48 -63.54 41.07
N THR C 71 -14.95 -63.20 39.88
CA THR C 71 -15.23 -64.21 38.87
C THR C 71 -14.56 -63.82 37.56
N VAL C 72 -14.41 -64.79 36.68
CA VAL C 72 -13.68 -64.64 35.44
C VAL C 72 -14.67 -64.67 34.29
N GLU C 73 -14.93 -63.53 33.70
CA GLU C 73 -15.94 -63.43 32.66
C GLU C 73 -15.27 -63.28 31.30
N PRO C 74 -15.93 -63.73 30.23
CA PRO C 74 -15.31 -63.66 28.91
C PRO C 74 -15.62 -62.37 28.16
N ASN C 75 -14.86 -62.14 27.11
CA ASN C 75 -15.04 -61.02 26.19
C ASN C 75 -15.39 -61.62 24.84
N ASN C 76 -16.67 -61.81 24.58
CA ASN C 76 -17.07 -62.33 23.28
C ASN C 76 -16.92 -61.23 22.25
N ALA C 77 -15.77 -61.19 21.60
CA ALA C 77 -15.44 -60.06 20.75
C ALA C 77 -16.31 -59.96 19.54
N ARG C 78 -17.25 -60.86 19.33
CA ARG C 78 -18.25 -60.62 18.30
C ARG C 78 -19.48 -59.97 18.89
N GLN C 79 -19.92 -60.48 20.03
CA GLN C 79 -21.04 -59.89 20.74
C GLN C 79 -20.77 -58.43 21.10
N LEU C 80 -19.55 -58.13 21.55
CA LEU C 80 -19.23 -56.76 21.95
C LEU C 80 -19.34 -55.81 20.77
N VAL C 81 -18.80 -56.22 19.62
CA VAL C 81 -18.86 -55.36 18.46
C VAL C 81 -20.30 -55.17 18.02
N GLU C 82 -21.10 -56.22 18.10
CA GLU C 82 -22.47 -56.05 17.64
C GLU C 82 -23.28 -55.16 18.56
N ILE C 83 -23.07 -55.28 19.87
CA ILE C 83 -23.75 -54.39 20.81
C ILE C 83 -23.36 -52.95 20.56
N ALA C 84 -22.06 -52.68 20.43
CA ALA C 84 -21.65 -51.29 20.23
C ALA C 84 -22.11 -50.77 18.89
N ALA C 85 -22.19 -51.63 17.88
CA ALA C 85 -22.69 -51.19 16.59
C ALA C 85 -24.16 -50.80 16.69
N ARG C 86 -24.96 -51.56 17.43
CA ARG C 86 -26.35 -51.18 17.61
CA ARG C 86 -26.35 -51.18 17.61
C ARG C 86 -26.48 -49.89 18.41
N ASP C 87 -25.66 -49.71 19.43
CA ASP C 87 -25.75 -48.50 20.22
C ASP C 87 -25.42 -47.28 19.37
N ILE C 88 -24.41 -47.40 18.51
CA ILE C 88 -24.09 -46.27 17.64
C ILE C 88 -25.19 -46.05 16.63
N GLU C 89 -25.74 -47.11 16.05
CA GLU C 89 -26.81 -46.93 15.09
C GLU C 89 -28.02 -46.30 15.73
N LYS C 90 -28.32 -46.67 16.97
CA LYS C 90 -29.43 -46.09 17.67
C LYS C 90 -29.21 -44.62 17.94
N LEU C 91 -28.00 -44.24 18.35
CA LEU C 91 -27.71 -42.84 18.58
C LEU C 91 -27.87 -42.03 17.30
N LEU C 92 -27.29 -42.51 16.20
CA LEU C 92 -27.40 -41.76 14.96
C LEU C 92 -28.83 -41.73 14.45
N SER C 93 -29.63 -42.75 14.76
CA SER C 93 -31.03 -42.70 14.37
C SER C 93 -31.81 -41.69 15.21
N ASN C 94 -31.58 -41.67 16.52
CA ASN C 94 -32.20 -40.65 17.35
C ASN C 94 -31.87 -39.26 16.84
N ARG C 95 -30.66 -39.07 16.34
CA ARG C 95 -30.33 -37.78 15.78
C ARG C 95 -30.99 -37.56 14.44
N SER C 96 -31.19 -38.62 13.67
CA SER C 96 -31.87 -38.45 12.40
C SER C 96 -33.31 -38.03 12.60
N LYS C 97 -34.03 -38.71 13.49
CA LYS C 97 -35.42 -38.39 13.74
C LYS C 97 -35.61 -36.99 14.29
N ALA C 98 -34.60 -36.39 14.86
CA ALA C 98 -34.70 -34.99 15.24
C ALA C 98 -34.41 -34.06 14.09
N LEU C 99 -33.86 -34.55 13.01
CA LEU C 99 -33.59 -33.70 11.87
C LEU C 99 -34.80 -33.58 10.97
N VAL C 100 -35.48 -34.69 10.69
CA VAL C 100 -36.67 -34.61 9.87
C VAL C 100 -37.76 -33.79 10.55
N ARG C 101 -37.82 -33.79 11.87
CA ARG C 101 -38.76 -32.93 12.57
C ARG C 101 -38.48 -31.46 12.27
N LEU C 102 -37.22 -31.06 12.37
CA LEU C 102 -36.85 -29.68 12.07
C LEU C 102 -37.13 -29.34 10.63
N ALA C 103 -36.77 -30.22 9.71
CA ALA C 103 -36.93 -29.91 8.29
C ALA C 103 -38.40 -29.85 7.92
N LEU C 104 -39.23 -30.70 8.50
CA LEU C 104 -40.65 -30.66 8.22
C LEU C 104 -41.27 -29.37 8.74
N GLU C 105 -40.95 -28.99 9.97
CA GLU C 105 -41.52 -27.73 10.46
C GLU C 105 -40.99 -26.54 9.68
N ALA C 106 -39.75 -26.59 9.24
CA ALA C 106 -39.21 -25.45 8.49
C ALA C 106 -39.88 -25.31 7.14
N GLU C 107 -40.07 -26.41 6.43
CA GLU C 107 -40.78 -26.31 5.16
C GLU C 107 -42.20 -25.81 5.37
N LYS C 108 -42.90 -26.39 6.34
CA LYS C 108 -44.29 -26.02 6.56
C LYS C 108 -44.42 -24.56 6.97
N VAL C 109 -43.44 -24.03 7.68
CA VAL C 109 -43.55 -22.67 8.19
C VAL C 109 -43.16 -21.65 7.14
N GLN C 110 -42.10 -21.90 6.38
CA GLN C 110 -41.82 -20.97 5.31
C GLN C 110 -42.86 -21.02 4.21
N ALA C 111 -43.55 -22.15 4.05
CA ALA C 111 -44.60 -22.19 3.04
C ALA C 111 -45.71 -21.23 3.33
N ALA C 112 -45.75 -20.64 4.52
CA ALA C 112 -46.78 -19.71 4.89
C ALA C 112 -46.21 -18.41 5.41
N HIS C 113 -45.24 -17.84 4.71
CA HIS C 113 -44.68 -16.55 5.09
C HIS C 113 -45.17 -15.49 4.13
N GLN C 114 -45.25 -14.25 4.61
CA GLN C 114 -45.94 -13.20 3.89
C GLN C 114 -45.05 -12.29 3.06
N TRP C 115 -43.77 -12.18 3.37
CA TRP C 115 -42.85 -11.27 2.69
C TRP C 115 -43.33 -9.82 2.80
N ARG C 116 -43.28 -9.31 4.02
CA ARG C 116 -43.47 -7.89 4.21
C ARG C 116 -42.16 -7.16 4.04
N GLU C 117 -42.26 -5.89 3.63
CA GLU C 117 -41.10 -5.04 3.45
C GLU C 117 -41.08 -3.87 4.42
N ASP C 118 -41.99 -3.85 5.38
CA ASP C 118 -41.95 -2.89 6.47
C ASP C 118 -41.71 -3.65 7.76
N PHE C 119 -40.75 -3.19 8.55
CA PHE C 119 -40.55 -3.74 9.87
C PHE C 119 -40.37 -2.67 10.93
N ALA C 120 -40.19 -1.41 10.54
CA ALA C 120 -39.99 -0.35 11.51
C ALA C 120 -41.15 -0.27 12.50
N SER C 121 -42.28 -0.90 12.19
CA SER C 121 -43.42 -0.92 13.08
C SER C 121 -43.57 -2.27 13.77
N ASN C 122 -43.63 -3.36 13.01
CA ASN C 122 -43.77 -4.70 13.55
C ASN C 122 -42.37 -5.31 13.65
N GLU C 123 -41.76 -5.14 14.81
CA GLU C 123 -40.36 -5.52 14.99
C GLU C 123 -40.18 -7.04 14.96
N VAL C 124 -38.98 -7.45 14.56
CA VAL C 124 -38.49 -8.79 14.78
C VAL C 124 -37.60 -8.75 16.01
N VAL C 125 -37.93 -9.54 17.01
CA VAL C 125 -37.15 -9.60 18.23
C VAL C 125 -36.31 -10.87 18.19
N TYR C 126 -35.02 -10.76 18.48
CA TYR C 126 -34.15 -11.91 18.37
C TYR C 126 -32.84 -11.63 19.07
N TYR C 127 -32.18 -12.69 19.51
CA TYR C 127 -30.89 -12.56 20.18
C TYR C 127 -29.78 -12.70 19.16
N ASN C 128 -29.19 -11.60 18.78
CA ASN C 128 -28.04 -11.66 17.89
C ASN C 128 -26.83 -12.06 18.70
N ALA C 129 -26.24 -13.19 18.36
CA ALA C 129 -24.99 -13.55 18.99
C ALA C 129 -23.95 -12.50 18.62
N LYS C 130 -22.76 -12.64 19.18
CA LYS C 130 -21.69 -11.69 18.96
C LYS C 130 -22.18 -10.25 19.06
N ASP C 131 -23.07 -10.00 20.01
CA ASP C 131 -23.39 -8.67 20.45
C ASP C 131 -22.96 -8.52 21.91
N ASP C 132 -22.43 -7.35 22.25
CA ASP C 132 -21.80 -7.18 23.55
C ASP C 132 -22.83 -7.31 24.66
N LEU C 133 -22.55 -8.19 25.61
CA LEU C 133 -23.46 -8.47 26.71
C LEU C 133 -23.48 -7.35 27.73
N ASP C 134 -22.91 -6.20 27.41
CA ASP C 134 -22.96 -5.02 28.25
C ASP C 134 -24.35 -4.42 28.23
N PRO C 135 -25.14 -4.53 29.30
CA PRO C 135 -26.55 -4.12 29.25
C PRO C 135 -26.78 -2.62 29.12
N GLU C 136 -25.73 -1.81 28.96
CA GLU C 136 -25.88 -0.36 28.87
C GLU C 136 -25.68 0.17 27.46
N LYS C 137 -25.85 -0.68 26.45
CA LYS C 137 -25.61 -0.27 25.07
C LYS C 137 -26.91 0.06 24.35
N ASN C 138 -27.90 -0.83 24.40
CA ASN C 138 -29.24 -0.59 23.88
C ASN C 138 -29.18 -0.21 22.39
N ASP C 139 -28.70 -1.17 21.60
CA ASP C 139 -28.58 -0.94 20.17
C ASP C 139 -29.95 -0.96 19.51
N SER C 140 -30.63 -2.10 19.56
CA SER C 140 -32.00 -2.29 19.07
C SER C 140 -32.21 -1.59 17.73
N GLU C 141 -31.41 -2.04 16.76
CA GLU C 141 -31.26 -1.42 15.45
C GLU C 141 -32.61 -1.13 14.80
N PRO C 142 -32.67 -0.23 13.81
CA PRO C 142 -33.94 -0.01 13.10
C PRO C 142 -34.50 -1.32 12.56
N GLY C 143 -35.79 -1.54 12.82
CA GLY C 143 -36.47 -2.70 12.34
C GLY C 143 -36.39 -3.92 13.24
N SER C 144 -35.35 -4.03 14.05
CA SER C 144 -35.13 -5.21 14.87
C SER C 144 -34.94 -4.83 16.33
N GLN C 145 -35.14 -5.81 17.20
CA GLN C 145 -35.04 -5.58 18.62
C GLN C 145 -34.27 -6.73 19.26
N ARG C 146 -33.49 -6.41 20.27
CA ARG C 146 -32.58 -7.40 20.82
C ARG C 146 -33.24 -8.17 21.95
N ILE C 147 -32.47 -9.13 22.47
CA ILE C 147 -32.85 -9.91 23.62
C ILE C 147 -31.66 -9.93 24.56
N LYS C 148 -31.91 -9.73 25.85
CA LYS C 148 -30.85 -9.85 26.83
C LYS C 148 -30.99 -11.19 27.54
N PRO C 149 -30.19 -12.18 27.21
CA PRO C 149 -30.44 -13.53 27.68
C PRO C 149 -29.87 -13.75 29.08
N VAL C 150 -30.30 -14.85 29.68
CA VAL C 150 -29.97 -15.11 31.09
C VAL C 150 -28.64 -15.85 31.22
N PHE C 151 -28.37 -16.84 30.38
CA PHE C 151 -27.06 -17.46 30.29
C PHE C 151 -26.63 -18.12 31.61
N ILE C 152 -27.33 -19.19 31.95
CA ILE C 152 -26.77 -20.13 32.91
C ILE C 152 -25.50 -20.75 32.34
N ASP C 153 -24.72 -21.38 33.20
CA ASP C 153 -23.51 -22.05 32.78
C ASP C 153 -23.76 -23.55 32.80
N ASP C 154 -23.23 -24.25 31.79
CA ASP C 154 -23.62 -25.62 31.54
C ASP C 154 -22.40 -26.50 31.35
N ALA C 155 -22.61 -27.79 31.55
CA ALA C 155 -21.74 -28.82 31.00
C ALA C 155 -22.47 -29.50 29.85
N ASN C 156 -21.73 -30.33 29.13
CA ASN C 156 -22.04 -30.82 27.79
C ASN C 156 -21.83 -29.70 26.77
N PHE C 157 -21.73 -28.47 27.25
CA PHE C 157 -21.20 -27.36 26.49
C PHE C 157 -20.28 -26.65 27.46
N ARG C 158 -19.00 -26.59 27.16
CA ARG C 158 -18.07 -25.98 28.10
C ARG C 158 -18.13 -24.46 27.98
N ARG C 159 -19.34 -23.93 28.14
CA ARG C 159 -19.59 -22.51 28.03
C ARG C 159 -20.92 -22.22 28.70
N GLN C 160 -21.40 -20.99 28.55
CA GLN C 160 -22.65 -20.59 29.15
C GLN C 160 -23.72 -20.47 28.09
N VAL C 161 -24.78 -21.26 28.24
CA VAL C 161 -25.82 -21.40 27.25
C VAL C 161 -27.13 -21.01 27.90
N SER C 162 -28.14 -20.74 27.09
CA SER C 162 -29.46 -20.41 27.58
C SER C 162 -30.48 -21.21 26.80
N TYR C 163 -31.19 -22.09 27.47
CA TYR C 163 -32.11 -22.97 26.79
C TYR C 163 -33.43 -22.30 26.43
N GLN C 164 -33.54 -20.99 26.55
CA GLN C 164 -34.82 -20.31 26.40
C GLN C 164 -35.12 -19.92 24.96
N HIS C 165 -34.11 -19.51 24.20
CA HIS C 165 -34.31 -19.07 22.84
C HIS C 165 -33.09 -19.44 22.03
N ALA C 166 -33.20 -19.26 20.72
CA ALA C 166 -32.13 -19.60 19.80
C ALA C 166 -31.34 -18.37 19.45
N ALA C 167 -30.05 -18.55 19.25
CA ALA C 167 -29.14 -17.47 18.91
C ALA C 167 -29.00 -17.42 17.40
N VAL C 168 -28.58 -16.27 16.91
CA VAL C 168 -28.48 -16.03 15.48
C VAL C 168 -27.11 -15.50 15.18
N HIS C 169 -26.47 -16.05 14.15
CA HIS C 169 -25.19 -15.55 13.67
C HIS C 169 -25.38 -15.03 12.26
N ILE C 170 -24.89 -13.82 12.02
CA ILE C 170 -24.96 -13.17 10.72
C ILE C 170 -23.54 -12.77 10.33
N PRO C 171 -23.07 -13.11 9.14
CA PRO C 171 -21.70 -12.77 8.75
C PRO C 171 -21.42 -11.30 8.95
N THR C 172 -20.15 -10.98 9.19
CA THR C 172 -19.81 -9.61 9.57
C THR C 172 -20.15 -8.63 8.46
N ASP C 173 -19.91 -9.01 7.22
CA ASP C 173 -20.17 -8.13 6.09
C ASP C 173 -21.55 -8.34 5.50
N ILE C 174 -22.52 -8.74 6.31
CA ILE C 174 -23.90 -8.82 5.89
C ILE C 174 -24.71 -7.97 6.85
N TYR C 175 -25.33 -6.93 6.33
CA TYR C 175 -26.16 -6.08 7.15
C TYR C 175 -27.30 -6.86 7.74
N GLU C 176 -27.57 -6.69 9.03
CA GLU C 176 -28.74 -7.29 9.66
C GLU C 176 -29.82 -6.23 9.72
N GLY C 177 -30.71 -6.24 8.76
CA GLY C 177 -31.49 -5.05 8.54
C GLY C 177 -31.82 -4.89 7.09
N SER C 178 -31.26 -5.75 6.26
CA SER C 178 -31.80 -5.91 4.92
C SER C 178 -33.25 -6.34 5.00
N THR C 179 -33.95 -6.26 3.88
CA THR C 179 -35.26 -6.86 3.86
C THR C 179 -35.18 -8.37 3.75
N ILE C 180 -34.11 -8.88 3.15
CA ILE C 180 -33.93 -10.32 3.04
C ILE C 180 -33.63 -10.92 4.39
N VAL C 181 -32.78 -10.26 5.17
CA VAL C 181 -32.42 -10.81 6.47
C VAL C 181 -33.58 -10.70 7.43
N LEU C 182 -34.26 -9.56 7.45
CA LEU C 182 -35.37 -9.41 8.37
C LEU C 182 -36.56 -10.28 7.99
N ASN C 183 -36.56 -10.83 6.81
CA ASN C 183 -37.60 -11.79 6.47
C ASN C 183 -37.22 -13.20 6.81
N GLU C 184 -35.94 -13.49 6.99
CA GLU C 184 -35.53 -14.79 7.49
C GLU C 184 -35.64 -14.85 8.99
N LEU C 185 -35.31 -13.77 9.68
CA LEU C 185 -35.51 -13.73 11.11
C LEU C 185 -36.98 -13.71 11.49
N ASN C 186 -37.86 -13.51 10.55
CA ASN C 186 -39.27 -13.47 10.88
C ASN C 186 -39.91 -14.83 10.77
N TRP C 187 -39.52 -15.65 9.80
CA TRP C 187 -40.13 -16.97 9.72
C TRP C 187 -39.28 -18.05 10.35
N THR C 188 -38.01 -17.79 10.65
CA THR C 188 -37.25 -18.77 11.40
C THR C 188 -37.60 -18.77 12.86
N SER C 189 -38.34 -17.78 13.34
CA SER C 189 -38.69 -17.76 14.74
C SER C 189 -39.62 -18.89 15.12
N ALA C 190 -40.17 -19.59 14.15
CA ALA C 190 -41.01 -20.74 14.42
C ALA C 190 -40.21 -21.99 14.69
N LEU C 191 -38.89 -21.91 14.63
CA LEU C 191 -38.07 -23.09 14.85
C LEU C 191 -37.84 -23.36 16.32
N ASP C 192 -37.96 -22.34 17.17
CA ASP C 192 -37.57 -22.50 18.57
C ASP C 192 -38.41 -23.50 19.31
N ASP C 193 -39.67 -23.68 18.94
CA ASP C 193 -40.45 -24.73 19.58
C ASP C 193 -39.95 -26.10 19.19
N VAL C 194 -39.57 -26.29 17.93
CA VAL C 194 -39.01 -27.58 17.54
C VAL C 194 -37.66 -27.78 18.17
N PHE C 195 -36.85 -26.73 18.26
CA PHE C 195 -35.57 -26.84 18.93
C PHE C 195 -35.78 -27.31 20.37
N LYS C 196 -36.69 -26.67 21.09
CA LYS C 196 -36.92 -27.05 22.48
C LYS C 196 -37.49 -28.45 22.60
N LYS C 197 -38.38 -28.84 21.71
CA LYS C 197 -38.98 -30.16 21.83
C LYS C 197 -37.97 -31.26 21.50
N ASN C 198 -37.12 -31.04 20.50
CA ASN C 198 -36.02 -31.95 20.26
C ASN C 198 -35.15 -32.07 21.48
N ARG C 199 -34.89 -30.96 22.15
CA ARG C 199 -33.96 -31.03 23.27
C ARG C 199 -34.61 -31.63 24.50
N GLU C 200 -35.93 -31.53 24.63
CA GLU C 200 -36.57 -32.14 25.78
C GLU C 200 -36.84 -33.61 25.58
N GLU C 201 -36.93 -34.08 24.34
CA GLU C 201 -37.07 -35.51 24.17
C GLU C 201 -35.77 -36.24 24.41
N ASP C 202 -34.63 -35.59 24.18
CA ASP C 202 -33.32 -36.19 24.41
C ASP C 202 -32.36 -35.14 24.93
N PRO C 203 -32.25 -35.01 26.26
CA PRO C 203 -31.49 -33.90 26.84
C PRO C 203 -30.00 -33.94 26.55
N SER C 204 -29.48 -35.03 26.02
CA SER C 204 -28.05 -35.14 25.74
C SER C 204 -27.67 -34.62 24.37
N LEU C 205 -28.48 -33.74 23.80
CA LEU C 205 -28.34 -33.32 22.42
C LEU C 205 -27.50 -32.05 22.37
N LEU C 206 -26.54 -32.01 21.46
CA LEU C 206 -25.67 -30.86 21.30
C LEU C 206 -26.29 -29.91 20.27
N TRP C 207 -25.51 -28.97 19.75
CA TRP C 207 -26.03 -27.89 18.91
C TRP C 207 -27.03 -28.39 17.89
N GLN C 208 -28.05 -27.58 17.65
CA GLN C 208 -28.95 -27.77 16.53
C GLN C 208 -28.91 -26.48 15.75
N VAL C 209 -28.69 -26.55 14.45
CA VAL C 209 -28.46 -25.35 13.67
C VAL C 209 -29.27 -25.44 12.40
N PHE C 210 -29.88 -24.33 12.01
CA PHE C 210 -30.40 -24.15 10.67
C PHE C 210 -29.49 -23.12 10.02
N GLY C 211 -28.76 -23.54 9.00
CA GLY C 211 -27.91 -22.62 8.29
C GLY C 211 -28.55 -22.23 6.99
N SER C 212 -28.91 -20.98 6.87
CA SER C 212 -29.76 -20.54 5.79
C SER C 212 -28.95 -20.11 4.59
N ALA C 213 -29.61 -20.07 3.44
CA ALA C 213 -28.92 -19.72 2.22
C ALA C 213 -28.74 -18.22 2.05
N THR C 214 -29.08 -17.42 3.05
CA THR C 214 -28.81 -16.00 3.03
C THR C 214 -27.65 -15.62 3.92
N GLY C 215 -27.02 -16.59 4.57
CA GLY C 215 -25.89 -16.37 5.42
C GLY C 215 -26.16 -16.60 6.89
N LEU C 216 -27.41 -16.51 7.31
CA LEU C 216 -27.76 -16.66 8.70
C LEU C 216 -27.49 -18.07 9.20
N ALA C 217 -27.29 -18.18 10.50
CA ALA C 217 -27.29 -19.49 11.15
C ALA C 217 -28.03 -19.32 12.46
N ARG C 218 -29.13 -20.02 12.61
CA ARG C 218 -29.89 -19.95 13.85
C ARG C 218 -29.64 -21.25 14.60
N TYR C 219 -28.98 -21.16 15.74
CA TYR C 219 -28.67 -22.37 16.49
C TYR C 219 -29.25 -22.33 17.89
N TYR C 220 -29.35 -23.51 18.49
CA TYR C 220 -29.91 -23.72 19.80
C TYR C 220 -29.02 -24.71 20.52
N PRO C 221 -28.74 -24.50 21.82
CA PRO C 221 -29.21 -23.41 22.67
C PRO C 221 -28.42 -22.15 22.48
N ALA C 222 -28.92 -21.04 23.00
CA ALA C 222 -28.29 -19.76 22.72
C ALA C 222 -26.98 -19.65 23.44
N SER C 223 -25.97 -19.18 22.74
CA SER C 223 -24.68 -19.06 23.39
C SER C 223 -23.86 -18.03 22.66
N PRO C 224 -23.17 -17.14 23.35
CA PRO C 224 -22.47 -16.05 22.67
C PRO C 224 -21.41 -16.58 21.73
N TRP C 225 -21.26 -15.91 20.61
CA TRP C 225 -20.27 -16.31 19.64
C TRP C 225 -18.88 -16.06 20.19
N VAL C 226 -17.93 -16.92 19.78
CA VAL C 226 -16.58 -16.84 20.29
C VAL C 226 -15.96 -15.48 20.03
N ASP C 227 -16.20 -14.93 18.84
CA ASP C 227 -15.60 -13.66 18.43
C ASP C 227 -16.70 -12.63 18.19
N ASN C 228 -16.72 -11.58 18.99
CA ASN C 228 -17.31 -10.34 18.52
C ASN C 228 -16.40 -9.79 17.43
N SER C 229 -17.01 -9.24 16.37
CA SER C 229 -16.24 -8.85 15.20
C SER C 229 -15.19 -7.79 15.56
N ARG C 230 -15.60 -6.74 16.26
CA ARG C 230 -14.69 -5.64 16.53
C ARG C 230 -14.53 -5.30 18.00
N THR C 231 -15.40 -5.79 18.88
CA THR C 231 -15.21 -5.51 20.30
C THR C 231 -13.84 -5.94 20.79
N PRO C 232 -13.32 -7.15 20.47
CA PRO C 232 -11.86 -7.34 20.51
C PRO C 232 -11.23 -7.08 19.15
N ASN C 233 -9.91 -7.11 19.05
CA ASN C 233 -9.26 -6.84 17.77
C ASN C 233 -9.24 -8.05 16.85
N LYS C 234 -9.91 -9.14 17.22
CA LYS C 234 -9.97 -10.32 16.37
C LYS C 234 -11.31 -10.36 15.65
N ILE C 235 -11.32 -10.07 14.35
CA ILE C 235 -12.53 -10.14 13.55
C ILE C 235 -12.70 -11.56 13.06
N ASP C 236 -13.94 -11.96 12.83
CA ASP C 236 -14.24 -13.33 12.47
C ASP C 236 -14.78 -13.40 11.05
N LEU C 237 -14.37 -14.44 10.34
CA LEU C 237 -14.87 -14.71 9.00
C LEU C 237 -15.45 -16.10 9.05
N TYR C 238 -16.72 -16.17 9.39
CA TYR C 238 -17.44 -17.43 9.44
C TYR C 238 -18.67 -17.22 8.58
N ASP C 239 -18.77 -17.99 7.50
CA ASP C 239 -19.93 -18.00 6.66
C ASP C 239 -20.49 -19.40 6.69
N VAL C 240 -21.79 -19.52 6.97
CA VAL C 240 -22.35 -20.85 7.06
C VAL C 240 -22.34 -21.52 5.71
N ARG C 241 -22.35 -20.75 4.65
CA ARG C 241 -22.43 -21.34 3.33
C ARG C 241 -21.16 -22.06 2.93
N ARG C 242 -20.10 -21.98 3.73
CA ARG C 242 -18.86 -22.67 3.42
C ARG C 242 -18.50 -23.72 4.45
N ARG C 243 -19.31 -23.89 5.46
CA ARG C 243 -19.02 -24.94 6.41
C ARG C 243 -19.26 -26.28 5.76
N PRO C 244 -18.36 -27.23 5.93
CA PRO C 244 -18.45 -28.47 5.16
C PRO C 244 -19.73 -29.25 5.39
N TRP C 245 -20.40 -29.11 6.54
CA TRP C 245 -21.69 -29.75 6.69
C TRP C 245 -22.71 -29.16 5.73
N TYR C 246 -22.62 -27.85 5.50
CA TYR C 246 -23.55 -27.22 4.57
C TYR C 246 -23.27 -27.66 3.14
N ILE C 247 -22.07 -27.42 2.66
CA ILE C 247 -21.64 -27.87 1.33
C ILE C 247 -21.88 -29.35 1.14
N GLN C 248 -21.95 -30.10 2.23
CA GLN C 248 -22.18 -31.53 2.13
C GLN C 248 -23.64 -31.85 1.92
N GLY C 249 -24.51 -31.17 2.65
CA GLY C 249 -25.91 -31.42 2.47
C GLY C 249 -26.59 -30.60 1.41
N ALA C 250 -25.85 -29.79 0.67
CA ALA C 250 -26.47 -28.89 -0.29
C ALA C 250 -26.30 -29.29 -1.74
N ALA C 251 -25.62 -30.40 -2.03
CA ALA C 251 -25.37 -30.83 -3.40
C ALA C 251 -24.61 -32.15 -3.37
N SER C 252 -24.62 -32.84 -4.50
CA SER C 252 -23.96 -34.13 -4.62
C SER C 252 -22.48 -33.93 -4.85
N PRO C 253 -21.68 -35.01 -4.88
CA PRO C 253 -20.26 -34.88 -5.20
C PRO C 253 -20.03 -34.32 -6.59
N LYS C 254 -18.78 -34.00 -6.88
CA LYS C 254 -18.43 -33.41 -8.17
C LYS C 254 -17.25 -34.04 -8.87
N ASP C 255 -16.99 -33.55 -10.07
CA ASP C 255 -15.88 -33.98 -10.91
C ASP C 255 -15.39 -32.72 -11.56
N MET C 256 -15.12 -31.72 -10.73
CA MET C 256 -14.69 -30.40 -11.16
C MET C 256 -13.31 -30.30 -11.84
N LEU C 257 -13.22 -29.44 -12.84
CA LEU C 257 -11.98 -29.18 -13.55
C LEU C 257 -11.82 -27.69 -13.70
N ILE C 258 -11.00 -27.09 -12.88
CA ILE C 258 -10.72 -25.66 -12.96
C ILE C 258 -9.82 -25.40 -14.15
N LEU C 259 -10.09 -24.34 -14.87
CA LEU C 259 -9.45 -24.08 -16.16
C LEU C 259 -8.98 -22.64 -16.17
N VAL C 260 -7.84 -22.39 -15.66
CA VAL C 260 -7.31 -21.05 -15.51
C VAL C 260 -6.84 -20.56 -16.86
N ASP C 261 -7.05 -19.29 -17.13
CA ASP C 261 -6.59 -18.67 -18.36
C ASP C 261 -5.36 -17.85 -18.04
N VAL C 262 -4.22 -18.22 -18.61
CA VAL C 262 -2.98 -17.54 -18.31
C VAL C 262 -2.41 -16.96 -19.58
N SER C 263 -3.27 -16.53 -20.49
CA SER C 263 -2.82 -15.75 -21.61
C SER C 263 -2.29 -14.42 -21.14
N GLY C 264 -1.66 -13.67 -22.04
CA GLY C 264 -0.91 -12.51 -21.62
C GLY C 264 -1.78 -11.41 -21.09
N SER C 265 -2.99 -11.29 -21.60
CA SER C 265 -3.81 -10.15 -21.26
C SER C 265 -4.35 -10.19 -19.86
N VAL C 266 -4.20 -11.31 -19.15
CA VAL C 266 -4.66 -11.37 -17.77
C VAL C 266 -3.62 -10.90 -16.79
N SER C 267 -2.45 -10.50 -17.25
CA SER C 267 -1.40 -10.17 -16.30
C SER C 267 -1.79 -8.94 -15.51
N GLY C 268 -1.21 -8.80 -14.34
CA GLY C 268 -1.49 -7.63 -13.56
C GLY C 268 -2.42 -7.92 -12.40
N LEU C 269 -3.52 -7.19 -12.34
CA LEU C 269 -4.45 -7.35 -11.24
C LEU C 269 -5.26 -8.63 -11.37
N THR C 270 -5.88 -8.83 -12.52
CA THR C 270 -6.77 -9.96 -12.66
C THR C 270 -6.05 -11.28 -12.47
N LEU C 271 -4.75 -11.34 -12.71
CA LEU C 271 -4.06 -12.60 -12.49
C LEU C 271 -3.98 -12.94 -11.01
N LYS C 272 -3.65 -11.96 -10.18
CA LYS C 272 -3.58 -12.26 -8.75
C LYS C 272 -4.96 -12.49 -8.16
N LEU C 273 -5.98 -11.84 -8.71
CA LEU C 273 -7.33 -12.17 -8.30
C LEU C 273 -7.67 -13.59 -8.70
N ILE C 274 -7.16 -14.05 -9.84
CA ILE C 274 -7.45 -15.42 -10.27
C ILE C 274 -6.78 -16.42 -9.34
N ARG C 275 -5.57 -16.12 -8.89
CA ARG C 275 -4.91 -17.03 -7.96
C ARG C 275 -5.69 -17.14 -6.66
N THR C 276 -6.05 -16.00 -6.07
CA THR C 276 -6.80 -16.03 -4.82
C THR C 276 -8.16 -16.70 -5.02
N SER C 277 -8.76 -16.53 -6.18
CA SER C 277 -10.07 -17.12 -6.41
C SER C 277 -9.99 -18.63 -6.54
N VAL C 278 -9.00 -19.14 -7.26
CA VAL C 278 -8.89 -20.58 -7.38
C VAL C 278 -8.60 -21.21 -6.02
N SER C 279 -7.81 -20.55 -5.19
CA SER C 279 -7.59 -21.10 -3.86
C SER C 279 -8.89 -21.13 -3.05
N GLU C 280 -9.62 -20.02 -3.04
CA GLU C 280 -10.89 -20.00 -2.30
C GLU C 280 -11.95 -20.90 -2.91
N MET C 281 -11.78 -21.33 -4.15
CA MET C 281 -12.71 -22.31 -4.70
C MET C 281 -12.32 -23.72 -4.31
N LEU C 282 -11.03 -24.04 -4.37
CA LEU C 282 -10.58 -25.32 -3.86
C LEU C 282 -11.00 -25.50 -2.42
N GLU C 283 -11.12 -24.43 -1.68
CA GLU C 283 -11.54 -24.62 -0.29
C GLU C 283 -13.01 -24.98 -0.14
N THR C 284 -13.80 -25.10 -1.20
CA THR C 284 -15.18 -25.54 -1.09
C THR C 284 -15.35 -26.96 -1.61
N LEU C 285 -14.33 -27.79 -1.46
CA LEU C 285 -14.35 -29.17 -1.92
C LEU C 285 -14.07 -30.09 -0.74
N SER C 286 -14.54 -31.32 -0.85
CA SER C 286 -14.44 -32.30 0.20
C SER C 286 -13.62 -33.47 -0.28
N ASP C 287 -13.60 -34.53 0.50
CA ASP C 287 -12.89 -35.74 0.14
C ASP C 287 -13.72 -36.67 -0.72
N ASP C 288 -14.93 -36.27 -1.08
CA ASP C 288 -15.78 -37.02 -1.97
C ASP C 288 -15.69 -36.56 -3.41
N ASP C 289 -15.13 -35.38 -3.63
CA ASP C 289 -15.04 -34.72 -4.92
C ASP C 289 -13.67 -34.90 -5.51
N PHE C 290 -13.59 -34.76 -6.82
CA PHE C 290 -12.35 -34.89 -7.56
C PHE C 290 -12.12 -33.62 -8.34
N VAL C 291 -10.86 -33.24 -8.51
CA VAL C 291 -10.52 -31.92 -9.01
C VAL C 291 -9.22 -32.03 -9.80
N ASN C 292 -8.93 -31.00 -10.57
CA ASN C 292 -7.66 -30.82 -11.23
C ASN C 292 -7.67 -29.42 -11.79
N VAL C 293 -6.53 -28.76 -11.82
CA VAL C 293 -6.44 -27.40 -12.33
C VAL C 293 -5.60 -27.45 -13.59
N ALA C 294 -6.19 -27.10 -14.72
CA ALA C 294 -5.48 -27.01 -15.97
C ALA C 294 -5.24 -25.56 -16.28
N SER C 295 -4.65 -25.27 -17.43
CA SER C 295 -4.25 -23.89 -17.69
C SER C 295 -3.89 -23.76 -19.16
N PHE C 296 -4.41 -22.73 -19.83
CA PHE C 296 -4.23 -22.64 -21.26
C PHE C 296 -3.79 -21.24 -21.68
N ASN C 297 -2.84 -21.18 -22.60
CA ASN C 297 -2.53 -19.95 -23.34
C ASN C 297 -1.94 -20.38 -24.68
N SER C 298 -2.80 -20.51 -25.69
CA SER C 298 -2.39 -21.07 -26.97
C SER C 298 -1.87 -22.49 -26.84
N ASN C 299 -1.95 -23.07 -25.64
CA ASN C 299 -1.67 -24.48 -25.43
C ASN C 299 -2.08 -24.86 -24.02
N ALA C 300 -2.83 -25.93 -23.85
CA ALA C 300 -3.36 -26.28 -22.55
C ALA C 300 -2.50 -27.35 -21.91
N GLN C 301 -2.17 -27.15 -20.64
CA GLN C 301 -1.38 -28.11 -19.89
C GLN C 301 -1.84 -28.11 -18.46
N ASP C 302 -1.34 -29.06 -17.70
CA ASP C 302 -1.72 -29.15 -16.30
C ASP C 302 -0.87 -28.22 -15.46
N VAL C 303 -1.50 -27.64 -14.45
CA VAL C 303 -0.79 -26.66 -13.63
C VAL C 303 0.21 -27.30 -12.71
N SER C 304 0.23 -28.62 -12.60
CA SER C 304 1.00 -29.28 -11.57
C SER C 304 1.48 -30.62 -12.09
N CYS C 305 1.82 -31.52 -11.18
CA CYS C 305 2.36 -32.82 -11.49
C CYS C 305 1.30 -33.89 -11.70
N PHE C 306 0.01 -33.55 -11.67
CA PHE C 306 -0.99 -34.58 -11.45
C PHE C 306 -1.41 -35.30 -12.73
N GLN C 307 -1.96 -34.57 -13.69
CA GLN C 307 -2.35 -35.03 -15.03
C GLN C 307 -3.68 -35.74 -15.11
N HIS C 308 -4.46 -35.84 -14.05
CA HIS C 308 -5.83 -36.32 -14.16
C HIS C 308 -6.60 -35.83 -12.95
N LEU C 309 -7.79 -36.36 -12.73
CA LEU C 309 -8.58 -35.95 -11.58
C LEU C 309 -8.08 -36.65 -10.34
N VAL C 310 -7.86 -35.89 -9.27
CA VAL C 310 -7.35 -36.42 -8.01
C VAL C 310 -8.34 -36.08 -6.91
N GLN C 311 -8.16 -36.70 -5.76
CA GLN C 311 -9.26 -36.86 -4.82
C GLN C 311 -9.60 -35.65 -3.98
N ALA C 312 -8.91 -34.52 -4.10
CA ALA C 312 -9.30 -33.33 -3.35
C ALA C 312 -9.36 -33.57 -1.86
N ASN C 313 -8.31 -34.15 -1.30
CA ASN C 313 -8.10 -34.15 0.13
C ASN C 313 -7.04 -33.13 0.46
N VAL C 314 -6.68 -33.03 1.74
CA VAL C 314 -5.93 -31.86 2.20
C VAL C 314 -4.54 -31.82 1.57
N ARG C 315 -3.94 -32.97 1.32
CA ARG C 315 -2.61 -33.01 0.74
C ARG C 315 -2.64 -32.65 -0.73
N ASN C 316 -3.55 -33.25 -1.49
CA ASN C 316 -3.69 -32.92 -2.90
C ASN C 316 -4.07 -31.47 -3.10
N LYS C 317 -4.97 -30.95 -2.28
CA LYS C 317 -5.31 -29.54 -2.42
C LYS C 317 -4.15 -28.65 -2.05
N LYS C 318 -3.30 -29.07 -1.12
CA LYS C 318 -2.09 -28.28 -0.88
C LYS C 318 -1.20 -28.26 -2.10
N VAL C 319 -1.06 -29.39 -2.77
CA VAL C 319 -0.28 -29.43 -4.01
C VAL C 319 -0.85 -28.47 -5.04
N LEU C 320 -2.17 -28.51 -5.22
CA LEU C 320 -2.79 -27.69 -6.27
C LEU C 320 -2.76 -26.22 -5.92
N LYS C 321 -2.86 -25.85 -4.64
CA LYS C 321 -2.72 -24.45 -4.29
C LYS C 321 -1.29 -23.96 -4.51
N ASP C 322 -0.31 -24.76 -4.11
CA ASP C 322 1.06 -24.36 -4.34
C ASP C 322 1.40 -24.29 -5.81
N ALA C 323 0.71 -25.07 -6.63
CA ALA C 323 0.95 -25.02 -8.06
C ALA C 323 0.26 -23.82 -8.69
N VAL C 324 -0.91 -23.45 -8.18
CA VAL C 324 -1.60 -22.30 -8.73
C VAL C 324 -0.90 -21.01 -8.35
N ASN C 325 -0.20 -20.98 -7.22
CA ASN C 325 0.49 -19.75 -6.87
C ASN C 325 1.70 -19.48 -7.74
N ASN C 326 2.20 -20.48 -8.46
CA ASN C 326 3.40 -20.37 -9.26
C ASN C 326 3.10 -20.01 -10.70
N ILE C 327 1.99 -19.36 -10.95
CA ILE C 327 1.42 -19.21 -12.28
C ILE C 327 1.81 -17.87 -12.84
N THR C 328 2.19 -17.84 -14.11
CA THR C 328 2.57 -16.60 -14.77
C THR C 328 1.83 -16.47 -16.09
N ALA C 329 1.67 -15.23 -16.54
CA ALA C 329 0.78 -14.88 -17.63
C ALA C 329 1.57 -14.40 -18.83
N LYS C 330 1.46 -15.12 -19.94
CA LYS C 330 2.14 -14.77 -21.18
C LYS C 330 1.60 -15.56 -22.34
N GLY C 331 1.33 -14.94 -23.46
CA GLY C 331 0.94 -15.67 -24.64
C GLY C 331 -0.34 -15.15 -25.25
N ILE C 332 -0.84 -15.88 -26.22
CA ILE C 332 -2.07 -15.56 -26.93
C ILE C 332 -3.17 -16.48 -26.45
N THR C 333 -4.40 -15.99 -26.44
CA THR C 333 -5.50 -16.79 -25.93
C THR C 333 -5.97 -17.76 -26.99
N ASP C 334 -6.34 -18.98 -26.58
CA ASP C 334 -6.99 -19.92 -27.49
C ASP C 334 -7.93 -20.78 -26.67
N TYR C 335 -9.22 -20.48 -26.74
CA TYR C 335 -10.20 -21.19 -25.92
C TYR C 335 -10.48 -22.59 -26.42
N LYS C 336 -10.30 -22.84 -27.71
CA LYS C 336 -10.60 -24.16 -28.24
C LYS C 336 -9.67 -25.21 -27.68
N LYS C 337 -8.38 -24.89 -27.58
CA LYS C 337 -7.43 -25.84 -27.02
C LYS C 337 -7.72 -26.10 -25.54
N GLY C 338 -8.00 -25.04 -24.79
CA GLY C 338 -8.32 -25.22 -23.39
C GLY C 338 -9.54 -26.08 -23.19
N PHE C 339 -10.57 -25.88 -23.98
CA PHE C 339 -11.78 -26.65 -23.76
C PHE C 339 -11.65 -28.08 -24.26
N SER C 340 -10.83 -28.32 -25.29
CA SER C 340 -10.55 -29.70 -25.65
C SER C 340 -9.84 -30.41 -24.51
N PHE C 341 -8.84 -29.77 -23.92
CA PHE C 341 -8.13 -30.36 -22.80
C PHE C 341 -9.08 -30.65 -21.65
N ALA C 342 -9.98 -29.73 -21.33
CA ALA C 342 -10.90 -29.93 -20.23
C ALA C 342 -11.84 -31.10 -20.49
N PHE C 343 -12.48 -31.11 -21.65
CA PHE C 343 -13.43 -32.18 -21.90
C PHE C 343 -12.75 -33.51 -22.05
N GLU C 344 -11.46 -33.56 -22.37
CA GLU C 344 -10.78 -34.84 -22.41
C GLU C 344 -10.31 -35.26 -21.04
N GLN C 345 -10.11 -34.32 -20.13
CA GLN C 345 -9.84 -34.67 -18.74
C GLN C 345 -11.07 -35.28 -18.09
N LEU C 346 -12.24 -34.81 -18.49
CA LEU C 346 -13.47 -35.31 -17.90
C LEU C 346 -13.96 -36.58 -18.56
N LEU C 347 -13.13 -37.28 -19.32
CA LEU C 347 -13.53 -38.52 -19.97
C LEU C 347 -12.53 -39.64 -19.68
N ASN C 348 -11.74 -39.51 -18.62
CA ASN C 348 -10.66 -40.45 -18.39
C ASN C 348 -11.19 -41.84 -18.11
N TYR C 349 -11.85 -42.02 -16.97
CA TYR C 349 -12.43 -43.30 -16.58
C TYR C 349 -11.39 -44.42 -16.44
N ASN C 350 -10.12 -44.13 -16.72
CA ASN C 350 -9.05 -45.02 -16.30
C ASN C 350 -8.65 -44.78 -14.86
N VAL C 351 -9.21 -43.76 -14.23
CA VAL C 351 -8.85 -43.36 -12.88
C VAL C 351 -10.12 -43.35 -12.04
N SER C 352 -9.95 -43.07 -10.75
CA SER C 352 -11.09 -43.00 -9.86
C SER C 352 -11.73 -41.64 -9.92
N ARG C 353 -13.07 -41.61 -9.94
CA ARG C 353 -13.81 -40.37 -10.00
C ARG C 353 -15.00 -40.45 -9.06
N ALA C 354 -15.72 -39.35 -8.98
CA ALA C 354 -16.98 -39.30 -8.26
C ALA C 354 -18.14 -39.69 -9.15
N ASN C 355 -17.99 -39.53 -10.46
CA ASN C 355 -18.95 -39.99 -11.45
C ASN C 355 -20.28 -39.27 -11.41
N CYS C 356 -20.37 -38.12 -10.75
CA CYS C 356 -21.69 -37.52 -10.59
C CYS C 356 -21.84 -36.19 -11.30
N ASN C 357 -21.10 -35.18 -10.92
CA ASN C 357 -21.30 -33.85 -11.45
C ASN C 357 -20.05 -33.54 -12.23
N LYS C 358 -20.15 -33.41 -13.52
CA LYS C 358 -19.02 -33.04 -14.34
C LYS C 358 -19.20 -31.59 -14.69
N ILE C 359 -18.30 -30.74 -14.21
CA ILE C 359 -18.44 -29.30 -14.36
C ILE C 359 -17.08 -28.73 -14.69
N ILE C 360 -17.08 -27.57 -15.32
CA ILE C 360 -15.85 -26.88 -15.70
C ILE C 360 -15.96 -25.45 -15.23
N MET C 361 -14.96 -24.98 -14.52
CA MET C 361 -14.91 -23.62 -14.01
C MET C 361 -13.89 -22.86 -14.80
N LEU C 362 -14.31 -21.93 -15.63
CA LEU C 362 -13.40 -21.19 -16.48
C LEU C 362 -13.13 -19.84 -15.85
N PHE C 363 -11.96 -19.67 -15.27
CA PHE C 363 -11.53 -18.41 -14.70
C PHE C 363 -10.83 -17.59 -15.75
N THR C 364 -11.49 -16.56 -16.28
CA THR C 364 -10.91 -15.81 -17.38
C THR C 364 -11.11 -14.34 -17.10
N ASP C 365 -10.87 -13.51 -18.10
CA ASP C 365 -11.31 -12.12 -18.00
C ASP C 365 -12.32 -11.76 -19.07
N GLY C 366 -12.01 -12.01 -20.33
CA GLY C 366 -12.92 -11.72 -21.38
C GLY C 366 -12.27 -12.01 -22.70
N GLY C 367 -13.02 -12.00 -23.78
CA GLY C 367 -12.44 -12.28 -25.06
C GLY C 367 -13.52 -12.27 -26.12
N GLU C 368 -13.14 -12.62 -27.33
CA GLU C 368 -14.06 -12.52 -28.45
C GLU C 368 -14.39 -13.85 -29.10
N GLU C 369 -13.79 -14.94 -28.65
CA GLU C 369 -14.13 -16.24 -29.19
C GLU C 369 -15.10 -16.96 -28.26
N ARG C 370 -16.00 -17.75 -28.83
CA ARG C 370 -16.91 -18.52 -28.02
C ARG C 370 -16.83 -20.03 -28.23
N ALA C 371 -16.22 -20.50 -29.31
CA ALA C 371 -15.90 -21.91 -29.49
C ALA C 371 -17.15 -22.79 -29.52
N GLN C 372 -18.04 -22.52 -30.47
CA GLN C 372 -19.27 -23.28 -30.52
C GLN C 372 -19.03 -24.71 -30.99
N GLU C 373 -18.00 -24.92 -31.81
CA GLU C 373 -17.77 -26.26 -32.31
C GLU C 373 -17.32 -27.20 -31.21
N ILE C 374 -16.55 -26.70 -30.26
CA ILE C 374 -16.07 -27.56 -29.19
C ILE C 374 -17.24 -28.08 -28.37
N PHE C 375 -18.18 -27.20 -28.02
CA PHE C 375 -19.29 -27.65 -27.20
C PHE C 375 -20.22 -28.54 -28.00
N ALA C 376 -20.39 -28.24 -29.29
CA ALA C 376 -21.25 -29.10 -30.10
C ALA C 376 -20.64 -30.47 -30.30
N LYS C 377 -19.32 -30.58 -30.28
CA LYS C 377 -18.71 -31.87 -30.45
C LYS C 377 -18.64 -32.64 -29.14
N TYR C 378 -18.25 -31.98 -28.06
CA TYR C 378 -17.94 -32.67 -26.82
C TYR C 378 -19.10 -32.82 -25.87
N ASN C 379 -19.96 -31.82 -25.69
CA ASN C 379 -21.15 -32.04 -24.88
C ASN C 379 -22.37 -31.54 -25.62
N LYS C 380 -22.56 -32.06 -26.83
CA LYS C 380 -23.81 -31.86 -27.54
C LYS C 380 -25.00 -32.21 -26.68
N ASP C 381 -24.87 -33.24 -25.84
CA ASP C 381 -25.96 -33.72 -25.00
C ASP C 381 -25.98 -33.10 -23.62
N LYS C 382 -25.11 -32.14 -23.36
CA LYS C 382 -25.12 -31.33 -22.15
C LYS C 382 -25.12 -32.17 -20.88
N LYS C 383 -24.07 -32.96 -20.72
CA LYS C 383 -23.84 -33.64 -19.47
C LYS C 383 -22.90 -32.88 -18.56
N VAL C 384 -22.15 -31.93 -19.10
CA VAL C 384 -21.16 -31.16 -18.37
C VAL C 384 -21.70 -29.75 -18.23
N ARG C 385 -21.56 -29.17 -17.05
CA ARG C 385 -21.93 -27.78 -16.87
C ARG C 385 -20.71 -26.91 -17.01
N VAL C 386 -20.92 -25.65 -17.33
CA VAL C 386 -19.85 -24.70 -17.45
C VAL C 386 -20.21 -23.49 -16.61
N PHE C 387 -19.38 -23.20 -15.62
CA PHE C 387 -19.49 -22.01 -14.82
C PHE C 387 -18.33 -21.13 -15.23
N THR C 388 -18.60 -19.93 -15.66
CA THR C 388 -17.54 -19.04 -16.11
C THR C 388 -17.45 -17.85 -15.20
N PHE C 389 -16.23 -17.50 -14.81
CA PHE C 389 -15.95 -16.40 -13.91
C PHE C 389 -15.15 -15.38 -14.69
N SER C 390 -15.61 -14.15 -14.66
CA SER C 390 -14.89 -13.05 -15.27
C SER C 390 -14.24 -12.22 -14.18
N VAL C 391 -12.94 -12.35 -14.05
CA VAL C 391 -12.23 -11.81 -12.91
C VAL C 391 -11.58 -10.50 -13.30
N GLY C 392 -11.55 -9.56 -12.38
CA GLY C 392 -10.79 -8.35 -12.58
C GLY C 392 -11.64 -7.20 -13.03
N GLN C 393 -10.97 -6.10 -13.35
CA GLN C 393 -11.59 -4.86 -13.79
C GLN C 393 -10.95 -4.44 -15.10
N HIS C 394 -11.60 -4.74 -16.22
CA HIS C 394 -11.00 -4.59 -17.52
C HIS C 394 -12.08 -4.15 -18.49
N ASN C 395 -11.72 -4.06 -19.76
CA ASN C 395 -12.63 -3.61 -20.80
C ASN C 395 -12.90 -4.66 -21.85
N TYR C 396 -12.34 -5.86 -21.72
CA TYR C 396 -12.53 -6.88 -22.73
C TYR C 396 -13.99 -7.33 -22.75
N ASP C 397 -14.41 -7.83 -23.90
CA ASP C 397 -15.80 -8.22 -24.08
C ASP C 397 -16.15 -9.37 -23.16
N ARG C 398 -17.41 -9.41 -22.73
CA ARG C 398 -17.87 -10.48 -21.86
C ARG C 398 -19.06 -11.23 -22.43
N GLY C 399 -19.52 -10.88 -23.62
CA GLY C 399 -20.59 -11.61 -24.25
C GLY C 399 -20.32 -13.09 -24.37
N PRO C 400 -19.22 -13.47 -25.02
CA PRO C 400 -18.95 -14.89 -25.23
C PRO C 400 -18.89 -15.67 -23.95
N ILE C 401 -18.36 -15.10 -22.88
CA ILE C 401 -18.21 -15.84 -21.64
C ILE C 401 -19.58 -16.11 -21.01
N GLN C 402 -20.48 -15.14 -21.06
CA GLN C 402 -21.85 -15.38 -20.60
C GLN C 402 -22.53 -16.42 -21.45
N TRP C 403 -22.29 -16.38 -22.75
CA TRP C 403 -22.90 -17.38 -23.62
C TRP C 403 -22.40 -18.78 -23.27
N MET C 404 -21.08 -18.94 -23.15
CA MET C 404 -20.53 -20.21 -22.69
C MET C 404 -21.21 -20.68 -21.44
N ALA C 405 -21.46 -19.78 -20.49
CA ALA C 405 -22.10 -20.18 -19.25
C ALA C 405 -23.57 -20.54 -19.40
N CYS C 406 -24.29 -19.78 -20.23
CA CYS C 406 -25.71 -20.00 -20.44
C CYS C 406 -26.05 -21.11 -21.41
N GLU C 407 -25.17 -21.34 -22.37
CA GLU C 407 -25.40 -22.38 -23.35
C GLU C 407 -25.11 -23.77 -22.78
N ASN C 408 -24.31 -23.82 -21.72
CA ASN C 408 -23.94 -25.10 -21.13
C ASN C 408 -24.46 -25.38 -19.73
N LYS C 409 -25.75 -25.11 -19.51
CA LYS C 409 -26.41 -25.40 -18.24
C LYS C 409 -25.65 -24.87 -17.04
N GLY C 410 -24.75 -23.91 -17.22
CA GLY C 410 -23.92 -23.44 -16.12
C GLY C 410 -24.36 -22.09 -15.62
N TYR C 411 -23.40 -21.25 -15.26
CA TYR C 411 -23.73 -19.97 -14.64
C TYR C 411 -22.57 -19.01 -14.81
N TYR C 412 -22.84 -17.73 -14.63
CA TYR C 412 -21.86 -16.70 -14.92
C TYR C 412 -21.65 -15.80 -13.72
N TYR C 413 -20.40 -15.68 -13.27
CA TYR C 413 -20.05 -14.90 -12.10
C TYR C 413 -19.03 -13.85 -12.45
N GLU C 414 -19.01 -12.77 -11.70
CA GLU C 414 -18.08 -11.67 -11.90
C GLU C 414 -17.34 -11.37 -10.62
N ILE C 415 -16.02 -11.28 -10.70
CA ILE C 415 -15.24 -11.06 -9.50
C ILE C 415 -14.37 -9.83 -9.65
N PRO C 416 -14.83 -8.66 -9.25
CA PRO C 416 -14.07 -7.44 -9.53
C PRO C 416 -13.01 -7.08 -8.50
N SER C 417 -13.06 -7.67 -7.31
CA SER C 417 -12.15 -7.27 -6.24
C SER C 417 -11.93 -8.47 -5.34
N ILE C 418 -11.21 -8.26 -4.25
CA ILE C 418 -10.98 -9.35 -3.32
C ILE C 418 -12.21 -9.58 -2.46
N GLY C 419 -13.02 -8.56 -2.22
CA GLY C 419 -14.20 -8.78 -1.39
C GLY C 419 -15.25 -9.64 -2.04
N ALA C 420 -15.29 -9.68 -3.36
CA ALA C 420 -16.28 -10.47 -4.07
C ALA C 420 -15.93 -11.93 -4.15
N ILE C 421 -14.70 -12.30 -3.80
CA ILE C 421 -14.24 -13.65 -4.04
C ILE C 421 -15.04 -14.64 -3.20
N ARG C 422 -15.16 -14.39 -1.91
CA ARG C 422 -15.77 -15.39 -1.05
C ARG C 422 -17.19 -15.69 -1.46
N ILE C 423 -18.00 -14.66 -1.70
CA ILE C 423 -19.38 -14.92 -2.05
C ILE C 423 -19.56 -15.40 -3.47
N ASN C 424 -18.63 -15.13 -4.37
CA ASN C 424 -18.85 -15.62 -5.72
C ASN C 424 -18.24 -16.98 -5.98
N THR C 425 -17.37 -17.46 -5.11
CA THR C 425 -16.81 -18.77 -5.32
C THR C 425 -17.53 -19.88 -4.56
N GLN C 426 -18.54 -19.54 -3.77
CA GLN C 426 -19.33 -20.55 -3.08
C GLN C 426 -20.74 -20.64 -3.62
N GLU C 427 -21.08 -19.83 -4.59
CA GLU C 427 -22.43 -19.68 -5.08
C GLU C 427 -22.80 -20.64 -6.20
N TYR C 428 -21.90 -21.52 -6.64
CA TYR C 428 -22.27 -22.47 -7.67
C TYR C 428 -23.01 -23.65 -7.10
N LEU C 429 -22.97 -23.84 -5.79
CA LEU C 429 -23.74 -24.88 -5.13
C LEU C 429 -25.21 -24.58 -5.09
N ASP C 430 -25.65 -23.48 -5.71
CA ASP C 430 -27.08 -23.29 -5.95
C ASP C 430 -27.47 -23.89 -7.27
N VAL C 431 -26.62 -23.80 -8.27
CA VAL C 431 -26.88 -24.46 -9.53
C VAL C 431 -26.75 -25.96 -9.37
N LEU C 432 -25.77 -26.41 -8.61
CA LEU C 432 -25.60 -27.86 -8.49
C LEU C 432 -26.71 -28.54 -7.71
N GLY C 433 -27.60 -27.80 -7.10
CA GLY C 433 -28.63 -28.39 -6.28
C GLY C 433 -30.03 -28.33 -6.84
N ARG C 434 -30.21 -27.82 -8.05
CA ARG C 434 -31.52 -27.88 -8.69
C ARG C 434 -31.98 -29.30 -8.94
N PRO C 435 -31.15 -30.24 -9.39
CA PRO C 435 -31.62 -31.61 -9.51
C PRO C 435 -31.98 -32.26 -8.20
N MET C 436 -31.29 -31.92 -7.13
CA MET C 436 -31.64 -32.44 -5.83
C MET C 436 -33.03 -31.98 -5.43
N VAL C 437 -33.32 -30.70 -5.60
CA VAL C 437 -34.65 -30.18 -5.31
C VAL C 437 -35.70 -30.87 -6.15
N LEU C 438 -35.46 -31.00 -7.45
CA LEU C 438 -36.47 -31.62 -8.30
C LEU C 438 -36.69 -33.09 -8.00
N ALA C 439 -35.68 -33.80 -7.52
CA ALA C 439 -35.88 -35.19 -7.14
C ALA C 439 -36.86 -35.35 -5.99
N GLY C 440 -37.17 -34.30 -5.26
CA GLY C 440 -38.30 -34.35 -4.34
C GLY C 440 -37.94 -34.95 -3.01
N ASP C 441 -38.58 -36.05 -2.68
CA ASP C 441 -38.41 -36.67 -1.37
C ASP C 441 -37.40 -37.79 -1.35
N LYS C 442 -36.83 -38.15 -2.49
CA LYS C 442 -35.71 -39.06 -2.49
C LYS C 442 -34.42 -38.37 -2.11
N ALA C 443 -34.41 -37.04 -2.15
CA ALA C 443 -33.22 -36.28 -1.87
C ALA C 443 -32.98 -36.03 -0.40
N LYS C 444 -33.95 -36.31 0.45
CA LYS C 444 -33.84 -36.01 1.87
C LYS C 444 -33.43 -37.28 2.59
N GLN C 445 -32.12 -37.53 2.60
CA GLN C 445 -31.51 -38.58 3.40
C GLN C 445 -30.44 -37.95 4.26
N VAL C 446 -30.38 -38.34 5.53
CA VAL C 446 -29.42 -37.75 6.44
C VAL C 446 -28.02 -38.22 6.08
N GLN C 447 -27.08 -37.31 6.07
CA GLN C 447 -25.68 -37.61 5.80
C GLN C 447 -24.85 -37.19 7.00
N TRP C 448 -23.71 -37.82 7.19
CA TRP C 448 -22.82 -37.46 8.28
C TRP C 448 -21.48 -37.05 7.72
N THR C 449 -20.90 -36.00 8.27
CA THR C 449 -19.72 -35.41 7.66
C THR C 449 -18.46 -36.05 8.20
N ASN C 450 -17.32 -35.60 7.68
CA ASN C 450 -16.06 -35.98 8.26
C ASN C 450 -15.98 -35.45 9.68
N VAL C 451 -14.88 -35.78 10.35
CA VAL C 451 -14.66 -35.31 11.71
C VAL C 451 -13.98 -33.96 11.65
N TYR C 452 -14.59 -32.94 12.21
CA TYR C 452 -14.00 -31.62 12.21
C TYR C 452 -14.03 -31.07 13.62
N LEU C 453 -13.34 -29.96 13.81
CA LEU C 453 -13.32 -29.30 15.09
C LEU C 453 -14.43 -28.26 15.13
N ASP C 454 -15.29 -28.36 16.13
CA ASP C 454 -16.42 -27.46 16.25
C ASP C 454 -15.97 -26.01 16.26
N ALA C 455 -16.85 -25.12 15.80
CA ALA C 455 -16.54 -23.70 15.81
C ALA C 455 -16.78 -23.08 17.17
N LEU C 456 -17.72 -23.63 17.93
CA LEU C 456 -17.99 -23.15 19.28
C LEU C 456 -17.20 -23.90 20.33
N GLU C 457 -16.00 -24.39 19.99
CA GLU C 457 -15.07 -24.93 20.95
C GLU C 457 -15.69 -26.08 21.75
N LEU C 458 -15.95 -27.18 21.07
CA LEU C 458 -16.57 -28.32 21.69
C LEU C 458 -15.78 -29.61 21.48
N GLY C 459 -14.74 -29.58 20.68
CA GLY C 459 -13.99 -30.76 20.36
C GLY C 459 -14.31 -31.28 18.98
N LEU C 460 -13.90 -32.51 18.73
CA LEU C 460 -14.21 -33.14 17.45
C LEU C 460 -15.66 -33.54 17.45
N VAL C 461 -16.35 -33.28 16.33
CA VAL C 461 -17.75 -33.63 16.17
C VAL C 461 -17.93 -34.19 14.78
N ILE C 462 -19.04 -34.87 14.57
CA ILE C 462 -19.57 -35.08 13.24
C ILE C 462 -20.95 -34.46 13.24
N THR C 463 -21.40 -34.06 12.06
CA THR C 463 -22.67 -33.37 11.92
C THR C 463 -23.56 -34.16 10.99
N GLY C 464 -24.85 -34.21 11.28
CA GLY C 464 -25.82 -34.78 10.38
C GLY C 464 -26.57 -33.67 9.67
N THR C 465 -26.73 -33.80 8.37
CA THR C 465 -27.31 -32.75 7.57
C THR C 465 -28.50 -33.24 6.78
N LEU C 466 -29.36 -32.32 6.42
CA LEU C 466 -30.55 -32.59 5.62
C LEU C 466 -31.03 -31.31 4.97
N PRO C 467 -31.15 -31.24 3.66
CA PRO C 467 -31.52 -29.99 3.03
C PRO C 467 -33.00 -29.70 3.16
N VAL C 468 -33.32 -28.42 3.24
CA VAL C 468 -34.69 -27.95 3.38
C VAL C 468 -35.10 -27.34 2.05
N PHE C 469 -36.26 -27.72 1.54
CA PHE C 469 -36.70 -27.28 0.23
C PHE C 469 -37.71 -26.16 0.36
N ASN C 470 -37.79 -25.33 -0.67
CA ASN C 470 -38.74 -24.23 -0.71
C ASN C 470 -40.00 -24.69 -1.42
N ILE C 471 -41.09 -24.81 -0.69
CA ILE C 471 -42.36 -25.26 -1.26
C ILE C 471 -43.37 -24.16 -1.01
N THR C 472 -43.43 -23.19 -1.92
CA THR C 472 -44.36 -22.08 -1.80
C THR C 472 -45.18 -22.02 -3.07
N GLY C 473 -46.49 -21.96 -2.92
CA GLY C 473 -47.33 -22.17 -4.08
C GLY C 473 -47.09 -23.53 -4.68
N GLN C 474 -46.94 -24.52 -3.83
CA GLN C 474 -46.62 -25.88 -4.25
C GLN C 474 -47.86 -26.69 -4.53
N PHE C 475 -48.89 -26.55 -3.70
CA PHE C 475 -50.05 -27.42 -3.81
C PHE C 475 -50.82 -27.22 -5.11
N GLU C 476 -50.55 -26.14 -5.85
CA GLU C 476 -51.27 -25.84 -7.08
C GLU C 476 -50.35 -25.72 -8.28
N ASN C 477 -49.03 -25.88 -8.11
CA ASN C 477 -48.06 -25.66 -9.18
C ASN C 477 -48.22 -24.25 -9.75
N LYS C 478 -47.90 -23.27 -8.91
CA LYS C 478 -48.05 -21.86 -9.26
C LYS C 478 -46.73 -21.23 -9.68
N THR C 479 -45.70 -21.33 -8.84
CA THR C 479 -44.47 -20.57 -9.01
C THR C 479 -43.34 -21.33 -9.71
N ASN C 480 -42.85 -22.39 -9.06
CA ASN C 480 -41.68 -23.16 -9.49
C ASN C 480 -40.55 -22.31 -10.11
N LEU C 481 -40.24 -21.15 -9.54
CA LEU C 481 -39.10 -20.37 -10.01
C LEU C 481 -38.01 -20.20 -8.96
N LYS C 482 -38.32 -19.57 -7.82
CA LYS C 482 -37.47 -19.58 -6.64
C LYS C 482 -37.53 -20.94 -5.96
N ASN C 483 -38.44 -21.80 -6.40
CA ASN C 483 -38.66 -23.13 -5.89
C ASN C 483 -37.78 -24.13 -6.56
N GLN C 484 -36.64 -23.73 -7.07
CA GLN C 484 -35.62 -24.67 -7.50
C GLN C 484 -34.36 -24.57 -6.67
N LEU C 485 -34.31 -23.67 -5.71
CA LEU C 485 -33.20 -23.55 -4.78
C LEU C 485 -33.66 -24.02 -3.41
N ILE C 486 -32.72 -24.51 -2.61
CA ILE C 486 -33.03 -24.93 -1.26
C ILE C 486 -33.10 -23.71 -0.36
N LEU C 487 -33.77 -23.86 0.77
CA LEU C 487 -33.82 -22.79 1.74
C LEU C 487 -32.56 -22.72 2.57
N GLY C 488 -32.02 -23.87 2.91
CA GLY C 488 -30.84 -23.93 3.75
C GLY C 488 -30.56 -25.37 4.06
N VAL C 489 -29.88 -25.60 5.17
CA VAL C 489 -29.52 -26.95 5.57
C VAL C 489 -29.68 -27.06 7.07
N MET C 490 -30.35 -28.10 7.52
CA MET C 490 -30.48 -28.37 8.94
C MET C 490 -29.30 -29.21 9.39
N GLY C 491 -28.94 -29.10 10.66
CA GLY C 491 -27.78 -29.83 11.14
C GLY C 491 -27.87 -30.06 12.63
N VAL C 492 -27.29 -31.16 13.08
CA VAL C 492 -27.27 -31.52 14.48
C VAL C 492 -25.96 -32.22 14.77
N ASP C 493 -25.25 -31.78 15.81
CA ASP C 493 -23.92 -32.30 16.08
C ASP C 493 -23.95 -33.53 16.96
N VAL C 494 -22.89 -34.32 16.87
CA VAL C 494 -22.69 -35.51 17.67
C VAL C 494 -21.22 -35.52 18.03
N SER C 495 -20.89 -35.20 19.27
CA SER C 495 -19.48 -35.15 19.61
C SER C 495 -18.89 -36.55 19.59
N LEU C 496 -17.57 -36.61 19.64
CA LEU C 496 -16.95 -37.93 19.67
C LEU C 496 -16.79 -38.44 21.08
N GLU C 497 -16.75 -37.56 22.07
CA GLU C 497 -16.86 -38.02 23.44
C GLU C 497 -18.20 -38.65 23.70
N ASP C 498 -19.16 -38.47 22.81
CA ASP C 498 -20.48 -39.08 22.96
C ASP C 498 -20.52 -40.44 22.30
N ILE C 499 -19.75 -40.62 21.24
CA ILE C 499 -19.63 -41.94 20.63
C ILE C 499 -18.74 -42.83 21.46
N LYS C 500 -17.69 -42.27 22.04
CA LYS C 500 -16.80 -43.06 22.87
C LYS C 500 -17.41 -43.44 24.20
N ARG C 501 -18.67 -43.15 24.46
CA ARG C 501 -19.32 -43.68 25.64
C ARG C 501 -20.12 -44.92 25.32
N LEU C 502 -20.43 -45.16 24.07
CA LEU C 502 -21.09 -46.37 23.63
C LEU C 502 -20.11 -47.49 23.38
N THR C 503 -18.81 -47.22 23.47
CA THR C 503 -17.76 -48.20 23.32
C THR C 503 -16.91 -48.15 24.58
N PRO C 504 -17.41 -48.69 25.69
CA PRO C 504 -16.69 -48.60 26.96
C PRO C 504 -15.48 -49.51 26.95
N ARG C 505 -14.32 -48.95 27.28
CA ARG C 505 -13.06 -49.63 27.04
C ARG C 505 -12.40 -50.14 28.31
N PHE C 506 -13.14 -50.30 29.40
CA PHE C 506 -12.51 -50.60 30.68
C PHE C 506 -12.69 -52.04 31.09
N THR C 507 -13.12 -52.91 30.18
CA THR C 507 -13.11 -54.34 30.43
C THR C 507 -12.15 -55.06 29.51
N LEU C 508 -11.44 -54.36 28.65
CA LEU C 508 -10.34 -54.90 27.87
C LEU C 508 -9.04 -54.40 28.45
N CYS C 509 -7.94 -55.05 28.09
CA CYS C 509 -6.66 -54.68 28.66
C CYS C 509 -6.27 -53.31 28.13
N PRO C 510 -5.18 -52.72 28.62
CA PRO C 510 -4.72 -51.47 28.05
C PRO C 510 -4.44 -51.53 26.56
N ASN C 511 -4.48 -52.71 25.95
CA ASN C 511 -4.05 -52.89 24.58
C ASN C 511 -5.18 -53.07 23.59
N GLY C 512 -6.39 -53.35 24.02
CA GLY C 512 -7.51 -53.48 23.12
C GLY C 512 -8.28 -52.19 23.00
N TYR C 513 -9.01 -52.05 21.90
CA TYR C 513 -9.70 -50.78 21.68
C TYR C 513 -10.64 -50.89 20.51
N TYR C 514 -11.62 -50.00 20.48
CA TYR C 514 -12.55 -49.89 19.37
C TYR C 514 -12.03 -48.89 18.37
N PHE C 515 -12.41 -49.06 17.12
CA PHE C 515 -12.16 -48.02 16.15
C PHE C 515 -13.11 -48.18 14.99
N ALA C 516 -13.59 -47.07 14.46
CA ALA C 516 -14.55 -47.09 13.39
C ALA C 516 -13.95 -46.41 12.18
N ILE C 517 -14.62 -46.54 11.04
CA ILE C 517 -14.03 -46.15 9.78
C ILE C 517 -15.14 -45.76 8.82
N ASP C 518 -14.85 -44.78 7.97
CA ASP C 518 -15.68 -44.28 6.88
C ASP C 518 -15.83 -45.32 5.79
N PRO C 519 -16.59 -45.07 4.75
CA PRO C 519 -16.33 -45.75 3.48
C PRO C 519 -15.35 -44.96 2.66
N ASN C 520 -14.36 -44.41 3.30
CA ASN C 520 -13.37 -43.58 2.63
C ASN C 520 -12.00 -43.82 3.19
N GLY C 521 -11.86 -44.71 4.15
CA GLY C 521 -10.64 -44.98 4.82
C GLY C 521 -10.49 -44.21 6.10
N TYR C 522 -10.99 -42.99 6.14
CA TYR C 522 -10.77 -42.11 7.26
C TYR C 522 -11.33 -42.70 8.53
N VAL C 523 -10.86 -42.19 9.65
CA VAL C 523 -11.09 -42.81 10.95
C VAL C 523 -12.02 -41.89 11.72
N LEU C 524 -13.08 -42.47 12.27
CA LEU C 524 -14.04 -41.75 13.08
C LEU C 524 -13.81 -41.95 14.57
N LEU C 525 -12.95 -42.87 14.92
CA LEU C 525 -12.80 -43.29 16.29
C LEU C 525 -11.49 -44.04 16.35
N HIS C 526 -10.53 -43.54 17.11
CA HIS C 526 -9.26 -44.24 17.19
C HIS C 526 -8.52 -43.72 18.40
N PRO C 527 -7.74 -44.56 19.06
CA PRO C 527 -6.92 -44.08 20.16
C PRO C 527 -5.90 -43.05 19.75
N ASN C 528 -5.62 -42.95 18.45
CA ASN C 528 -4.61 -42.03 17.96
C ASN C 528 -5.14 -40.87 17.13
N LEU C 529 -6.32 -40.39 17.48
CA LEU C 529 -6.93 -39.27 16.77
C LEU C 529 -7.11 -38.12 17.76
N GLN C 530 -6.17 -37.19 17.76
CA GLN C 530 -6.21 -36.06 18.66
C GLN C 530 -7.02 -34.91 18.08
N PRO C 531 -7.40 -33.95 18.92
CA PRO C 531 -8.20 -32.77 18.52
C PRO C 531 -7.35 -31.63 17.97
N LYS C 532 -6.57 -31.91 16.93
CA LYS C 532 -5.74 -30.90 16.29
C LYS C 532 -5.77 -31.13 14.79
N PRO C 533 -5.67 -30.04 14.01
CA PRO C 533 -5.70 -30.12 12.55
C PRO C 533 -4.61 -31.00 11.95
N ILE C 534 -4.94 -31.68 10.87
CA ILE C 534 -3.98 -32.54 10.18
C ILE C 534 -2.99 -31.62 9.49
N GLY C 535 -1.70 -31.90 9.62
CA GLY C 535 -0.70 -31.05 9.03
C GLY C 535 -0.27 -31.53 7.67
N VAL C 536 0.11 -30.59 6.82
CA VAL C 536 0.62 -30.91 5.49
C VAL C 536 1.94 -30.19 5.32
N GLY C 537 2.96 -30.91 4.87
CA GLY C 537 4.26 -30.33 4.66
C GLY C 537 4.90 -29.71 5.91
N ILE C 538 5.93 -28.93 5.66
CA ILE C 538 6.63 -28.17 6.69
C ILE C 538 6.10 -26.74 6.65
N PRO C 539 5.86 -26.11 7.80
CA PRO C 539 5.39 -24.73 7.78
C PRO C 539 6.56 -23.76 7.67
N THR C 540 6.35 -22.69 6.92
CA THR C 540 7.35 -21.64 6.77
C THR C 540 6.64 -20.29 6.90
N ILE C 541 6.91 -19.58 7.98
CA ILE C 541 6.34 -18.26 8.20
C ILE C 541 7.38 -17.21 7.87
N ASN C 542 6.90 -16.09 7.37
CA ASN C 542 7.75 -14.94 7.06
C ASN C 542 7.39 -13.85 8.07
N LEU C 543 8.25 -13.67 9.07
CA LEU C 543 8.00 -12.65 10.07
C LEU C 543 7.97 -11.27 9.44
N ARG C 544 8.89 -11.01 8.52
CA ARG C 544 9.10 -9.70 7.93
C ARG C 544 7.95 -9.22 7.07
N LYS C 545 6.92 -10.04 6.85
CA LYS C 545 5.78 -9.64 6.04
C LYS C 545 4.48 -9.59 6.83
N ARG C 546 4.53 -9.82 8.13
CA ARG C 546 3.31 -9.97 8.93
C ARG C 546 3.10 -8.72 9.76
N ARG C 547 2.14 -7.90 9.35
CA ARG C 547 1.74 -6.77 10.16
C ARG C 547 1.33 -7.26 11.55
N PRO C 548 1.40 -6.40 12.57
CA PRO C 548 1.14 -6.87 13.93
C PRO C 548 -0.33 -7.10 14.26
N ASN C 549 -1.26 -6.42 13.60
CA ASN C 549 -2.66 -6.39 14.05
C ASN C 549 -3.64 -6.58 12.89
N VAL C 550 -3.47 -7.62 12.08
CA VAL C 550 -4.28 -7.76 10.87
C VAL C 550 -5.16 -8.99 10.85
N GLN C 551 -5.11 -9.86 11.87
CA GLN C 551 -6.07 -10.96 12.02
C GLN C 551 -6.06 -11.91 10.82
N ASN C 552 -4.95 -12.63 10.69
CA ASN C 552 -4.90 -13.69 9.70
C ASN C 552 -5.83 -14.84 10.11
N PRO C 553 -6.52 -15.46 9.15
CA PRO C 553 -7.39 -16.61 9.47
C PRO C 553 -6.64 -17.76 10.13
N LYS C 554 -7.40 -18.65 10.78
CA LYS C 554 -6.82 -19.74 11.54
C LYS C 554 -6.87 -21.09 10.82
N SER C 555 -8.08 -21.62 10.56
CA SER C 555 -8.21 -22.94 9.94
C SER C 555 -9.68 -23.29 9.68
N GLN C 556 -9.93 -24.13 8.68
CA GLN C 556 -11.28 -24.63 8.45
C GLN C 556 -11.28 -26.08 7.98
N GLU C 557 -10.15 -26.74 7.97
CA GLU C 557 -10.09 -28.07 7.39
C GLU C 557 -10.60 -29.11 8.38
N PRO C 558 -11.09 -30.23 7.91
CA PRO C 558 -11.50 -31.29 8.81
C PRO C 558 -10.31 -32.14 9.24
N VAL C 559 -10.54 -32.97 10.24
CA VAL C 559 -9.51 -33.85 10.77
C VAL C 559 -9.74 -35.20 10.11
N THR C 560 -9.16 -35.37 8.94
CA THR C 560 -9.32 -36.57 8.13
C THR C 560 -8.03 -37.36 8.20
N LEU C 561 -7.93 -38.22 9.19
CA LEU C 561 -6.75 -39.03 9.39
C LEU C 561 -7.06 -40.43 8.92
N ASP C 562 -6.34 -40.88 7.91
CA ASP C 562 -6.65 -42.17 7.32
C ASP C 562 -6.46 -43.27 8.34
N PHE C 563 -6.90 -44.47 8.01
CA PHE C 563 -6.67 -45.58 8.91
C PHE C 563 -5.22 -46.00 8.87
N LEU C 564 -4.68 -46.19 7.67
CA LEU C 564 -3.31 -46.63 7.52
C LEU C 564 -2.29 -45.56 7.89
N ASP C 565 -2.71 -44.43 8.44
CA ASP C 565 -1.79 -43.44 8.97
C ASP C 565 -1.97 -43.25 10.46
N ALA C 566 -2.88 -43.97 11.07
CA ALA C 566 -3.02 -43.97 12.51
C ALA C 566 -2.37 -45.17 13.17
N GLU C 567 -2.10 -46.23 12.42
CA GLU C 567 -1.41 -47.39 12.92
C GLU C 567 -0.20 -47.68 12.04
N LEU C 568 0.60 -48.65 12.45
CA LEU C 568 1.63 -49.15 11.55
C LEU C 568 0.98 -50.02 10.48
N GLU C 569 1.46 -49.90 9.26
CA GLU C 569 0.77 -50.42 8.08
C GLU C 569 1.42 -51.71 7.60
N ASN C 570 0.71 -52.82 7.74
CA ASN C 570 1.16 -54.11 7.23
C ASN C 570 0.63 -54.32 5.82
N ASP C 571 0.72 -55.56 5.35
CA ASP C 571 -0.03 -55.98 4.19
C ASP C 571 -1.36 -56.59 4.57
N ILE C 572 -1.51 -57.01 5.81
CA ILE C 572 -2.75 -57.59 6.27
C ILE C 572 -3.74 -56.52 6.67
N LYS C 573 -3.26 -55.45 7.31
CA LYS C 573 -4.17 -54.37 7.68
C LYS C 573 -4.76 -53.71 6.46
N VAL C 574 -4.04 -53.69 5.34
CA VAL C 574 -4.63 -53.17 4.11
C VAL C 574 -5.82 -54.01 3.69
N GLU C 575 -5.70 -55.33 3.81
CA GLU C 575 -6.79 -56.18 3.39
C GLU C 575 -7.95 -56.11 4.37
N ILE C 576 -7.67 -55.91 5.66
CA ILE C 576 -8.75 -55.70 6.62
C ILE C 576 -9.48 -54.40 6.31
N ARG C 577 -8.73 -53.36 6.00
CA ARG C 577 -9.33 -52.08 5.67
C ARG C 577 -10.21 -52.18 4.45
N ASN C 578 -9.69 -52.74 3.36
CA ASN C 578 -10.52 -52.92 2.18
C ASN C 578 -11.73 -53.79 2.48
N LYS C 579 -11.54 -54.82 3.29
CA LYS C 579 -12.59 -55.78 3.54
C LYS C 579 -13.71 -55.18 4.36
N MET C 580 -13.43 -54.19 5.18
CA MET C 580 -14.49 -53.57 5.96
C MET C 580 -14.87 -52.18 5.49
N ILE C 581 -14.27 -51.68 4.42
CA ILE C 581 -14.79 -50.47 3.79
C ILE C 581 -16.09 -50.78 3.05
N ASP C 582 -16.15 -51.94 2.41
CA ASP C 582 -17.39 -52.39 1.78
C ASP C 582 -18.19 -53.31 2.68
N GLY C 583 -18.45 -52.84 3.90
CA GLY C 583 -19.39 -53.45 4.82
C GLY C 583 -19.46 -54.96 4.92
N GLU C 584 -18.33 -55.62 5.15
CA GLU C 584 -18.33 -57.04 5.47
C GLU C 584 -18.10 -57.20 6.96
N SER C 585 -18.53 -58.32 7.51
CA SER C 585 -18.32 -58.62 8.91
C SER C 585 -17.41 -59.83 9.01
N GLY C 586 -16.33 -59.71 9.78
CA GLY C 586 -15.36 -60.78 9.77
C GLY C 586 -14.45 -60.73 10.96
N GLU C 587 -13.43 -61.57 10.92
CA GLU C 587 -12.52 -61.72 12.05
C GLU C 587 -11.19 -62.26 11.56
N LYS C 588 -10.10 -61.75 12.10
CA LYS C 588 -8.78 -62.15 11.62
C LYS C 588 -7.76 -62.00 12.73
N THR C 589 -7.02 -63.06 13.01
CA THR C 589 -6.03 -63.08 14.07
C THR C 589 -4.65 -63.18 13.48
N PHE C 590 -3.79 -62.21 13.76
CA PHE C 590 -2.47 -62.24 13.14
C PHE C 590 -1.44 -61.68 14.11
N ARG C 591 -0.24 -61.43 13.59
CA ARG C 591 0.90 -61.01 14.38
C ARG C 591 1.50 -59.77 13.76
N THR C 592 1.60 -58.70 14.55
CA THR C 592 1.91 -57.40 14.00
C THR C 592 2.87 -56.67 14.89
N LEU C 593 3.41 -55.57 14.37
CA LEU C 593 4.19 -54.65 15.17
C LEU C 593 3.26 -53.61 15.77
N VAL C 594 3.49 -53.27 17.03
CA VAL C 594 2.68 -52.30 17.76
C VAL C 594 3.60 -51.23 18.30
N LYS C 595 3.41 -50.01 17.82
CA LYS C 595 4.21 -48.88 18.30
C LYS C 595 3.79 -48.53 19.72
N SER C 596 4.77 -48.33 20.59
CA SER C 596 4.46 -48.11 21.99
C SER C 596 3.81 -46.75 22.17
N GLN C 597 3.28 -46.53 23.38
CA GLN C 597 2.55 -45.30 23.67
C GLN C 597 3.40 -44.07 23.38
N ASP C 598 4.52 -43.93 24.08
CA ASP C 598 5.52 -42.95 23.71
C ASP C 598 6.31 -43.49 22.52
N GLU C 599 6.47 -42.69 21.50
CA GLU C 599 6.97 -43.26 20.26
C GLU C 599 8.47 -43.52 20.33
N ARG C 600 8.88 -44.54 21.07
CA ARG C 600 10.29 -44.84 21.16
C ARG C 600 10.57 -46.30 20.89
N TYR C 601 9.60 -47.16 21.13
CA TYR C 601 9.79 -48.58 20.98
C TYR C 601 8.79 -49.14 19.99
N ILE C 602 8.95 -50.42 19.70
CA ILE C 602 8.05 -51.16 18.84
C ILE C 602 8.03 -52.58 19.33
N ASP C 603 6.85 -53.13 19.57
CA ASP C 603 6.76 -54.51 20.01
C ASP C 603 6.16 -55.38 18.92
N LYS C 604 6.21 -56.68 19.13
CA LYS C 604 5.52 -57.64 18.29
C LYS C 604 4.46 -58.33 19.13
N GLY C 605 3.24 -58.33 18.65
CA GLY C 605 2.15 -58.90 19.42
C GLY C 605 1.17 -59.64 18.54
N ASN C 606 0.52 -60.63 19.12
CA ASN C 606 -0.60 -61.28 18.48
C ASN C 606 -1.84 -60.43 18.75
N ARG C 607 -2.57 -60.11 17.69
CA ARG C 607 -3.79 -59.34 17.80
C ARG C 607 -4.92 -60.09 17.13
N THR C 608 -6.14 -59.65 17.41
CA THR C 608 -7.34 -60.13 16.74
C THR C 608 -8.19 -58.93 16.40
N TYR C 609 -8.47 -58.76 15.12
CA TYR C 609 -9.38 -57.72 14.66
C TYR C 609 -10.71 -58.38 14.34
N THR C 610 -11.77 -57.96 15.02
CA THR C 610 -13.09 -58.44 14.66
C THR C 610 -13.95 -57.25 14.28
N TRP C 611 -14.50 -57.26 13.09
CA TRP C 611 -15.19 -56.09 12.59
C TRP C 611 -16.59 -56.44 12.12
N THR C 612 -17.42 -55.41 12.03
CA THR C 612 -18.79 -55.51 11.59
C THR C 612 -19.20 -54.17 11.02
N PRO C 613 -20.27 -54.11 10.24
CA PRO C 613 -20.77 -52.83 9.77
C PRO C 613 -21.89 -52.26 10.64
N VAL C 614 -21.90 -50.94 10.75
CA VAL C 614 -22.96 -50.24 11.45
C VAL C 614 -24.15 -50.17 10.51
N ASN C 615 -25.23 -50.88 10.86
CA ASN C 615 -26.23 -51.26 9.86
C ASN C 615 -26.95 -50.06 9.29
N GLY C 616 -27.28 -49.07 10.12
CA GLY C 616 -28.04 -47.95 9.61
C GLY C 616 -27.27 -47.07 8.66
N THR C 617 -25.96 -47.00 8.82
CA THR C 617 -25.11 -46.02 8.16
C THR C 617 -24.06 -46.73 7.29
N ASP C 618 -23.08 -45.96 6.86
CA ASP C 618 -21.95 -46.48 6.09
C ASP C 618 -20.73 -46.78 6.95
N TYR C 619 -20.74 -46.39 8.21
CA TYR C 619 -19.60 -46.60 9.08
C TYR C 619 -19.33 -48.07 9.27
N SER C 620 -18.16 -48.38 9.79
CA SER C 620 -17.85 -49.75 10.16
C SER C 620 -17.10 -49.76 11.47
N LEU C 621 -17.42 -50.69 12.36
CA LEU C 621 -16.84 -50.71 13.69
C LEU C 621 -16.01 -51.96 13.86
N ALA C 622 -14.83 -51.81 14.43
CA ALA C 622 -13.91 -52.91 14.64
C ALA C 622 -13.41 -52.87 16.07
N LEU C 623 -13.04 -54.02 16.58
CA LEU C 623 -12.53 -54.16 17.93
C LEU C 623 -11.25 -54.96 17.88
N VAL C 624 -10.20 -54.42 18.49
CA VAL C 624 -8.87 -55.02 18.50
C VAL C 624 -8.62 -55.58 19.88
N LEU C 625 -8.39 -56.88 19.94
CA LEU C 625 -8.21 -57.58 21.20
C LEU C 625 -6.94 -58.40 21.11
N PRO C 626 -5.98 -58.23 22.02
CA PRO C 626 -4.87 -59.15 22.08
C PRO C 626 -5.27 -60.41 22.83
N THR C 627 -5.06 -61.56 22.22
CA THR C 627 -5.20 -62.79 22.97
C THR C 627 -4.37 -62.70 24.22
N TYR C 628 -4.85 -63.29 25.32
CA TYR C 628 -4.60 -63.02 26.75
C TYR C 628 -5.54 -61.96 27.28
N SER C 629 -6.40 -61.41 26.46
CA SER C 629 -7.41 -60.45 26.91
C SER C 629 -8.79 -60.90 26.49
N PHE C 630 -8.96 -62.20 26.30
CA PHE C 630 -10.25 -62.80 26.07
C PHE C 630 -10.96 -63.16 27.36
N TYR C 631 -10.47 -62.66 28.49
CA TYR C 631 -11.04 -62.94 29.79
C TYR C 631 -10.70 -61.79 30.70
N TYR C 632 -11.67 -61.35 31.50
CA TYR C 632 -11.41 -60.29 32.46
C TYR C 632 -11.95 -60.70 33.81
N ILE C 633 -11.62 -59.91 34.81
CA ILE C 633 -12.04 -60.16 36.18
C ILE C 633 -13.22 -59.25 36.49
N LYS C 634 -14.28 -59.82 37.05
CA LYS C 634 -15.44 -59.08 37.50
C LYS C 634 -15.54 -59.24 39.00
N ALA C 635 -15.51 -58.13 39.72
CA ALA C 635 -15.41 -58.18 41.17
C ALA C 635 -16.69 -58.70 41.77
N LYS C 636 -16.57 -59.32 42.94
CA LYS C 636 -17.73 -59.96 43.55
C LYS C 636 -17.79 -59.68 45.04
N ILE C 637 -17.26 -58.56 45.50
CA ILE C 637 -17.34 -58.19 46.90
C ILE C 637 -18.49 -57.21 47.08
N GLU C 638 -19.55 -57.66 47.73
CA GLU C 638 -20.68 -56.82 48.07
C GLU C 638 -20.79 -56.59 49.56
N GLU C 639 -19.95 -57.24 50.36
CA GLU C 639 -20.09 -57.23 51.81
C GLU C 639 -19.58 -55.91 52.36
N THR C 640 -20.33 -55.32 53.28
CA THR C 640 -19.90 -54.07 53.89
C THR C 640 -18.55 -54.23 54.57
N ILE C 641 -18.29 -55.39 55.16
CA ILE C 641 -17.06 -55.57 55.93
C ILE C 641 -15.85 -55.55 55.01
N THR C 642 -15.83 -56.41 54.00
CA THR C 642 -14.69 -56.46 53.09
C THR C 642 -14.52 -55.14 52.37
N GLN C 643 -15.61 -54.59 51.83
CA GLN C 643 -15.52 -53.33 51.10
C GLN C 643 -15.05 -52.19 51.99
N ALA C 644 -15.45 -52.18 53.25
CA ALA C 644 -15.02 -51.14 54.18
C ALA C 644 -13.55 -51.30 54.51
N ARG C 645 -13.12 -52.53 54.78
CA ARG C 645 -11.71 -52.78 55.02
C ARG C 645 -10.87 -52.30 53.85
N TYR C 646 -11.28 -52.63 52.63
CA TYR C 646 -10.53 -52.24 51.46
C TYR C 646 -10.53 -50.74 51.27
N SER C 647 -11.71 -50.12 51.35
CA SER C 647 -11.81 -48.68 51.15
C SER C 647 -11.03 -47.90 52.20
N GLU C 648 -10.72 -48.52 53.33
CA GLU C 648 -9.85 -47.86 54.28
C GLU C 648 -8.45 -47.68 53.71
N THR C 649 -8.00 -48.61 52.87
CA THR C 649 -6.60 -48.70 52.52
C THR C 649 -6.15 -47.63 51.55
N LEU C 650 -7.04 -46.77 51.06
CA LEU C 650 -6.63 -45.66 50.22
C LEU C 650 -7.11 -44.36 50.86
N LYS C 651 -6.28 -43.81 51.74
CA LYS C 651 -6.52 -42.59 52.47
C LYS C 651 -5.16 -42.01 52.80
N PRO C 652 -4.88 -40.77 52.43
CA PRO C 652 -3.54 -40.22 52.64
C PRO C 652 -3.02 -40.38 54.05
N ASP C 653 -3.89 -40.32 55.04
CA ASP C 653 -3.44 -40.21 56.42
C ASP C 653 -2.49 -41.33 56.81
N ASN C 654 -2.55 -42.47 56.12
CA ASN C 654 -1.73 -43.61 56.45
C ASN C 654 -0.93 -44.13 55.27
N PHE C 655 -0.53 -43.24 54.35
CA PHE C 655 0.30 -43.66 53.24
C PHE C 655 1.54 -44.41 53.73
N GLU C 656 2.03 -44.05 54.91
CA GLU C 656 3.21 -44.70 55.46
C GLU C 656 3.09 -46.21 55.51
N GLU C 657 1.89 -46.74 55.72
CA GLU C 657 1.77 -48.18 55.78
C GLU C 657 1.56 -48.80 54.41
N SER C 658 1.12 -48.02 53.42
CA SER C 658 0.78 -48.57 52.11
C SER C 658 1.52 -47.88 50.97
N GLY C 659 2.23 -46.81 51.21
CA GLY C 659 2.94 -46.17 50.12
C GLY C 659 2.01 -45.38 49.24
N TYR C 660 2.54 -44.33 48.64
CA TYR C 660 1.78 -43.40 47.84
C TYR C 660 0.84 -44.12 46.90
N THR C 661 -0.44 -43.79 46.95
CA THR C 661 -1.45 -44.44 46.15
C THR C 661 -2.03 -43.44 45.19
N PHE C 662 -2.08 -43.80 43.92
CA PHE C 662 -2.72 -43.04 42.86
C PHE C 662 -3.97 -43.76 42.42
N LEU C 663 -4.96 -43.00 41.98
CA LEU C 663 -6.23 -43.53 41.50
C LEU C 663 -6.53 -42.96 40.13
N ALA C 664 -7.07 -43.80 39.26
CA ALA C 664 -7.27 -43.39 37.89
C ALA C 664 -8.47 -42.47 37.78
N PRO C 665 -8.38 -41.39 37.06
CA PRO C 665 -9.54 -40.50 36.95
C PRO C 665 -10.65 -41.06 36.09
N ARG C 666 -11.13 -42.26 36.37
CA ARG C 666 -12.20 -42.78 35.54
C ARG C 666 -13.50 -42.08 35.91
N ASP C 667 -14.59 -42.54 35.31
CA ASP C 667 -15.90 -41.98 35.60
C ASP C 667 -16.63 -42.97 36.50
N TYR C 668 -16.30 -42.95 37.78
CA TYR C 668 -16.94 -43.90 38.67
C TYR C 668 -18.37 -43.52 38.98
N CYS C 669 -18.63 -42.22 39.19
CA CYS C 669 -19.97 -41.72 39.43
C CYS C 669 -20.14 -40.42 38.66
N SER C 670 -21.39 -40.11 38.31
CA SER C 670 -21.67 -38.86 37.62
C SER C 670 -21.68 -37.67 38.55
N ASP C 671 -21.29 -37.85 39.81
CA ASP C 671 -21.27 -36.78 40.79
C ASP C 671 -19.88 -36.19 40.98
N LEU C 672 -18.86 -37.04 41.09
CA LEU C 672 -17.51 -36.53 41.21
C LEU C 672 -16.88 -36.36 39.84
N LYS C 673 -15.96 -35.42 39.73
CA LYS C 673 -15.40 -35.19 38.43
C LYS C 673 -13.90 -35.47 38.44
N PRO C 674 -13.37 -36.04 37.36
CA PRO C 674 -11.91 -36.10 37.21
C PRO C 674 -11.28 -34.72 37.35
N SER C 675 -10.20 -34.65 38.13
CA SER C 675 -9.69 -33.36 38.57
C SER C 675 -8.26 -33.06 38.15
N ASP C 676 -7.51 -34.03 37.63
CA ASP C 676 -6.22 -33.79 37.01
C ASP C 676 -5.18 -33.39 38.06
N ASN C 677 -5.62 -33.17 39.28
CA ASN C 677 -4.76 -33.10 40.45
C ASN C 677 -5.17 -34.28 41.32
N ASN C 678 -4.33 -35.30 41.35
CA ASN C 678 -4.82 -36.60 41.80
C ASN C 678 -4.99 -36.69 43.30
N THR C 679 -4.41 -35.77 44.06
CA THR C 679 -4.67 -35.77 45.49
C THR C 679 -6.09 -35.32 45.77
N GLU C 680 -6.50 -34.25 45.12
CA GLU C 680 -7.90 -33.83 45.17
C GLU C 680 -8.83 -34.97 44.80
N PHE C 681 -8.49 -35.69 43.73
CA PHE C 681 -9.35 -36.76 43.26
C PHE C 681 -9.41 -37.90 44.25
N LEU C 682 -8.28 -38.34 44.79
CA LEU C 682 -8.32 -39.44 45.73
C LEU C 682 -9.12 -39.06 46.97
N LEU C 683 -8.95 -37.82 47.44
CA LEU C 683 -9.74 -37.35 48.57
C LEU C 683 -11.22 -37.39 48.27
N ASN C 684 -11.63 -36.85 47.12
CA ASN C 684 -13.04 -36.86 46.75
C ASN C 684 -13.57 -38.27 46.66
N PHE C 685 -12.83 -39.16 46.01
CA PHE C 685 -13.29 -40.53 45.87
C PHE C 685 -13.55 -41.13 47.24
N ASN C 686 -12.67 -40.85 48.20
CA ASN C 686 -12.87 -41.39 49.54
C ASN C 686 -14.12 -40.81 50.19
N GLU C 687 -14.21 -39.48 50.24
CA GLU C 687 -15.34 -38.85 50.91
C GLU C 687 -16.65 -39.15 50.21
N PHE C 688 -16.60 -39.57 48.96
CA PHE C 688 -17.80 -39.97 48.25
C PHE C 688 -18.16 -41.41 48.56
N ILE C 689 -17.20 -42.32 48.55
CA ILE C 689 -17.51 -43.71 48.82
C ILE C 689 -18.06 -43.85 50.23
N ASP C 690 -17.64 -42.98 51.14
CA ASP C 690 -18.28 -43.00 52.45
C ASP C 690 -19.56 -42.16 52.46
N ARG C 691 -19.42 -40.84 52.26
CA ARG C 691 -20.52 -39.88 52.25
C ARG C 691 -21.70 -40.30 51.39
N LYS C 692 -21.50 -41.22 50.46
CA LYS C 692 -22.61 -41.84 49.77
C LYS C 692 -22.61 -43.31 50.11
N THR C 693 -23.74 -43.81 50.56
CA THR C 693 -23.89 -45.17 51.04
C THR C 693 -23.40 -46.14 49.97
N PRO C 694 -22.93 -47.34 50.34
CA PRO C 694 -22.52 -48.31 49.32
C PRO C 694 -23.66 -48.78 48.42
N ASN C 695 -24.86 -48.21 48.58
CA ASN C 695 -25.90 -48.45 47.60
C ASN C 695 -25.50 -47.91 46.23
N ASN C 696 -24.85 -46.74 46.19
CA ASN C 696 -24.32 -46.13 44.97
C ASN C 696 -25.33 -46.24 43.83
N PRO C 697 -26.41 -45.46 43.86
CA PRO C 697 -27.45 -45.64 42.83
C PRO C 697 -27.09 -44.97 41.53
N SER C 698 -26.34 -43.89 41.58
CA SER C 698 -25.91 -43.15 40.41
C SER C 698 -24.48 -43.51 40.00
N CYS C 699 -23.90 -44.52 40.63
CA CYS C 699 -22.51 -44.89 40.43
C CYS C 699 -22.39 -46.20 39.69
N ASN C 700 -21.33 -46.30 38.89
CA ASN C 700 -21.00 -47.53 38.18
C ASN C 700 -20.42 -48.51 39.19
N THR C 701 -21.16 -49.58 39.47
CA THR C 701 -20.74 -50.43 40.57
C THR C 701 -19.65 -51.42 40.15
N ASP C 702 -19.60 -51.78 38.87
CA ASP C 702 -18.54 -52.68 38.45
C ASP C 702 -17.19 -51.97 38.51
N LEU C 703 -17.14 -50.72 38.08
CA LEU C 703 -15.89 -49.97 38.15
C LEU C 703 -15.39 -49.87 39.59
N ILE C 704 -16.22 -49.37 40.50
CA ILE C 704 -15.69 -49.11 41.82
C ILE C 704 -15.54 -50.40 42.60
N ASN C 705 -16.31 -51.42 42.26
CA ASN C 705 -16.10 -52.71 42.88
C ASN C 705 -14.75 -53.28 42.49
N ARG C 706 -14.39 -53.16 41.21
CA ARG C 706 -13.08 -53.59 40.76
C ARG C 706 -11.98 -52.80 41.45
N VAL C 707 -12.14 -51.48 41.55
CA VAL C 707 -11.12 -50.65 42.20
C VAL C 707 -10.92 -51.08 43.64
N LEU C 708 -12.01 -51.37 44.35
CA LEU C 708 -11.89 -51.75 45.75
C LEU C 708 -11.20 -53.10 45.90
N LEU C 709 -11.69 -54.12 45.18
CA LEU C 709 -11.03 -55.43 45.23
C LEU C 709 -9.56 -55.30 44.90
N ASP C 710 -9.25 -54.48 43.91
CA ASP C 710 -7.87 -54.29 43.48
C ASP C 710 -7.01 -53.68 44.58
N ALA C 711 -7.45 -52.56 45.14
CA ALA C 711 -6.71 -51.95 46.23
C ALA C 711 -6.53 -52.93 47.37
N GLY C 712 -7.50 -53.81 47.56
CA GLY C 712 -7.33 -54.84 48.57
C GLY C 712 -6.15 -55.75 48.27
N PHE C 713 -6.11 -56.28 47.06
CA PHE C 713 -5.00 -57.17 46.68
C PHE C 713 -3.66 -56.45 46.76
N THR C 714 -3.58 -55.28 46.12
CA THR C 714 -2.35 -54.52 46.14
C THR C 714 -1.88 -54.26 47.57
N ASN C 715 -2.79 -53.90 48.46
CA ASN C 715 -2.37 -53.59 49.82
C ASN C 715 -1.94 -54.83 50.56
N GLU C 716 -2.56 -55.98 50.28
CA GLU C 716 -2.06 -57.21 50.87
C GLU C 716 -0.60 -57.41 50.48
N LEU C 717 -0.30 -57.19 49.21
CA LEU C 717 1.10 -57.31 48.76
C LEU C 717 1.99 -56.35 49.52
N VAL C 718 1.62 -55.07 49.56
CA VAL C 718 2.49 -54.06 50.16
C VAL C 718 2.72 -54.37 51.63
N GLN C 719 1.66 -54.71 52.36
CA GLN C 719 1.81 -54.95 53.78
C GLN C 719 2.61 -56.21 54.06
N ASN C 720 2.15 -57.35 53.55
CA ASN C 720 2.73 -58.62 53.98
C ASN C 720 4.16 -58.78 53.50
N TYR C 721 4.45 -58.38 52.27
CA TYR C 721 5.72 -58.73 51.65
C TYR C 721 6.68 -57.57 51.52
N TRP C 722 6.29 -56.47 50.89
CA TRP C 722 7.23 -55.38 50.66
C TRP C 722 7.75 -54.82 51.97
N SER C 723 6.85 -54.44 52.87
CA SER C 723 7.21 -53.74 54.09
C SER C 723 8.11 -54.56 55.01
N LYS C 724 8.40 -55.81 54.68
CA LYS C 724 9.35 -56.56 55.49
C LYS C 724 10.77 -56.09 55.24
N GLN C 725 11.24 -56.17 53.99
CA GLN C 725 12.57 -55.66 53.64
C GLN C 725 12.42 -54.20 53.32
N LYS C 726 12.57 -53.35 54.34
CA LYS C 726 12.33 -51.94 54.15
C LYS C 726 13.33 -51.33 53.18
N ASN C 727 14.58 -51.77 53.22
CA ASN C 727 15.62 -51.21 52.36
C ASN C 727 16.38 -52.35 51.69
N ILE C 728 16.23 -52.45 50.38
CA ILE C 728 16.97 -53.40 49.58
C ILE C 728 18.23 -52.70 49.10
N LYS C 729 19.22 -53.50 48.69
CA LYS C 729 20.54 -52.95 48.40
C LYS C 729 20.47 -51.90 47.29
N GLY C 730 20.13 -52.31 46.08
CA GLY C 730 20.23 -51.38 44.97
C GLY C 730 18.92 -50.75 44.56
N VAL C 731 17.83 -51.17 45.20
CA VAL C 731 16.50 -50.71 44.81
C VAL C 731 16.31 -49.26 45.21
N LYS C 732 15.57 -48.52 44.39
CA LYS C 732 15.21 -47.15 44.70
C LYS C 732 13.72 -46.95 44.92
N ALA C 733 12.87 -47.77 44.30
CA ALA C 733 11.44 -47.72 44.52
C ALA C 733 10.86 -49.09 44.21
N ARG C 734 9.57 -49.24 44.48
CA ARG C 734 8.85 -50.45 44.11
C ARG C 734 7.41 -50.07 43.86
N PHE C 735 6.90 -50.40 42.68
CA PHE C 735 5.55 -49.97 42.34
C PHE C 735 4.71 -51.15 41.90
N VAL C 736 3.40 -50.94 41.99
CA VAL C 736 2.40 -51.85 41.43
C VAL C 736 1.39 -51.02 40.69
N VAL C 737 1.25 -51.26 39.40
CA VAL C 737 0.21 -50.66 38.59
C VAL C 737 -0.78 -51.75 38.31
N THR C 738 -2.07 -51.44 38.32
CA THR C 738 -3.00 -52.51 38.06
C THR C 738 -4.19 -52.02 37.26
N ASP C 739 -5.04 -52.99 36.90
CA ASP C 739 -6.35 -52.72 36.38
C ASP C 739 -7.30 -52.34 37.50
N GLY C 740 -8.27 -51.53 37.20
CA GLY C 740 -9.01 -50.91 38.24
C GLY C 740 -8.42 -49.58 38.62
N GLY C 741 -7.24 -49.27 38.12
CA GLY C 741 -6.72 -47.94 38.21
C GLY C 741 -5.98 -47.64 39.48
N ILE C 742 -5.49 -48.64 40.17
CA ILE C 742 -4.75 -48.45 41.40
C ILE C 742 -3.27 -48.42 41.06
N THR C 743 -2.55 -47.48 41.65
CA THR C 743 -1.10 -47.45 41.56
C THR C 743 -0.53 -47.27 42.94
N ARG C 744 0.53 -47.99 43.26
CA ARG C 744 1.15 -47.87 44.58
C ARG C 744 2.66 -47.81 44.43
N VAL C 745 3.24 -46.70 44.85
CA VAL C 745 4.70 -46.54 44.97
C VAL C 745 5.06 -46.72 46.43
N TYR C 746 6.08 -47.55 46.73
CA TYR C 746 6.19 -48.03 48.10
C TYR C 746 6.71 -47.00 49.09
N PRO C 747 7.95 -46.52 48.99
CA PRO C 747 8.34 -45.49 49.96
C PRO C 747 7.70 -44.17 49.57
N LYS C 748 6.83 -43.65 50.42
CA LYS C 748 6.12 -42.43 50.08
C LYS C 748 7.03 -41.37 49.51
N GLU C 749 8.27 -41.31 49.99
CA GLU C 749 9.23 -40.35 49.47
C GLU C 749 9.51 -40.59 48.00
N ALA C 750 9.38 -41.83 47.54
CA ALA C 750 9.52 -42.12 46.11
C ALA C 750 8.33 -41.63 45.32
N GLY C 751 7.17 -41.53 45.95
CA GLY C 751 5.98 -41.13 45.24
C GLY C 751 6.04 -39.73 44.69
N GLU C 752 7.04 -38.95 45.07
CA GLU C 752 7.20 -37.61 44.52
C GLU C 752 8.01 -37.59 43.25
N ASN C 753 8.72 -38.68 42.95
CA ASN C 753 9.50 -38.81 41.73
C ASN C 753 8.79 -39.67 40.69
N TRP C 754 7.56 -40.08 40.95
CA TRP C 754 6.78 -40.88 40.03
C TRP C 754 6.03 -39.97 39.09
N GLN C 755 6.39 -40.00 37.81
CA GLN C 755 5.84 -39.08 36.83
C GLN C 755 4.84 -39.73 35.89
N GLU C 756 4.61 -41.03 35.99
CA GLU C 756 3.74 -41.71 35.06
C GLU C 756 2.30 -41.25 35.24
N ASN C 757 1.49 -41.53 34.23
CA ASN C 757 0.08 -41.18 34.27
C ASN C 757 -0.62 -41.95 35.37
N PRO C 758 -1.58 -41.33 36.07
CA PRO C 758 -2.34 -42.09 37.06
C PRO C 758 -3.42 -42.97 36.46
N GLU C 759 -3.87 -42.68 35.24
CA GLU C 759 -4.76 -43.58 34.53
C GLU C 759 -3.94 -44.68 33.91
N THR C 760 -4.12 -45.92 34.36
CA THR C 760 -3.20 -46.96 33.98
C THR C 760 -3.30 -47.35 32.51
N TYR C 761 -4.39 -47.02 31.84
CA TYR C 761 -4.49 -47.37 30.43
C TYR C 761 -3.69 -46.44 29.54
N GLU C 762 -2.96 -45.49 30.11
CA GLU C 762 -2.12 -44.60 29.33
C GLU C 762 -0.67 -44.65 29.76
N ASP C 763 -0.31 -45.59 30.63
CA ASP C 763 1.06 -45.81 31.01
C ASP C 763 1.76 -46.60 29.93
N SER C 764 2.82 -46.05 29.36
CA SER C 764 3.52 -46.72 28.28
C SER C 764 4.12 -48.03 28.77
N PHE C 765 4.83 -47.99 29.89
CA PHE C 765 5.49 -49.18 30.39
C PHE C 765 4.52 -50.29 30.72
N TYR C 766 3.29 -49.95 31.10
CA TYR C 766 2.29 -50.96 31.36
C TYR C 766 1.95 -51.72 30.09
N LYS C 767 1.61 -50.99 29.03
CA LYS C 767 1.26 -51.65 27.78
C LYS C 767 2.45 -52.39 27.19
N ARG C 768 3.66 -51.90 27.44
CA ARG C 768 4.83 -52.61 26.93
C ARG C 768 5.08 -53.88 27.72
N SER C 769 4.93 -53.84 29.04
CA SER C 769 5.24 -55.01 29.83
C SER C 769 4.17 -56.07 29.73
N LEU C 770 3.00 -55.72 29.23
CA LEU C 770 1.99 -56.75 28.97
C LEU C 770 2.30 -57.52 27.71
N ASP C 771 2.90 -56.87 26.72
CA ASP C 771 3.25 -57.53 25.47
C ASP C 771 4.35 -58.55 25.67
N ASN C 772 5.46 -58.13 26.26
CA ASN C 772 6.62 -59.00 26.38
C ASN C 772 6.39 -60.11 27.40
N ASP C 773 7.25 -61.11 27.33
CA ASP C 773 7.22 -62.21 28.27
C ASP C 773 8.46 -62.25 29.14
N ASN C 774 9.05 -61.08 29.40
CA ASN C 774 10.24 -61.00 30.22
C ASN C 774 10.23 -59.65 30.91
N TYR C 775 11.36 -59.25 31.47
CA TYR C 775 11.45 -58.02 32.23
C TYR C 775 11.75 -56.87 31.30
N VAL C 776 10.86 -55.91 31.21
CA VAL C 776 11.05 -54.80 30.30
C VAL C 776 11.76 -53.69 31.03
N PHE C 777 12.82 -53.17 30.43
CA PHE C 777 13.60 -52.06 30.97
C PHE C 777 13.23 -50.81 30.21
N THR C 778 12.88 -49.75 30.92
CA THR C 778 12.49 -48.50 30.28
C THR C 778 13.59 -47.48 30.50
N ALA C 779 14.17 -46.99 29.42
CA ALA C 779 15.22 -46.03 29.68
C ALA C 779 14.63 -44.67 29.99
N PRO C 780 15.28 -43.88 30.83
CA PRO C 780 14.76 -42.57 31.16
C PRO C 780 14.83 -41.63 29.97
N TYR C 781 14.38 -40.41 30.14
CA TYR C 781 14.60 -39.44 29.08
C TYR C 781 15.93 -38.77 29.31
N PHE C 782 16.35 -37.96 28.35
CA PHE C 782 17.65 -37.31 28.43
C PHE C 782 17.51 -35.83 28.20
N ASN C 783 18.31 -35.05 28.95
CA ASN C 783 18.25 -33.60 28.94
C ASN C 783 16.83 -33.11 29.15
N LYS C 784 16.06 -33.89 29.89
CA LYS C 784 14.69 -33.52 30.21
C LYS C 784 14.69 -32.72 31.50
N SER C 785 13.73 -31.82 31.61
CA SER C 785 13.62 -30.99 32.80
C SER C 785 12.97 -31.80 33.91
N GLY C 786 13.70 -32.01 34.99
CA GLY C 786 13.22 -32.79 36.10
C GLY C 786 14.24 -33.83 36.52
N PRO C 787 14.20 -34.23 37.78
CA PRO C 787 15.15 -35.25 38.24
C PRO C 787 14.77 -36.59 37.67
N GLY C 788 15.48 -37.04 36.65
CA GLY C 788 14.95 -38.15 35.90
C GLY C 788 15.88 -39.28 35.56
N ALA C 789 17.16 -39.14 35.83
CA ALA C 789 18.12 -40.16 35.46
C ALA C 789 18.82 -40.78 36.65
N TYR C 790 19.11 -39.98 37.66
CA TYR C 790 19.93 -40.40 38.79
C TYR C 790 19.17 -40.49 40.09
N GLU C 791 18.30 -39.52 40.36
CA GLU C 791 17.54 -39.54 41.59
C GLU C 791 16.46 -40.61 41.57
N SER C 792 15.93 -40.90 40.38
CA SER C 792 14.82 -41.83 40.22
C SER C 792 15.31 -43.25 40.03
N GLY C 793 16.09 -43.49 38.99
CA GLY C 793 16.60 -44.81 38.68
C GLY C 793 16.15 -45.26 37.31
N ILE C 794 16.42 -46.53 37.03
CA ILE C 794 16.02 -47.19 35.79
C ILE C 794 14.89 -48.13 36.11
N MET C 795 13.82 -48.11 35.31
CA MET C 795 12.60 -48.82 35.66
C MET C 795 12.58 -50.21 35.03
N VAL C 796 12.47 -51.23 35.86
CA VAL C 796 12.23 -52.60 35.41
C VAL C 796 10.77 -52.95 35.71
N SER C 797 10.13 -53.67 34.81
CA SER C 797 8.74 -54.00 35.05
C SER C 797 8.39 -55.34 34.44
N LYS C 798 7.71 -56.18 35.21
CA LYS C 798 7.23 -57.46 34.72
C LYS C 798 5.74 -57.59 35.02
N ALA C 799 5.01 -58.16 34.08
CA ALA C 799 3.58 -58.29 34.17
C ALA C 799 3.20 -59.56 34.90
N VAL C 800 2.20 -59.47 35.75
CA VAL C 800 1.70 -60.62 36.48
C VAL C 800 0.85 -61.47 35.53
N GLU C 801 1.03 -62.78 35.58
CA GLU C 801 0.26 -63.68 34.73
C GLU C 801 -0.26 -64.83 35.59
N ILE C 802 -1.57 -64.87 35.80
CA ILE C 802 -2.17 -65.87 36.68
C ILE C 802 -3.05 -66.80 35.88
N TYR C 803 -3.23 -67.99 36.42
CA TYR C 803 -4.02 -69.06 35.81
C TYR C 803 -5.13 -69.44 36.77
N ILE C 804 -6.37 -69.18 36.38
CA ILE C 804 -7.49 -69.41 37.28
C ILE C 804 -8.07 -70.80 37.06
N GLN C 805 -8.54 -71.07 35.85
CA GLN C 805 -9.02 -72.39 35.48
C GLN C 805 -8.44 -72.79 34.14
N GLY C 806 -7.13 -72.69 34.04
CA GLY C 806 -6.44 -72.85 32.78
C GLY C 806 -6.45 -71.61 31.93
N LYS C 807 -6.99 -70.51 32.44
CA LYS C 807 -7.18 -69.29 31.70
C LYS C 807 -6.08 -68.30 32.05
N LEU C 808 -5.45 -67.75 31.04
CA LEU C 808 -4.42 -66.76 31.25
C LEU C 808 -5.05 -65.41 31.56
N LEU C 809 -4.42 -64.65 32.44
CA LEU C 809 -4.92 -63.34 32.82
C LEU C 809 -3.74 -62.50 33.28
N LYS C 810 -3.64 -61.29 32.75
CA LYS C 810 -2.56 -60.36 33.12
C LYS C 810 -3.20 -59.15 33.77
N PRO C 811 -3.44 -59.18 35.08
CA PRO C 811 -4.17 -58.11 35.73
C PRO C 811 -3.33 -57.01 36.36
N ALA C 812 -2.02 -57.14 36.44
CA ALA C 812 -1.23 -56.13 37.11
C ALA C 812 0.18 -56.15 36.55
N VAL C 813 0.93 -55.11 36.87
CA VAL C 813 2.33 -55.00 36.49
C VAL C 813 3.11 -54.56 37.72
N VAL C 814 4.07 -55.36 38.15
CA VAL C 814 4.89 -55.00 39.28
C VAL C 814 6.20 -54.50 38.74
N GLY C 815 6.87 -53.67 39.51
CA GLY C 815 8.08 -53.10 38.98
C GLY C 815 9.10 -52.69 40.01
N ILE C 816 10.06 -51.89 39.59
CA ILE C 816 11.20 -51.55 40.42
C ILE C 816 11.94 -50.39 39.80
N LYS C 817 12.56 -49.56 40.60
CA LYS C 817 13.52 -48.59 40.12
C LYS C 817 14.88 -49.00 40.65
N ILE C 818 15.77 -49.39 39.76
CA ILE C 818 17.13 -49.75 40.13
C ILE C 818 17.95 -48.48 40.23
N ASP C 819 18.79 -48.40 41.26
CA ASP C 819 19.63 -47.24 41.47
C ASP C 819 20.86 -47.34 40.60
N VAL C 820 21.16 -46.26 39.88
CA VAL C 820 22.22 -46.32 38.89
C VAL C 820 23.55 -46.64 39.55
N ASN C 821 23.80 -46.06 40.72
CA ASN C 821 25.14 -46.18 41.31
C ASN C 821 25.45 -47.60 41.74
N SER C 822 24.51 -48.27 42.42
CA SER C 822 24.72 -49.67 42.75
C SER C 822 24.88 -50.50 41.49
N TRP C 823 24.21 -50.11 40.42
CA TRP C 823 24.38 -50.82 39.16
C TRP C 823 25.80 -50.70 38.66
N ILE C 824 26.35 -49.47 38.64
CA ILE C 824 27.71 -49.30 38.15
C ILE C 824 28.68 -50.11 39.00
N GLU C 825 28.46 -50.10 40.32
CA GLU C 825 29.30 -50.91 41.19
C GLU C 825 29.27 -52.37 40.78
N ASN C 826 28.09 -52.92 40.50
CA ASN C 826 28.05 -54.31 40.07
C ASN C 826 28.56 -54.50 38.65
N PHE C 827 28.57 -53.44 37.84
CA PHE C 827 28.89 -53.58 36.43
C PHE C 827 30.39 -53.62 36.21
N THR C 828 31.11 -52.70 36.84
CA THR C 828 32.56 -52.67 36.67
C THR C 828 33.24 -53.82 37.38
N LYS C 829 32.72 -54.24 38.52
CA LYS C 829 33.29 -55.36 39.24
C LYS C 829 32.89 -56.68 38.59
N ASP C 842 38.59 -56.58 32.21
CA ASP C 842 39.22 -56.29 30.93
C ASP C 842 38.63 -55.05 30.31
N CYS C 843 37.61 -54.48 30.97
CA CYS C 843 37.20 -53.11 30.71
C CYS C 843 36.86 -52.46 32.04
N LYS C 844 37.44 -51.28 32.28
CA LYS C 844 37.42 -50.64 33.59
C LYS C 844 37.07 -49.18 33.43
N ARG C 845 36.73 -48.54 34.55
CA ARG C 845 36.28 -47.16 34.55
C ARG C 845 37.15 -46.30 33.66
N ASN C 846 36.53 -45.69 32.66
CA ASN C 846 37.17 -44.73 31.76
C ASN C 846 38.35 -45.32 31.02
N SER C 847 38.47 -46.64 30.95
CA SER C 847 39.52 -47.25 30.14
C SER C 847 39.47 -46.71 28.73
N ASP C 848 40.65 -46.45 28.17
CA ASP C 848 40.73 -45.84 26.85
C ASP C 848 41.14 -46.84 25.79
N VAL C 849 40.83 -48.12 26.01
CA VAL C 849 41.13 -49.12 25.00
C VAL C 849 39.85 -49.78 24.53
N MET C 850 38.80 -49.75 25.35
CA MET C 850 37.54 -50.34 24.93
C MET C 850 36.37 -49.78 25.74
N ASP C 851 35.19 -49.88 25.14
CA ASP C 851 33.92 -49.47 25.73
C ASP C 851 33.07 -50.67 26.04
N CYS C 852 32.31 -50.57 27.12
CA CYS C 852 31.40 -51.59 27.59
C CYS C 852 30.07 -50.92 27.89
N VAL C 853 29.09 -51.05 26.99
CA VAL C 853 27.81 -50.40 27.17
C VAL C 853 26.69 -51.44 27.23
N ILE C 854 25.57 -51.03 27.81
CA ILE C 854 24.34 -51.82 27.83
C ILE C 854 23.24 -50.96 27.23
N LEU C 855 22.49 -51.53 26.30
CA LEU C 855 21.37 -50.84 25.68
C LEU C 855 20.12 -51.67 25.80
N ASP C 856 18.98 -51.06 25.50
CA ASP C 856 17.72 -51.79 25.46
C ASP C 856 17.20 -51.79 24.03
N ASP C 857 16.25 -52.68 23.76
CA ASP C 857 15.84 -52.77 22.37
C ASP C 857 15.20 -51.46 21.98
N GLY C 858 15.95 -50.66 21.24
CA GLY C 858 15.57 -49.30 20.98
C GLY C 858 16.84 -48.49 20.91
N GLY C 859 17.90 -49.01 21.50
CA GLY C 859 19.18 -48.35 21.39
C GLY C 859 19.41 -47.21 22.34
N PHE C 860 18.80 -47.24 23.51
CA PHE C 860 18.94 -46.17 24.48
C PHE C 860 19.92 -46.61 25.55
N LEU C 861 20.92 -45.78 25.81
CA LEU C 861 21.97 -46.13 26.75
C LEU C 861 21.40 -46.39 28.13
N LEU C 862 21.83 -47.48 28.75
CA LEU C 862 21.43 -47.77 30.12
C LEU C 862 22.61 -47.79 31.07
N MET C 863 23.62 -48.58 30.80
CA MET C 863 24.77 -48.67 31.69
C MET C 863 26.02 -48.60 30.86
N ALA C 864 26.81 -47.58 31.09
CA ALA C 864 28.02 -47.30 30.35
C ALA C 864 29.23 -47.78 31.12
N ASN C 865 30.41 -47.33 30.68
CA ASN C 865 31.68 -47.66 31.30
C ASN C 865 32.62 -46.47 31.33
N HIS C 866 32.10 -45.24 31.30
CA HIS C 866 32.97 -44.13 31.00
C HIS C 866 32.77 -42.88 31.82
N ASP C 867 31.71 -42.76 32.59
CA ASP C 867 31.52 -41.60 33.46
C ASP C 867 31.29 -40.36 32.60
N ASP C 868 31.50 -40.49 31.30
CA ASP C 868 31.17 -39.47 30.33
C ASP C 868 30.03 -39.90 29.44
N TYR C 869 29.94 -41.19 29.16
CA TYR C 869 28.70 -41.78 28.68
C TYR C 869 27.65 -41.75 29.78
N THR C 870 27.93 -42.45 30.87
CA THR C 870 26.99 -42.57 31.98
C THR C 870 26.39 -41.23 32.38
N ASN C 871 26.99 -40.12 31.97
CA ASN C 871 26.33 -38.85 32.21
C ASN C 871 25.15 -38.64 31.29
N GLN C 872 25.19 -39.17 30.07
CA GLN C 872 24.03 -39.12 29.18
C GLN C 872 23.40 -40.51 29.12
N ILE C 873 22.66 -40.86 30.17
CA ILE C 873 21.92 -42.11 30.25
C ILE C 873 20.51 -41.88 29.74
N GLY C 874 20.03 -42.80 28.91
CA GLY C 874 18.74 -42.65 28.29
C GLY C 874 18.77 -41.96 26.96
N ARG C 875 19.94 -41.79 26.37
CA ARG C 875 20.10 -41.13 25.09
C ARG C 875 20.36 -42.16 24.01
N PHE C 876 19.86 -41.89 22.81
CA PHE C 876 19.95 -42.88 21.75
C PHE C 876 21.39 -43.12 21.38
N PHE C 877 21.77 -44.39 21.28
CA PHE C 877 23.18 -44.72 21.13
C PHE C 877 23.75 -44.14 19.85
N GLY C 878 23.01 -44.25 18.76
CA GLY C 878 23.50 -43.72 17.50
C GLY C 878 23.67 -42.22 17.51
N GLU C 879 23.30 -41.56 18.59
CA GLU C 879 23.56 -40.14 18.73
C GLU C 879 24.86 -39.86 19.46
N ILE C 880 25.44 -40.87 20.10
CA ILE C 880 26.71 -40.72 20.79
C ILE C 880 27.81 -41.54 20.17
N ASP C 881 27.50 -42.62 19.48
CA ASP C 881 28.52 -43.38 18.80
C ASP C 881 27.95 -43.94 17.50
N PRO C 882 27.87 -43.12 16.46
CA PRO C 882 27.02 -43.48 15.32
C PRO C 882 27.59 -44.55 14.42
N SER C 883 28.90 -44.70 14.35
CA SER C 883 29.48 -45.71 13.48
C SER C 883 29.06 -47.10 13.91
N LEU C 884 29.20 -47.40 15.18
CA LEU C 884 28.86 -48.72 15.66
C LEU C 884 27.36 -48.96 15.57
N MET C 885 26.55 -47.93 15.75
CA MET C 885 25.12 -48.09 15.62
C MET C 885 24.73 -48.42 14.19
N ARG C 886 25.26 -47.67 13.23
CA ARG C 886 24.95 -47.94 11.83
C ARG C 886 25.42 -49.33 11.42
N HIS C 887 26.56 -49.78 11.96
CA HIS C 887 26.97 -51.14 11.66
C HIS C 887 26.01 -52.15 12.28
N LEU C 888 25.58 -51.93 13.52
CA LEU C 888 24.63 -52.84 14.15
C LEU C 888 23.35 -52.93 13.34
N VAL C 889 22.91 -51.82 12.77
CA VAL C 889 21.75 -51.89 11.90
C VAL C 889 22.08 -52.68 10.65
N ASN C 890 23.31 -52.55 10.14
CA ASN C 890 23.67 -53.22 8.90
C ASN C 890 23.71 -54.73 9.07
N ILE C 891 24.32 -55.22 10.14
CA ILE C 891 24.37 -56.67 10.36
C ILE C 891 23.06 -57.23 10.87
N SER C 892 22.07 -56.38 11.12
CA SER C 892 20.72 -56.77 11.53
C SER C 892 20.70 -57.43 12.91
N VAL C 893 21.18 -56.70 13.89
CA VAL C 893 20.83 -56.97 15.28
C VAL C 893 19.67 -56.05 15.61
N TYR C 894 19.67 -54.86 15.04
CA TYR C 894 18.57 -53.91 15.13
C TYR C 894 17.94 -53.75 13.77
N ALA C 895 16.62 -53.92 13.69
CA ALA C 895 15.87 -53.40 12.57
C ALA C 895 15.22 -52.09 12.97
N PHE C 896 14.54 -51.47 12.04
CA PHE C 896 13.79 -50.27 12.39
C PHE C 896 12.61 -50.11 11.46
N ASN C 897 11.69 -49.24 11.86
CA ASN C 897 10.52 -48.89 11.07
C ASN C 897 10.30 -47.39 11.17
N LYS C 898 9.96 -46.78 10.05
CA LYS C 898 9.71 -45.36 9.97
C LYS C 898 8.23 -45.11 9.75
N SER C 899 7.74 -43.98 10.26
CA SER C 899 6.34 -43.65 10.15
C SER C 899 6.20 -42.14 10.09
N TYR C 900 4.98 -41.69 9.83
CA TYR C 900 4.65 -40.29 9.78
C TYR C 900 3.61 -39.97 10.83
N ASP C 901 3.82 -38.91 11.58
CA ASP C 901 2.86 -38.38 12.52
C ASP C 901 2.28 -37.13 11.88
N TYR C 902 1.00 -37.17 11.57
CA TYR C 902 0.37 -36.11 10.80
C TYR C 902 -0.20 -35.00 11.65
N GLN C 903 -0.17 -35.17 12.96
CA GLN C 903 -0.68 -34.16 13.88
C GLN C 903 0.38 -33.78 14.91
N SER C 904 1.28 -32.87 14.52
CA SER C 904 2.33 -32.43 15.42
C SER C 904 2.54 -30.93 15.37
N VAL C 905 3.16 -30.38 16.42
CA VAL C 905 3.44 -28.96 16.49
C VAL C 905 4.78 -28.72 15.80
N CYS C 906 4.90 -27.60 15.09
CA CYS C 906 6.12 -27.32 14.35
C CYS C 906 6.69 -25.92 14.58
N GLU C 907 8.02 -25.82 14.56
CA GLU C 907 8.69 -24.54 14.69
C GLU C 907 8.80 -24.06 13.26
N PRO C 908 8.11 -22.95 12.93
CA PRO C 908 8.11 -22.56 11.52
C PRO C 908 9.49 -22.19 11.01
N GLY C 909 9.87 -22.79 9.90
CA GLY C 909 11.14 -22.53 9.27
C GLY C 909 11.20 -21.16 8.63
N ALA C 910 12.34 -20.87 8.03
CA ALA C 910 12.61 -19.54 7.49
C ALA C 910 12.49 -19.58 5.97
N ALA C 911 11.35 -19.14 5.45
CA ALA C 911 11.15 -18.99 4.02
C ALA C 911 9.84 -18.28 3.72
N SER C 972 2.65 -19.21 17.73
CA SER C 972 4.07 -19.49 17.85
C SER C 972 4.42 -20.85 17.28
N LYS C 973 3.40 -21.69 17.11
CA LYS C 973 3.60 -23.07 16.72
C LYS C 973 2.61 -23.42 15.63
N GLN C 974 3.10 -24.06 14.57
CA GLN C 974 2.26 -24.47 13.46
C GLN C 974 2.05 -25.97 13.54
N SER C 975 1.22 -26.49 12.64
CA SER C 975 0.96 -27.92 12.58
C SER C 975 1.68 -28.48 11.38
N CYS C 976 2.51 -29.49 11.60
CA CYS C 976 3.24 -30.11 10.52
C CYS C 976 3.33 -31.59 10.75
N ILE C 977 3.91 -32.25 9.76
CA ILE C 977 4.14 -33.68 9.73
C ILE C 977 5.53 -33.93 10.27
N THR C 978 5.67 -34.93 11.12
CA THR C 978 7.00 -35.32 11.55
C THR C 978 7.24 -36.77 11.18
N GLU C 979 8.49 -37.10 10.91
CA GLU C 979 8.87 -38.48 10.70
C GLU C 979 9.39 -39.07 12.01
N GLN C 980 9.02 -40.31 12.26
CA GLN C 980 9.36 -41.00 13.50
C GLN C 980 10.04 -42.31 13.19
N THR C 981 11.20 -42.53 13.77
CA THR C 981 11.93 -43.78 13.59
C THR C 981 11.84 -44.59 14.87
N GLN C 982 11.87 -45.90 14.74
CA GLN C 982 11.85 -46.76 15.90
C GLN C 982 12.62 -48.03 15.64
N TYR C 983 13.52 -48.38 16.53
CA TYR C 983 14.39 -49.53 16.36
C TYR C 983 13.94 -50.68 17.25
N PHE C 984 14.25 -51.91 16.84
CA PHE C 984 13.85 -53.05 17.65
C PHE C 984 14.68 -54.27 17.27
N PHE C 985 14.49 -55.34 18.03
CA PHE C 985 15.22 -56.60 17.84
C PHE C 985 14.51 -57.45 16.80
N ASP C 986 15.17 -57.69 15.68
CA ASP C 986 14.58 -58.55 14.65
C ASP C 986 15.16 -59.96 14.68
N ASN C 987 16.47 -60.08 14.50
CA ASN C 987 17.10 -61.39 14.51
C ASN C 987 17.17 -61.88 15.94
N ASP C 988 16.50 -62.99 16.22
CA ASP C 988 16.47 -63.54 17.56
C ASP C 988 17.78 -64.15 17.98
N SER C 989 18.84 -63.98 17.19
CA SER C 989 20.14 -64.53 17.54
C SER C 989 20.71 -63.81 18.76
N LYS C 990 21.63 -64.49 19.44
CA LYS C 990 22.10 -64.03 20.74
C LYS C 990 23.45 -63.34 20.70
N SER C 991 24.33 -63.70 19.78
CA SER C 991 25.69 -63.19 19.79
C SER C 991 26.04 -62.66 18.41
N PHE C 992 26.86 -61.62 18.40
CA PHE C 992 27.31 -61.02 17.15
C PHE C 992 28.75 -60.58 17.37
N SER C 993 29.68 -61.28 16.75
CA SER C 993 31.11 -61.03 16.92
C SER C 993 31.67 -60.56 15.60
N GLY C 994 32.28 -59.38 15.59
CA GLY C 994 32.67 -58.86 14.29
C GLY C 994 33.67 -57.74 14.40
N VAL C 995 33.96 -57.14 13.25
CA VAL C 995 34.91 -56.05 13.16
C VAL C 995 34.33 -55.00 12.24
N LEU C 996 34.28 -53.76 12.72
CA LEU C 996 33.77 -52.65 11.91
C LEU C 996 34.96 -51.77 11.53
N ASP C 997 34.96 -51.34 10.27
CA ASP C 997 36.06 -50.59 9.69
C ASP C 997 35.48 -49.32 9.08
N CYS C 998 36.22 -48.21 9.18
CA CYS C 998 35.84 -47.02 8.45
C CYS C 998 36.82 -46.70 7.32
N GLY C 999 37.92 -47.44 7.22
CA GLY C 999 38.92 -47.16 6.22
C GLY C 999 40.24 -46.77 6.84
N ASN C 1000 41.20 -47.67 6.78
CA ASN C 1000 42.51 -47.59 7.45
C ASN C 1000 42.38 -47.79 8.95
N CYS C 1001 41.18 -47.87 9.48
CA CYS C 1001 40.93 -48.14 10.88
C CYS C 1001 40.49 -49.59 11.05
N SER C 1002 40.22 -49.95 12.30
CA SER C 1002 39.58 -51.23 12.62
C SER C 1002 39.18 -51.27 14.08
N ARG C 1003 37.94 -51.63 14.37
CA ARG C 1003 37.44 -51.76 15.73
C ARG C 1003 36.74 -53.10 15.83
N ILE C 1004 37.25 -53.98 16.66
CA ILE C 1004 36.65 -55.29 16.83
C ILE C 1004 35.72 -55.24 18.03
N PHE C 1005 34.55 -55.85 17.88
CA PHE C 1005 33.49 -55.77 18.87
C PHE C 1005 32.83 -57.13 19.05
N HIS C 1006 32.12 -57.25 20.17
CA HIS C 1006 31.29 -58.39 20.45
C HIS C 1006 30.05 -57.91 21.19
N VAL C 1007 28.88 -58.30 20.70
CA VAL C 1007 27.61 -57.96 21.34
C VAL C 1007 26.91 -59.25 21.71
N GLU C 1008 26.28 -59.24 22.88
CA GLU C 1008 25.60 -60.41 23.40
C GLU C 1008 24.31 -59.95 24.07
N LYS C 1009 23.24 -60.69 23.84
CA LYS C 1009 21.94 -60.30 24.34
C LYS C 1009 21.62 -61.05 25.62
N LEU C 1010 21.31 -60.31 26.68
CA LEU C 1010 20.98 -60.96 27.94
C LEU C 1010 19.68 -61.74 27.80
N MET C 1011 19.58 -62.84 28.52
CA MET C 1011 18.44 -63.71 28.38
C MET C 1011 17.42 -63.40 29.48
N ASN C 1012 16.14 -63.40 29.08
CA ASN C 1012 15.00 -63.14 29.95
C ASN C 1012 14.80 -61.66 30.24
N THR C 1013 15.38 -60.78 29.44
CA THR C 1013 15.10 -59.36 29.51
C THR C 1013 15.06 -58.81 28.11
N ASN C 1014 15.13 -57.50 27.97
CA ASN C 1014 15.22 -56.87 26.67
C ASN C 1014 16.50 -56.06 26.55
N LEU C 1015 17.58 -56.56 27.16
CA LEU C 1015 18.84 -55.83 27.24
C LEU C 1015 19.91 -56.48 26.38
N ILE C 1016 20.81 -55.64 25.87
CA ILE C 1016 21.93 -56.04 25.02
C ILE C 1016 23.20 -55.45 25.60
N PHE C 1017 24.31 -56.17 25.44
CA PHE C 1017 25.59 -55.76 26.01
C PHE C 1017 26.66 -55.75 24.93
N ILE C 1018 27.33 -54.62 24.76
CA ILE C 1018 28.29 -54.40 23.70
C ILE C 1018 29.65 -54.12 24.30
N MET C 1019 30.68 -54.81 23.83
CA MET C 1019 32.06 -54.50 24.19
C MET C 1019 32.85 -54.31 22.92
N VAL C 1020 33.40 -53.11 22.73
CA VAL C 1020 33.98 -52.72 21.45
C VAL C 1020 35.29 -51.99 21.68
N GLU C 1021 36.26 -52.17 20.77
CA GLU C 1021 37.45 -51.32 20.80
C GLU C 1021 37.05 -49.86 20.90
N SER C 1022 37.90 -49.07 21.53
CA SER C 1022 37.51 -47.71 21.86
C SER C 1022 37.30 -46.87 20.62
N LYS C 1023 36.93 -45.61 20.85
CA LYS C 1023 36.59 -44.69 19.77
C LYS C 1023 37.62 -43.61 19.57
N GLY C 1024 38.25 -43.14 20.65
CA GLY C 1024 39.29 -42.11 20.51
C GLY C 1024 40.51 -42.57 19.75
N THR C 1025 40.77 -43.88 19.71
CA THR C 1025 41.87 -44.38 18.90
C THR C 1025 41.63 -44.09 17.43
N CYS C 1026 40.44 -44.41 16.94
CA CYS C 1026 40.13 -44.24 15.53
C CYS C 1026 39.36 -42.93 15.34
N PRO C 1027 39.98 -41.86 14.84
CA PRO C 1027 39.27 -40.58 14.67
C PRO C 1027 38.40 -40.57 13.43
N CYS C 1028 37.29 -41.29 13.50
CA CYS C 1028 36.42 -41.50 12.36
C CYS C 1028 34.97 -41.45 12.81
N ASP C 1029 34.31 -40.32 12.55
CA ASP C 1029 32.91 -40.15 12.90
C ASP C 1029 32.17 -39.76 11.64
N THR C 1030 31.04 -40.43 11.39
CA THR C 1030 30.34 -40.26 10.14
C THR C 1030 29.24 -39.20 10.22
N ARG C 1031 28.20 -39.46 11.01
CA ARG C 1031 27.10 -38.52 11.19
C ARG C 1031 26.13 -39.11 12.20
N LEU C 1032 25.50 -38.26 13.01
CA LEU C 1032 24.67 -38.76 14.09
C LEU C 1032 23.45 -39.49 13.53
N LEU C 1033 23.24 -40.70 14.01
CA LEU C 1033 22.08 -41.51 13.65
C LEU C 1033 20.96 -41.11 14.61
N ILE C 1034 20.16 -40.14 14.20
CA ILE C 1034 19.18 -39.55 15.09
C ILE C 1034 17.90 -40.40 15.10
N GLN C 1035 17.38 -40.67 16.29
CA GLN C 1035 16.06 -41.22 16.50
C GLN C 1035 15.28 -40.14 17.21
N ALA C 1036 14.51 -39.37 16.48
CA ALA C 1036 13.70 -38.34 17.08
C ALA C 1036 12.75 -37.85 16.01
N GLU C 1037 11.63 -37.28 16.44
CA GLU C 1037 10.72 -36.71 15.50
C GLU C 1037 11.43 -35.65 14.70
N GLN C 1038 11.59 -35.84 13.40
CA GLN C 1038 12.19 -34.84 12.54
C GLN C 1038 11.10 -34.26 11.65
N THR C 1039 10.94 -32.95 11.69
CA THR C 1039 9.89 -32.35 10.89
C THR C 1039 10.16 -32.58 9.41
N SER C 1040 9.19 -33.16 8.73
CA SER C 1040 9.38 -33.52 7.33
C SER C 1040 8.16 -33.09 6.55
N ASP C 1041 8.07 -33.50 5.29
CA ASP C 1041 6.90 -33.21 4.50
C ASP C 1041 6.34 -34.38 3.72
N GLY C 1042 7.15 -35.39 3.42
CA GLY C 1042 6.69 -36.51 2.65
C GLY C 1042 5.52 -37.20 3.31
N PRO C 1043 4.89 -38.14 2.61
CA PRO C 1043 5.25 -38.65 1.30
C PRO C 1043 4.94 -37.71 0.14
N ASP C 1044 5.35 -38.10 -1.04
CA ASP C 1044 5.18 -37.33 -2.25
C ASP C 1044 3.83 -37.65 -2.86
N PRO C 1045 2.90 -36.70 -2.92
CA PRO C 1045 1.57 -37.04 -3.42
C PRO C 1045 1.55 -37.36 -4.88
N CYS C 1046 2.49 -36.83 -5.67
CA CYS C 1046 2.49 -37.10 -7.11
C CYS C 1046 2.58 -38.57 -7.42
N ASP C 1047 3.01 -39.40 -6.47
CA ASP C 1047 3.12 -40.83 -6.67
C ASP C 1047 2.00 -41.62 -6.03
N MET C 1048 1.36 -41.08 -5.00
CA MET C 1048 0.24 -41.80 -4.41
C MET C 1048 -0.99 -41.73 -5.28
N VAL C 1049 -1.13 -40.70 -6.11
CA VAL C 1049 -2.27 -40.60 -7.00
C VAL C 1049 -2.20 -41.60 -8.11
N LYS C 1050 -1.03 -42.13 -8.41
CA LYS C 1050 -0.92 -43.17 -9.42
C LYS C 1050 -1.33 -44.53 -8.90
N GLN C 1051 -1.26 -44.75 -7.59
CA GLN C 1051 -1.61 -46.03 -6.97
C GLN C 1051 -2.38 -45.76 -5.70
N PRO C 1052 -3.59 -45.22 -5.80
CA PRO C 1052 -4.28 -44.71 -4.62
C PRO C 1052 -4.92 -45.84 -3.83
N ARG C 1053 -5.19 -45.54 -2.57
CA ARG C 1053 -5.81 -46.52 -1.70
C ARG C 1053 -7.26 -46.74 -2.12
N TYR C 1054 -7.73 -47.96 -1.92
CA TYR C 1054 -9.08 -48.31 -2.30
C TYR C 1054 -10.08 -47.48 -1.53
N ARG C 1055 -11.26 -47.28 -2.11
CA ARG C 1055 -12.20 -46.26 -1.67
C ARG C 1055 -13.53 -46.53 -2.34
N LYS C 1056 -14.62 -46.22 -1.66
CA LYS C 1056 -15.95 -46.50 -2.16
C LYS C 1056 -16.84 -45.29 -1.94
N GLY C 1057 -17.29 -44.67 -3.02
CA GLY C 1057 -18.01 -43.43 -2.93
C GLY C 1057 -19.50 -43.62 -2.87
N PRO C 1058 -20.23 -42.54 -2.61
CA PRO C 1058 -21.69 -42.64 -2.51
C PRO C 1058 -22.30 -43.12 -3.82
N ASP C 1059 -23.41 -43.84 -3.70
CA ASP C 1059 -24.10 -44.37 -4.87
C ASP C 1059 -25.35 -43.59 -5.24
N VAL C 1060 -25.86 -42.76 -4.35
CA VAL C 1060 -27.01 -41.92 -4.62
C VAL C 1060 -26.51 -40.53 -4.96
N CYS C 1061 -26.80 -40.08 -6.18
CA CYS C 1061 -26.43 -38.71 -6.50
C CYS C 1061 -27.32 -38.20 -7.61
N PHE C 1062 -27.58 -36.90 -7.57
CA PHE C 1062 -28.60 -36.23 -8.36
C PHE C 1062 -27.94 -35.22 -9.28
N ASP C 1063 -27.87 -35.55 -10.56
CA ASP C 1063 -27.41 -34.62 -11.56
C ASP C 1063 -28.31 -34.74 -12.78
N ASN C 1064 -28.45 -33.66 -13.54
CA ASN C 1064 -29.14 -33.70 -14.81
C ASN C 1064 -30.58 -34.18 -14.66
N ASN C 1065 -31.39 -33.33 -14.04
CA ASN C 1065 -32.82 -33.48 -14.20
C ASN C 1065 -33.28 -32.80 -15.50
N VAL C 1066 -34.50 -33.12 -15.92
CA VAL C 1066 -34.98 -32.63 -17.20
C VAL C 1066 -35.87 -31.40 -17.04
N LEU C 1067 -36.64 -31.34 -15.96
CA LEU C 1067 -37.46 -30.17 -15.67
C LEU C 1067 -36.66 -29.00 -15.15
N GLU C 1068 -35.34 -29.07 -15.22
CA GLU C 1068 -34.51 -27.97 -14.76
C GLU C 1068 -34.73 -26.74 -15.62
N ASP C 1069 -34.49 -25.57 -15.04
CA ASP C 1069 -34.89 -24.34 -15.72
C ASP C 1069 -33.78 -23.76 -16.58
N TYR C 1070 -32.63 -23.48 -15.98
CA TYR C 1070 -31.48 -22.83 -16.60
C TYR C 1070 -31.82 -21.71 -17.58
N THR C 1071 -32.78 -20.87 -17.23
CA THR C 1071 -32.86 -19.54 -17.82
C THR C 1071 -32.20 -18.51 -16.93
N ASP C 1072 -31.53 -18.97 -15.88
CA ASP C 1072 -30.77 -18.14 -14.96
C ASP C 1072 -29.29 -18.32 -15.29
N CYS C 1073 -28.59 -17.23 -15.60
CA CYS C 1073 -27.18 -17.34 -15.92
C CYS C 1073 -26.44 -16.02 -15.80
#